data_8U17
#
_entry.id   8U17
#
_cell.length_a   116.077
_cell.length_b   151.660
_cell.length_c   195.379
_cell.angle_alpha   90.00
_cell.angle_beta   90.00
_cell.angle_gamma   90.00
#
_symmetry.space_group_name_H-M   'P 21 21 21'
#
loop_
_entity.id
_entity.type
_entity.pdbx_description
1 polymer 'Protein cereblon'
2 polymer 'DNA damage-binding protein 1'
3 polymer 'Sal-like protein 4'
4 non-polymer 'ZINC ION'
5 non-polymer S-Pomalidomide
#
loop_
_entity_poly.entity_id
_entity_poly.type
_entity_poly.pdbx_seq_one_letter_code
_entity_poly.pdbx_strand_id
1 'polypeptide(L)'
;RTLHDDDSCQVIPVLPQVMMILIPGQTLPLQLFHPQEVSMVRNLIQKDRTFAVLAYSNVQEREAQFGTTAEIYAYREEQD
FGIEIVKVKAIGRQRFKVLELRTQSDGIQQAKVQILPECVLPSTMSAVQLESLNKCQIFPSKPVSREDQCSYKWWQKYQK
RKFHCANLTSWPRWLYSLYDAETLMDRIKKQLREWDENLKDDSLPSNPIDFSYRVAACLPIDDVLRIQLLKIGSAIQRLR
CELDIMNKCTSLCCKQCQETEITTKNEIFSLSLCGPMAAYVNPHGYVHETLTVYKACNLNLIGRPSTEHSWFPGYAWTVA
QCKICASHIGWKFTATKKDMSPQKFWGLTRSALLPTIPDTEDEISPDKVILCL
;
A,D
2 'polypeptide(L)'
;MSYNYVVTAQKPTAVNGCVTGHFTSAEDLNLLIAKNTRLEIYVVTAEGLRPVKEVGMYGKIAVMELFRPKGESKDLLFIL
TAKYNACILEYKQSGESIDIITRAHGNVQDRIGRPSETGIIGIIDPECRMIGLRLYDGLFKVIPLDRDNKELKAFNIRLE
ELHVIDVKFLYGCQAPTICFVYQDPQGRHVKTYEVSLREKEFNKGPWKQENVEAEASMVIAVPEPFGGAIIIGQESITYH
NGDKYLAIAPPIIKQSTIVCHNRVDPNGSRYLLGDMEGRLFMLLLEKEEQMDGTVTLKDLRVELLGETSIAECLTYLDNG
VVFVGSRLGDSQLVKLNVDSNEQGSYVVAMETFTNLGPIVDMCVVDLERQGQGQLVTCSGAFKEGSLRIIRNGIGGNGNS
GEIQKLHIRTVPLYESPRKICYQEVSQCFGVLSSRIEVQDTSGGTTALRPSASTQALSSSVSSSKLFSSSTAPHETSFGE
EVEVHNLLIIDQHTFEVLHAHQFLQNEYALSLVSCKLGKDPNTYFIVGTAMVYPEEAEPKQGRIVVFQYSDGKLQTVAEK
EVKGAVYSMVEFNGKLLASINSTVRLYEWTTEKELRTECNHYNNIMALYLKTKGDFILVGDLMRSVLLLAYKPMEGNFEE
IARDFNPNWMSAVEILDDDNFLGAENAFNLFVCQKDSAATTDEERQHLQEVGLFHLGEFVNVFCHGSLVMQNLGETSTPT
QGSVLFGTVNGMIGLVTSLSESWYNLLLDMQNRLNKVIKSVGKIEHSFWRSFHTERKTEPATGFIDGDLIESFLDISRPK
MQEVVANLQYDDGSGMKREATADDLIKVVEELTRIH
;
B,E
3 'polypeptide(L)'
;SDVKPKDEAALYKHKCKYCSKVFGTDSSLQIHLRSHTGERPFVCSVCGHRFTTKGNLKVHFHRHPQVKANPQLFAEFQDK
VAAGNG
;
C,F
#
loop_
_chem_comp.id
_chem_comp.type
_chem_comp.name
_chem_comp.formula
Y70 non-polymer S-Pomalidomide 'C13 H11 N3 O4'
ZN non-polymer 'ZINC ION' 'Zn 2'
#
# COMPACT_ATOMS: atom_id res chain seq x y z
N LEU A 3 -14.32 -16.72 38.92
CA LEU A 3 -13.41 -15.75 39.51
C LEU A 3 -13.79 -15.43 40.95
N HIS A 4 -12.91 -14.73 41.66
CA HIS A 4 -13.14 -14.37 43.05
C HIS A 4 -13.16 -12.84 43.19
N ASP A 5 -13.90 -12.38 44.20
CA ASP A 5 -13.96 -10.95 44.48
C ASP A 5 -12.56 -10.41 44.76
N ASP A 6 -12.26 -9.25 44.19
CA ASP A 6 -10.95 -8.64 44.41
C ASP A 6 -10.79 -8.28 45.87
N ASP A 7 -9.61 -8.60 46.42
CA ASP A 7 -9.28 -8.31 47.82
C ASP A 7 -10.21 -9.03 48.80
N SER A 8 -10.67 -10.22 48.44
CA SER A 8 -11.52 -11.03 49.31
C SER A 8 -10.73 -12.18 49.91
N CYS A 9 -11.27 -12.75 50.99
CA CYS A 9 -10.63 -13.85 51.71
C CYS A 9 -11.51 -15.10 51.58
N GLN A 10 -11.03 -16.06 50.81
CA GLN A 10 -11.68 -17.36 50.67
C GLN A 10 -10.69 -18.47 51.01
N VAL A 11 -11.23 -19.67 51.21
CA VAL A 11 -10.44 -20.87 51.47
C VAL A 11 -10.54 -21.77 50.25
N ILE A 12 -9.40 -22.22 49.76
CA ILE A 12 -9.33 -22.97 48.51
C ILE A 12 -8.48 -24.24 48.70
N PRO A 13 -8.95 -25.39 48.21
CA PRO A 13 -8.13 -26.61 48.30
C PRO A 13 -6.85 -26.49 47.48
N VAL A 14 -5.83 -27.22 47.93
CA VAL A 14 -4.52 -27.22 47.29
C VAL A 14 -4.17 -28.65 46.88
N LEU A 15 -3.62 -28.80 45.68
CA LEU A 15 -3.12 -30.09 45.24
C LEU A 15 -1.70 -30.29 45.74
N PRO A 16 -1.41 -31.36 46.49
CA PRO A 16 -0.04 -31.56 46.97
C PRO A 16 0.93 -32.03 45.90
N GLN A 17 0.43 -32.55 44.77
CA GLN A 17 1.32 -33.04 43.73
C GLN A 17 1.98 -31.90 42.95
N VAL A 18 1.31 -30.74 42.87
CA VAL A 18 1.80 -29.65 42.03
C VAL A 18 3.08 -29.08 42.62
N MET A 19 4.04 -28.79 41.74
CA MET A 19 5.31 -28.20 42.15
C MET A 19 5.66 -26.96 41.33
N MET A 20 4.74 -26.45 40.52
CA MET A 20 5.00 -25.35 39.61
C MET A 20 4.58 -24.01 40.23
N ILE A 21 5.18 -22.94 39.71
CA ILE A 21 4.77 -21.58 40.01
C ILE A 21 3.91 -21.10 38.86
N LEU A 22 2.64 -20.87 39.11
CA LEU A 22 1.64 -20.68 38.06
C LEU A 22 1.49 -19.21 37.72
N ILE A 23 1.69 -18.89 36.44
CA ILE A 23 1.40 -17.56 35.90
C ILE A 23 -0.07 -17.52 35.48
N PRO A 24 -0.79 -16.45 35.77
CA PRO A 24 -2.17 -16.32 35.24
C PRO A 24 -2.18 -16.39 33.73
N GLY A 25 -3.19 -17.09 33.19
CA GLY A 25 -3.27 -17.27 31.75
C GLY A 25 -2.28 -18.27 31.19
N GLN A 26 -1.85 -19.23 31.99
CA GLN A 26 -0.93 -20.28 31.57
C GLN A 26 -1.56 -21.63 31.85
N THR A 27 -1.29 -22.59 30.96
CA THR A 27 -1.87 -23.93 31.10
C THR A 27 -1.05 -24.75 32.09
N LEU A 28 -1.75 -25.59 32.87
CA LEU A 28 -1.13 -26.44 33.87
C LEU A 28 -1.50 -27.89 33.57
N PRO A 29 -0.70 -28.59 32.77
CA PRO A 29 -0.96 -30.02 32.54
C PRO A 29 -0.77 -30.82 33.82
N LEU A 30 -1.48 -31.94 33.90
CA LEU A 30 -1.41 -32.80 35.08
C LEU A 30 -1.54 -34.26 34.66
N GLN A 31 -1.25 -35.14 35.61
CA GLN A 31 -1.46 -36.58 35.46
C GLN A 31 -1.57 -37.16 36.86
N LEU A 32 -2.72 -37.76 37.18
CA LEU A 32 -3.02 -38.16 38.55
C LEU A 32 -3.26 -39.66 38.63
N PHE A 33 -2.47 -40.34 39.47
CA PHE A 33 -2.65 -41.76 39.75
C PHE A 33 -3.41 -42.00 41.05
N HIS A 34 -3.00 -41.34 42.13
CA HIS A 34 -3.53 -41.63 43.45
C HIS A 34 -4.99 -41.18 43.57
N PRO A 35 -5.79 -41.88 44.36
CA PRO A 35 -7.23 -41.54 44.45
C PRO A 35 -7.51 -40.27 45.22
N GLN A 36 -6.55 -39.74 45.99
CA GLN A 36 -6.82 -38.52 46.75
C GLN A 36 -6.87 -37.30 45.83
N GLU A 37 -5.95 -37.22 44.87
CA GLU A 37 -5.98 -36.12 43.91
C GLU A 37 -7.18 -36.24 42.99
N VAL A 38 -7.49 -37.45 42.53
CA VAL A 38 -8.60 -37.65 41.59
C VAL A 38 -9.93 -37.29 42.26
N SER A 39 -10.07 -37.57 43.56
CA SER A 39 -11.29 -37.20 44.27
C SER A 39 -11.47 -35.69 44.31
N MET A 40 -10.38 -34.94 44.40
CA MET A 40 -10.47 -33.49 44.48
C MET A 40 -10.97 -32.88 43.16
N VAL A 41 -10.45 -33.38 42.03
CA VAL A 41 -10.89 -32.88 40.73
C VAL A 41 -12.39 -33.06 40.55
N ARG A 42 -12.94 -34.17 41.04
CA ARG A 42 -14.37 -34.43 40.87
C ARG A 42 -15.22 -33.37 41.56
N ASN A 43 -14.95 -33.08 42.84
CA ASN A 43 -15.75 -32.09 43.54
C ASN A 43 -15.58 -30.70 42.95
N LEU A 44 -14.40 -30.40 42.38
CA LEU A 44 -14.17 -29.07 41.81
C LEU A 44 -15.14 -28.78 40.66
N ILE A 45 -15.28 -29.73 39.73
CA ILE A 45 -16.19 -29.52 38.61
C ILE A 45 -17.63 -29.39 39.07
N GLN A 46 -17.94 -29.86 40.28
CA GLN A 46 -19.30 -29.73 40.81
C GLN A 46 -19.54 -28.34 41.39
N LYS A 47 -18.54 -27.77 42.07
CA LYS A 47 -18.74 -26.52 42.79
C LYS A 47 -18.05 -25.39 42.06
N ASP A 48 -16.79 -25.07 42.39
CA ASP A 48 -16.15 -23.85 41.90
C ASP A 48 -15.14 -24.10 40.79
N ARG A 49 -14.69 -25.34 40.58
CA ARG A 49 -13.71 -25.68 39.56
C ARG A 49 -12.39 -24.94 39.78
N THR A 50 -12.09 -24.57 41.02
CA THR A 50 -10.93 -23.76 41.34
C THR A 50 -10.11 -24.42 42.44
N PHE A 51 -8.79 -24.43 42.27
CA PHE A 51 -7.87 -24.91 43.28
C PHE A 51 -6.66 -23.99 43.32
N ALA A 52 -5.82 -24.18 44.33
CA ALA A 52 -4.67 -23.31 44.56
C ALA A 52 -3.39 -24.00 44.11
N VAL A 53 -2.47 -23.21 43.58
CA VAL A 53 -1.15 -23.68 43.15
C VAL A 53 -0.13 -22.84 43.91
N LEU A 54 0.25 -23.30 45.10
CA LEU A 54 1.17 -22.55 45.93
C LEU A 54 2.56 -22.47 45.29
N ALA A 55 3.18 -21.31 45.42
CA ALA A 55 4.52 -21.06 44.93
C ALA A 55 5.52 -21.13 46.07
N TYR A 56 6.65 -21.81 45.83
CA TYR A 56 7.69 -21.95 46.82
C TYR A 56 9.02 -21.39 46.33
N ALA A 64 6.58 -20.38 50.67
CA ALA A 64 5.13 -20.35 50.75
C ALA A 64 4.63 -18.97 51.14
N GLN A 65 4.60 -18.06 50.17
CA GLN A 65 4.17 -16.69 50.39
C GLN A 65 3.04 -16.28 49.45
N PHE A 66 3.19 -16.52 48.15
CA PHE A 66 2.16 -16.19 47.18
C PHE A 66 1.85 -17.37 46.28
N GLY A 67 1.02 -17.16 45.27
CA GLY A 67 0.69 -18.22 44.35
C GLY A 67 -0.32 -17.76 43.32
N THR A 68 -1.06 -18.72 42.77
CA THR A 68 -2.06 -18.43 41.76
C THR A 68 -3.14 -19.50 41.81
N THR A 69 -4.39 -19.07 41.63
CA THR A 69 -5.50 -20.01 41.53
C THR A 69 -5.63 -20.50 40.08
N ALA A 70 -6.17 -21.71 39.94
CA ALA A 70 -6.31 -22.35 38.64
C ALA A 70 -7.71 -22.92 38.48
N GLU A 71 -8.18 -22.93 37.23
CA GLU A 71 -9.51 -23.41 36.89
C GLU A 71 -9.40 -24.62 35.97
N ILE A 72 -10.15 -25.68 36.29
CA ILE A 72 -10.13 -26.90 35.49
C ILE A 72 -10.88 -26.66 34.18
N TYR A 73 -10.17 -26.83 33.06
CA TYR A 73 -10.78 -26.67 31.74
C TYR A 73 -10.66 -27.91 30.86
N ALA A 74 -9.95 -28.94 31.28
CA ALA A 74 -9.88 -30.21 30.56
C ALA A 74 -9.89 -31.34 31.56
N TYR A 75 -10.39 -32.51 31.12
CA TYR A 75 -10.56 -33.64 32.03
C TYR A 75 -10.76 -34.93 31.21
N ARG A 76 -9.71 -35.74 31.12
CA ARG A 76 -9.78 -37.04 30.47
C ARG A 76 -9.68 -38.14 31.52
N GLU A 77 -9.95 -39.36 31.08
CA GLU A 77 -9.96 -40.54 31.96
C GLU A 77 -9.40 -41.72 31.18
N GLU A 78 -8.22 -42.19 31.58
CA GLU A 78 -7.55 -43.30 30.91
C GLU A 78 -7.38 -44.45 31.90
N GLN A 79 -8.47 -45.17 32.16
CA GLN A 79 -8.40 -46.38 32.97
C GLN A 79 -7.65 -47.43 32.16
N ASP A 80 -6.37 -47.64 32.49
CA ASP A 80 -5.52 -48.56 31.75
C ASP A 80 -4.68 -49.37 32.73
N PHE A 81 -4.53 -50.66 32.44
CA PHE A 81 -3.76 -51.57 33.28
C PHE A 81 -4.31 -51.61 34.70
N GLY A 82 -5.64 -51.68 34.82
CA GLY A 82 -6.31 -51.80 36.09
C GLY A 82 -6.14 -50.63 37.04
N ILE A 83 -5.67 -49.49 36.54
CA ILE A 83 -5.51 -48.29 37.34
C ILE A 83 -6.02 -47.10 36.54
N GLU A 84 -6.64 -46.14 37.23
CA GLU A 84 -7.27 -44.99 36.60
C GLU A 84 -6.29 -43.82 36.59
N ILE A 85 -5.80 -43.48 35.41
CA ILE A 85 -4.93 -42.34 35.20
C ILE A 85 -5.77 -41.19 34.65
N VAL A 86 -5.94 -40.15 35.43
CA VAL A 86 -6.75 -38.99 35.06
C VAL A 86 -5.83 -37.90 34.52
N LYS A 87 -6.18 -37.36 33.35
CA LYS A 87 -5.40 -36.34 32.66
C LYS A 87 -6.19 -35.03 32.67
N VAL A 88 -5.71 -34.05 33.44
CA VAL A 88 -6.40 -32.78 33.64
C VAL A 88 -5.50 -31.64 33.20
N LYS A 89 -6.08 -30.66 32.51
CA LYS A 89 -5.41 -29.41 32.19
C LYS A 89 -6.14 -28.27 32.89
N ALA A 90 -5.38 -27.27 33.37
CA ALA A 90 -5.94 -26.13 34.07
C ALA A 90 -5.21 -24.86 33.67
N ILE A 91 -5.87 -23.73 33.88
CA ILE A 91 -5.33 -22.42 33.54
C ILE A 91 -5.41 -21.52 34.77
N GLY A 92 -4.41 -20.65 34.90
CA GLY A 92 -4.28 -19.83 36.11
C GLY A 92 -5.20 -18.62 36.12
N ARG A 93 -5.71 -18.31 37.31
CA ARG A 93 -6.61 -17.18 37.49
C ARG A 93 -5.94 -16.02 38.24
N GLN A 94 -6.30 -15.82 39.50
CA GLN A 94 -5.88 -14.65 40.25
C GLN A 94 -4.72 -14.98 41.17
N ARG A 95 -3.81 -14.01 41.33
CA ARG A 95 -2.75 -14.11 42.31
C ARG A 95 -3.32 -13.95 43.72
N PHE A 96 -2.51 -14.32 44.71
CA PHE A 96 -2.97 -14.21 46.10
C PHE A 96 -1.76 -14.21 47.02
N LYS A 97 -2.04 -14.02 48.31
CA LYS A 97 -1.06 -14.21 49.38
C LYS A 97 -1.70 -15.12 50.41
N VAL A 98 -0.96 -16.12 50.87
CA VAL A 98 -1.51 -17.13 51.76
C VAL A 98 -1.68 -16.56 53.16
N LEU A 99 -2.76 -16.95 53.83
CA LEU A 99 -3.02 -16.57 55.21
C LEU A 99 -2.65 -17.69 56.19
N GLU A 100 -3.13 -18.91 55.94
CA GLU A 100 -2.81 -20.04 56.80
C GLU A 100 -3.18 -21.36 56.12
N LEU A 101 -2.18 -22.19 55.82
CA LEU A 101 -2.40 -23.51 55.27
C LEU A 101 -2.55 -24.52 56.40
N ARG A 102 -3.41 -25.51 56.19
CA ARG A 102 -3.68 -26.52 57.23
C ARG A 102 -4.10 -27.81 56.52
N THR A 103 -3.15 -28.72 56.34
CA THR A 103 -3.50 -30.05 55.82
C THR A 103 -4.42 -30.77 56.79
N GLN A 104 -5.68 -30.94 56.41
CA GLN A 104 -6.68 -31.54 57.29
C GLN A 104 -6.70 -33.06 57.17
N GLN A 109 -5.37 -29.97 51.78
CA GLN A 109 -4.97 -28.83 52.58
C GLN A 109 -5.70 -27.56 52.14
N GLN A 110 -6.90 -27.36 52.70
CA GLN A 110 -7.66 -26.14 52.42
C GLN A 110 -6.94 -24.96 53.08
N ALA A 111 -6.49 -24.01 52.25
CA ALA A 111 -5.64 -22.92 52.69
C ALA A 111 -6.42 -21.61 52.72
N LYS A 112 -6.29 -20.86 53.81
CA LYS A 112 -6.84 -19.53 53.86
C LYS A 112 -6.06 -18.61 52.93
N VAL A 113 -6.76 -17.89 52.07
CA VAL A 113 -6.17 -17.18 50.94
C VAL A 113 -6.74 -15.78 50.87
N GLN A 114 -5.87 -14.78 50.71
CA GLN A 114 -6.27 -13.40 50.50
C GLN A 114 -6.02 -13.05 49.04
N ILE A 115 -7.07 -12.66 48.33
CA ILE A 115 -6.95 -12.38 46.91
C ILE A 115 -6.22 -11.06 46.70
N LEU A 116 -5.25 -11.06 45.78
CA LEU A 116 -4.53 -9.84 45.43
C LEU A 116 -5.19 -9.18 44.24
N PRO A 117 -5.66 -7.94 44.35
CA PRO A 117 -6.29 -7.27 43.20
C PRO A 117 -5.24 -6.73 42.24
N GLU A 118 -5.71 -6.48 41.01
CA GLU A 118 -4.86 -5.90 39.98
C GLU A 118 -4.91 -4.38 40.07
N CYS A 119 -3.75 -3.75 40.03
CA CYS A 119 -3.62 -2.30 40.16
C CYS A 119 -3.54 -1.69 38.76
N VAL A 120 -4.63 -1.08 38.31
CA VAL A 120 -4.70 -0.43 37.02
C VAL A 120 -4.50 1.06 37.21
N LEU A 121 -3.88 1.70 36.22
CA LEU A 121 -3.53 3.11 36.28
C LEU A 121 -3.96 3.80 35.00
N PRO A 122 -4.51 5.00 35.10
CA PRO A 122 -4.81 5.77 33.88
C PRO A 122 -3.52 6.15 33.15
N SER A 123 -3.70 6.68 31.95
CA SER A 123 -2.56 7.12 31.14
C SER A 123 -1.76 8.18 31.89
N THR A 124 -0.47 8.27 31.56
CA THR A 124 0.40 9.23 32.22
C THR A 124 -0.12 10.65 32.08
N MET A 125 -0.82 10.95 31.00
CA MET A 125 -1.31 12.30 30.71
C MET A 125 -2.76 12.50 31.13
N SER A 126 -3.33 11.57 31.90
CA SER A 126 -4.75 11.66 32.25
C SER A 126 -5.06 12.87 33.12
N ALA A 127 -4.06 13.44 33.80
CA ALA A 127 -4.26 14.60 34.65
C ALA A 127 -3.74 15.89 34.04
N VAL A 128 -2.75 15.82 33.15
CA VAL A 128 -2.16 17.00 32.56
C VAL A 128 -2.67 17.25 31.15
N GLN A 129 -3.68 16.51 30.71
CA GLN A 129 -4.25 16.68 29.38
C GLN A 129 -5.09 17.94 29.34
N LEU A 130 -4.82 18.81 28.37
CA LEU A 130 -5.59 20.04 28.23
C LEU A 130 -7.00 19.71 27.74
N GLU A 131 -8.00 20.27 28.42
CA GLU A 131 -9.38 19.99 28.06
C GLU A 131 -9.70 20.37 26.62
N SER A 132 -8.94 21.32 26.06
CA SER A 132 -9.08 21.66 24.66
C SER A 132 -8.53 20.57 23.75
N LEU A 133 -7.48 19.87 24.20
CA LEU A 133 -6.82 18.82 23.43
C LEU A 133 -7.35 17.43 23.77
N ASN A 134 -8.39 17.33 24.61
CA ASN A 134 -8.91 16.02 24.98
C ASN A 134 -9.57 15.33 23.79
N LYS A 135 -10.24 16.10 22.93
CA LYS A 135 -10.92 15.52 21.77
C LYS A 135 -9.94 14.98 20.73
N CYS A 136 -8.68 15.42 20.75
CA CYS A 136 -7.69 14.99 19.79
C CYS A 136 -6.85 13.81 20.30
N GLN A 137 -7.34 13.08 21.30
CA GLN A 137 -6.60 11.98 21.90
C GLN A 137 -6.88 10.63 21.24
N ILE A 138 -7.86 10.55 20.34
CA ILE A 138 -8.19 9.32 19.64
C ILE A 138 -7.50 9.34 18.28
N PHE A 139 -6.85 8.21 17.92
CA PHE A 139 -6.07 8.13 16.71
C PHE A 139 -6.75 7.22 15.68
N PRO A 140 -6.45 7.44 14.40
CA PRO A 140 -6.79 6.42 13.40
C PRO A 140 -5.94 5.17 13.60
N SER A 141 -6.53 4.03 13.29
CA SER A 141 -5.90 2.75 13.59
C SER A 141 -4.52 2.63 12.92
N LYS A 142 -3.70 1.76 13.49
CA LYS A 142 -2.31 1.66 13.05
C LYS A 142 -2.22 1.00 11.67
N PRO A 143 -1.37 1.51 10.78
CA PRO A 143 -1.17 0.85 9.49
C PRO A 143 -0.34 -0.42 9.66
N VAL A 144 -0.82 -1.51 9.07
CA VAL A 144 -0.15 -2.79 9.18
C VAL A 144 0.45 -3.21 7.84
N SER A 151 5.13 0.52 11.26
CA SER A 151 6.12 1.43 10.67
C SER A 151 6.83 2.23 11.74
N TYR A 152 8.08 2.62 11.46
CA TYR A 152 8.85 3.39 12.44
C TYR A 152 8.50 4.86 12.45
N LYS A 153 7.92 5.38 11.36
CA LYS A 153 7.53 6.78 11.33
C LYS A 153 6.23 7.02 12.09
N TRP A 154 5.29 6.09 11.99
CA TRP A 154 3.98 6.25 12.64
C TRP A 154 4.12 6.43 14.14
N TRP A 155 5.00 5.65 14.78
CA TRP A 155 5.05 5.65 16.23
C TRP A 155 5.58 6.95 16.81
N GLN A 156 6.29 7.75 16.01
CA GLN A 156 6.66 9.08 16.45
C GLN A 156 5.43 9.98 16.56
N LYS A 157 4.53 9.91 15.57
CA LYS A 157 3.29 10.66 15.64
C LYS A 157 2.47 10.27 16.87
N TYR A 158 2.46 8.99 17.22
CA TYR A 158 1.78 8.55 18.43
C TYR A 158 2.40 9.22 19.66
N GLN A 159 3.74 9.22 19.74
CA GLN A 159 4.40 9.86 20.86
C GLN A 159 4.12 11.36 20.89
N LYS A 160 4.25 12.03 19.74
CA LYS A 160 4.03 13.47 19.68
C LYS A 160 2.61 13.80 20.10
N ARG A 161 1.62 13.12 19.52
CA ARG A 161 0.23 13.51 19.74
C ARG A 161 -0.22 13.22 21.17
N LYS A 162 0.07 12.03 21.68
CA LYS A 162 -0.44 11.66 22.99
C LYS A 162 0.37 12.28 24.12
N PHE A 163 1.66 12.52 23.90
CA PHE A 163 2.55 13.05 24.94
C PHE A 163 2.89 14.51 24.71
N HIS A 164 2.20 15.19 23.80
CA HIS A 164 2.42 16.62 23.59
C HIS A 164 2.31 17.38 24.91
N CYS A 165 1.34 17.01 25.75
CA CYS A 165 1.10 17.67 27.02
C CYS A 165 2.22 17.42 28.04
N ALA A 166 3.35 16.83 27.66
CA ALA A 166 4.49 16.73 28.57
C ALA A 166 5.22 18.06 28.70
N ASN A 167 5.00 18.99 27.77
CA ASN A 167 5.56 20.33 27.91
C ASN A 167 4.95 21.09 29.07
N LEU A 168 3.78 20.68 29.54
CA LEU A 168 3.18 21.24 30.74
C LEU A 168 3.77 20.66 32.02
N THR A 169 4.71 19.73 31.90
CA THR A 169 5.32 19.06 33.04
C THR A 169 6.83 19.24 33.01
N SER A 170 7.48 18.77 34.06
CA SER A 170 8.94 18.85 34.17
C SER A 170 9.64 17.75 33.40
N TRP A 171 8.91 16.81 32.80
CA TRP A 171 9.51 15.68 32.12
C TRP A 171 9.20 15.70 30.63
N PRO A 172 10.09 15.16 29.79
CA PRO A 172 9.88 15.24 28.33
C PRO A 172 8.93 14.19 27.79
N ARG A 173 8.84 14.11 26.46
CA ARG A 173 7.95 13.14 25.81
C ARG A 173 8.54 11.74 25.83
N TRP A 174 9.78 11.60 25.37
CA TRP A 174 10.41 10.28 25.23
C TRP A 174 10.46 9.54 26.56
N LEU A 175 10.60 10.27 27.68
CA LEU A 175 10.60 9.61 28.98
C LEU A 175 9.23 9.02 29.30
N TYR A 176 8.16 9.78 29.05
CA TYR A 176 6.82 9.29 29.33
C TYR A 176 6.46 8.06 28.50
N SER A 177 7.13 7.86 27.36
CA SER A 177 6.87 6.68 26.54
C SER A 177 7.28 5.40 27.26
N LEU A 178 8.35 5.44 28.05
CA LEU A 178 8.83 4.28 28.78
C LEU A 178 8.03 3.99 30.04
N TYR A 179 6.80 4.53 30.12
CA TYR A 179 5.85 4.13 31.14
C TYR A 179 4.45 4.01 30.57
N ASP A 180 4.31 4.01 29.24
CA ASP A 180 3.03 3.88 28.56
C ASP A 180 2.88 2.45 28.07
N ALA A 181 1.83 1.77 28.54
CA ALA A 181 1.56 0.39 28.18
C ALA A 181 1.71 0.13 26.67
N GLU A 182 0.96 0.86 25.85
CA GLU A 182 0.95 0.60 24.41
C GLU A 182 2.34 0.75 23.80
N THR A 183 3.10 1.75 24.22
CA THR A 183 4.44 1.94 23.67
C THR A 183 5.35 0.78 24.02
N LEU A 184 5.28 0.30 25.26
CA LEU A 184 6.12 -0.83 25.68
C LEU A 184 5.67 -2.13 25.03
N MET A 185 4.36 -2.37 24.98
CA MET A 185 3.84 -3.64 24.49
C MET A 185 4.28 -3.93 23.06
N ASP A 186 4.42 -2.88 22.24
CA ASP A 186 4.85 -3.11 20.86
C ASP A 186 6.31 -3.54 20.79
N ARG A 187 7.18 -2.91 21.60
CA ARG A 187 8.60 -3.27 21.58
C ARG A 187 8.80 -4.71 22.02
N ILE A 188 7.99 -5.21 22.95
CA ILE A 188 8.06 -6.60 23.35
C ILE A 188 7.62 -7.51 22.21
N LYS A 189 6.52 -7.15 21.54
CA LYS A 189 6.06 -7.91 20.39
C LYS A 189 7.11 -7.97 19.29
N LYS A 190 7.87 -6.89 19.12
CA LYS A 190 8.90 -6.83 18.08
C LYS A 190 9.93 -7.94 18.28
N GLN A 191 10.29 -8.21 19.54
CA GLN A 191 11.27 -9.27 19.82
C GLN A 191 10.65 -10.65 19.70
N LEU A 192 9.39 -10.80 20.12
CA LEU A 192 8.71 -12.09 20.01
C LEU A 192 8.48 -12.52 18.57
N ARG A 193 8.63 -11.60 17.60
CA ARG A 193 8.55 -11.98 16.20
C ARG A 193 9.85 -12.61 15.71
N GLU A 194 10.96 -12.36 16.39
CA GLU A 194 12.20 -13.06 16.07
C GLU A 194 12.19 -14.47 16.63
N TRP A 195 11.68 -14.64 17.85
CA TRP A 195 11.59 -15.97 18.44
C TRP A 195 10.54 -16.82 17.74
N ASP A 196 9.38 -16.24 17.43
CA ASP A 196 8.26 -16.97 16.84
C ASP A 196 7.91 -16.32 15.51
N GLU A 197 8.00 -17.09 14.43
CA GLU A 197 7.63 -16.57 13.13
C GLU A 197 6.13 -16.45 12.96
N ASN A 198 5.34 -17.17 13.77
CA ASN A 198 3.89 -17.19 13.68
C ASN A 198 3.22 -16.36 14.78
N LEU A 199 3.85 -15.27 15.23
CA LEU A 199 3.34 -14.50 16.37
C LEU A 199 3.20 -13.04 15.98
N LYS A 200 2.21 -12.75 15.14
CA LYS A 200 1.92 -11.38 14.71
C LYS A 200 0.47 -10.95 14.85
N ASP A 201 -0.48 -11.88 14.87
CA ASP A 201 -1.90 -11.51 14.85
C ASP A 201 -2.50 -11.39 16.24
N ASP A 202 -3.67 -12.03 16.44
CA ASP A 202 -4.42 -11.97 17.68
C ASP A 202 -3.89 -12.90 18.75
N SER A 203 -2.68 -13.43 18.57
CA SER A 203 -2.05 -14.32 19.54
C SER A 203 -1.63 -13.61 20.81
N LEU A 204 -1.71 -12.27 20.86
CA LEU A 204 -1.28 -11.52 22.02
C LEU A 204 -2.42 -10.62 22.47
N PRO A 205 -2.87 -10.72 23.71
CA PRO A 205 -4.04 -9.95 24.16
C PRO A 205 -3.83 -8.45 24.05
N SER A 206 -4.92 -7.74 23.80
CA SER A 206 -4.86 -6.28 23.73
C SER A 206 -4.71 -5.66 25.11
N ASN A 207 -5.36 -6.23 26.11
CA ASN A 207 -5.27 -5.69 27.47
C ASN A 207 -3.86 -5.87 28.00
N PRO A 208 -3.23 -4.82 28.53
CA PRO A 208 -1.85 -4.97 29.02
C PRO A 208 -1.73 -5.88 30.24
N ILE A 209 -2.72 -5.89 31.13
CA ILE A 209 -2.63 -6.74 32.32
C ILE A 209 -2.51 -8.21 31.93
N ASP A 210 -3.21 -8.61 30.86
CA ASP A 210 -3.12 -9.99 30.40
C ASP A 210 -1.88 -10.19 29.52
N PHE A 211 -1.55 -9.19 28.69
CA PHE A 211 -0.36 -9.27 27.86
C PHE A 211 0.89 -9.50 28.71
N SER A 212 0.95 -8.87 29.88
CA SER A 212 2.09 -9.06 30.77
C SER A 212 2.19 -10.51 31.22
N TYR A 213 1.09 -11.07 31.77
CA TYR A 213 1.13 -12.44 32.25
C TYR A 213 1.49 -13.42 31.14
N ARG A 214 1.06 -13.15 29.91
CA ARG A 214 1.32 -14.08 28.82
C ARG A 214 2.82 -14.16 28.50
N VAL A 215 3.55 -13.07 28.68
CA VAL A 215 4.99 -13.11 28.41
C VAL A 215 5.74 -13.70 29.60
N ALA A 216 5.21 -13.55 30.81
CA ALA A 216 5.86 -14.12 31.99
C ALA A 216 5.99 -15.63 31.86
N ALA A 217 4.96 -16.29 31.32
CA ALA A 217 5.06 -17.73 31.08
C ALA A 217 5.98 -18.02 29.90
N CYS A 218 5.89 -17.24 28.84
CA CYS A 218 6.64 -17.41 27.60
C CYS A 218 8.14 -17.05 27.74
N LEU A 219 8.65 -16.74 28.93
CA LEU A 219 10.02 -16.28 29.06
C LEU A 219 10.88 -17.33 29.77
N PRO A 220 12.02 -17.72 29.19
CA PRO A 220 12.89 -18.67 29.87
C PRO A 220 13.65 -18.04 31.03
N ILE A 221 13.04 -18.07 32.22
CA ILE A 221 13.58 -17.43 33.39
C ILE A 221 13.42 -18.36 34.59
N ASP A 222 14.38 -18.30 35.51
CA ASP A 222 14.34 -19.15 36.69
C ASP A 222 13.20 -18.73 37.61
N ASP A 223 13.02 -19.50 38.68
CA ASP A 223 11.83 -19.33 39.52
C ASP A 223 11.84 -17.99 40.27
N VAL A 224 13.00 -17.58 40.78
CA VAL A 224 13.05 -16.35 41.59
C VAL A 224 12.58 -15.15 40.78
N LEU A 225 12.88 -15.13 39.48
CA LEU A 225 12.35 -14.08 38.61
C LEU A 225 10.84 -14.20 38.47
N ARG A 226 10.34 -15.43 38.32
CA ARG A 226 8.91 -15.64 38.13
C ARG A 226 8.10 -15.16 39.34
N ILE A 227 8.65 -15.33 40.54
CA ILE A 227 7.94 -14.86 41.74
C ILE A 227 7.91 -13.35 41.79
N GLN A 228 9.01 -12.69 41.39
CA GLN A 228 9.04 -11.23 41.40
C GLN A 228 8.01 -10.65 40.45
N LEU A 229 7.90 -11.19 39.24
CA LEU A 229 6.93 -10.71 38.28
C LEU A 229 5.49 -10.98 38.73
N LEU A 230 5.30 -11.89 39.68
CA LEU A 230 3.96 -12.11 40.24
C LEU A 230 3.65 -11.08 41.31
N LYS A 231 4.64 -10.70 42.12
CA LYS A 231 4.45 -9.70 43.16
C LYS A 231 4.22 -8.30 42.58
N ILE A 232 4.66 -8.06 41.34
CA ILE A 232 4.48 -6.76 40.71
C ILE A 232 2.99 -6.47 40.58
N GLY A 233 2.57 -5.29 41.02
CA GLY A 233 1.17 -4.92 41.00
C GLY A 233 0.70 -4.33 39.68
N SER A 234 1.44 -3.36 39.15
CA SER A 234 1.02 -2.67 37.93
C SER A 234 1.58 -3.38 36.71
N ALA A 235 0.70 -3.61 35.72
CA ALA A 235 1.14 -4.22 34.47
C ALA A 235 2.19 -3.36 33.77
N ILE A 236 2.13 -2.04 33.92
CA ILE A 236 3.14 -1.17 33.35
C ILE A 236 4.52 -1.51 33.90
N GLN A 237 4.61 -1.65 35.22
CA GLN A 237 5.86 -2.09 35.83
C GLN A 237 6.25 -3.48 35.34
N ARG A 238 5.28 -4.41 35.35
CA ARG A 238 5.55 -5.76 34.87
C ARG A 238 6.07 -5.74 33.44
N LEU A 239 5.44 -4.94 32.58
CA LEU A 239 5.88 -4.86 31.18
C LEU A 239 7.30 -4.34 31.07
N ARG A 240 7.65 -3.34 31.89
CA ARG A 240 9.02 -2.86 31.92
C ARG A 240 9.97 -3.92 32.45
N CYS A 241 9.60 -4.57 33.55
CA CYS A 241 10.43 -5.64 34.10
C CYS A 241 10.62 -6.77 33.09
N GLU A 242 9.55 -7.15 32.39
CA GLU A 242 9.66 -8.16 31.35
C GLU A 242 10.55 -7.70 30.20
N LEU A 243 10.60 -6.39 29.96
CA LEU A 243 11.49 -5.87 28.93
C LEU A 243 12.92 -5.73 29.44
N ASP A 244 13.09 -5.43 30.73
CA ASP A 244 14.42 -5.46 31.33
C ASP A 244 15.08 -6.82 31.13
N ILE A 245 14.32 -7.90 31.34
CA ILE A 245 14.87 -9.25 31.22
C ILE A 245 15.20 -9.56 29.76
N MET A 246 14.30 -9.21 28.84
CA MET A 246 14.47 -9.58 27.44
C MET A 246 15.63 -8.86 26.77
N ASN A 247 16.11 -7.77 27.36
CA ASN A 247 17.17 -6.97 26.76
C ASN A 247 18.54 -7.26 27.34
N LYS A 248 18.62 -7.49 28.66
CA LYS A 248 19.91 -7.71 29.32
C LYS A 248 20.34 -9.16 29.27
N CYS A 249 19.47 -10.08 29.71
CA CYS A 249 19.83 -11.49 29.79
C CYS A 249 19.86 -12.12 28.40
N THR A 250 21.01 -12.00 27.72
CA THR A 250 21.18 -12.64 26.42
C THR A 250 21.63 -14.09 26.58
N SER A 251 22.15 -14.46 27.75
CA SER A 251 22.72 -15.77 27.97
C SER A 251 21.84 -16.58 28.90
N LEU A 252 21.74 -17.89 28.62
CA LEU A 252 21.04 -18.84 29.47
C LEU A 252 22.05 -19.92 29.86
N CYS A 253 22.22 -20.11 31.16
CA CYS A 253 23.22 -21.03 31.67
C CYS A 253 22.55 -22.16 32.45
N CYS A 254 23.37 -23.04 33.00
CA CYS A 254 22.92 -24.12 33.85
C CYS A 254 22.87 -23.63 35.30
N LYS A 255 21.82 -24.00 36.01
CA LYS A 255 21.60 -23.44 37.34
C LYS A 255 22.42 -24.11 38.42
N GLN A 256 22.85 -25.36 38.20
CA GLN A 256 23.59 -26.10 39.21
C GLN A 256 25.08 -25.86 39.15
N CYS A 257 25.58 -25.18 38.11
CA CYS A 257 26.99 -24.79 38.04
C CYS A 257 27.22 -23.35 37.63
N GLN A 258 26.18 -22.61 37.20
CA GLN A 258 26.24 -21.17 36.99
C GLN A 258 27.16 -20.76 35.84
N GLU A 259 28.48 -20.81 36.06
CA GLU A 259 29.41 -20.13 35.16
C GLU A 259 29.59 -20.82 33.82
N THR A 260 28.83 -21.88 33.51
CA THR A 260 28.91 -22.56 32.22
C THR A 260 27.64 -22.21 31.45
N GLU A 261 27.76 -21.32 30.48
CA GLU A 261 26.61 -20.87 29.71
C GLU A 261 26.24 -21.92 28.66
N ILE A 262 24.96 -22.23 28.58
CA ILE A 262 24.48 -23.30 27.69
C ILE A 262 24.14 -22.72 26.34
N THR A 263 23.08 -21.89 26.28
CA THR A 263 22.63 -21.32 25.02
C THR A 263 22.26 -19.86 25.25
N THR A 264 22.07 -19.14 24.16
CA THR A 264 21.82 -17.71 24.17
C THR A 264 20.50 -17.39 23.48
N LYS A 265 20.07 -16.13 23.64
CA LYS A 265 18.79 -15.70 23.10
C LYS A 265 18.75 -15.76 21.57
N ASN A 266 19.89 -15.50 20.92
CA ASN A 266 19.91 -15.38 19.46
C ASN A 266 19.50 -16.67 18.75
N GLU A 267 19.50 -17.80 19.46
CA GLU A 267 19.16 -19.09 18.85
C GLU A 267 17.76 -19.57 19.20
N ILE A 268 17.02 -18.82 20.03
CA ILE A 268 15.69 -19.24 20.44
C ILE A 268 14.79 -19.37 19.22
N PHE A 269 14.18 -20.54 19.06
CA PHE A 269 13.29 -20.82 17.94
C PHE A 269 11.92 -21.25 18.45
N SER A 270 10.92 -21.11 17.59
CA SER A 270 9.56 -21.59 17.84
C SER A 270 9.27 -22.68 16.81
N LEU A 271 9.20 -23.93 17.28
CA LEU A 271 8.99 -25.04 16.34
C LEU A 271 7.61 -24.95 15.68
N SER A 272 6.56 -24.75 16.47
CA SER A 272 5.20 -24.72 15.92
C SER A 272 4.42 -23.63 16.64
N LEU A 273 3.09 -23.72 16.56
CA LEU A 273 2.20 -22.63 16.95
C LEU A 273 2.37 -22.24 18.42
N CYS A 274 2.58 -23.22 19.30
CA CYS A 274 2.50 -22.96 20.73
C CYS A 274 3.69 -22.18 21.28
N GLY A 275 4.35 -21.39 20.43
CA GLY A 275 5.43 -20.54 20.86
C GLY A 275 6.76 -21.25 20.94
N PRO A 276 7.76 -20.57 21.50
CA PRO A 276 9.09 -21.19 21.65
C PRO A 276 9.21 -22.04 22.90
N MET A 277 8.33 -21.79 23.87
CA MET A 277 8.32 -22.51 25.15
C MET A 277 6.90 -22.98 25.41
N ALA A 278 6.71 -24.30 25.44
CA ALA A 278 5.41 -24.90 25.69
C ALA A 278 5.55 -25.99 26.74
N ALA A 279 4.47 -26.20 27.50
CA ALA A 279 4.46 -27.20 28.55
C ALA A 279 4.14 -28.57 27.98
N TYR A 280 4.94 -29.57 28.35
CA TYR A 280 4.74 -30.95 27.94
C TYR A 280 4.80 -31.85 29.16
N VAL A 281 4.37 -33.10 28.99
CA VAL A 281 4.31 -34.07 30.07
C VAL A 281 5.02 -35.34 29.63
N ASN A 282 5.76 -35.96 30.54
CA ASN A 282 6.34 -37.26 30.29
C ASN A 282 5.30 -38.34 30.54
N PRO A 283 5.54 -39.57 30.05
CA PRO A 283 4.56 -40.64 30.27
C PRO A 283 4.24 -40.92 31.73
N HIS A 284 5.09 -40.48 32.67
CA HIS A 284 4.90 -40.79 34.08
C HIS A 284 4.29 -39.65 34.88
N GLY A 285 4.14 -38.47 34.30
CA GLY A 285 3.49 -37.38 35.00
C GLY A 285 4.43 -36.36 35.59
N TYR A 286 5.20 -35.69 34.74
CA TYR A 286 6.13 -34.64 35.17
C TYR A 286 6.15 -33.57 34.09
N VAL A 287 5.80 -32.35 34.46
CA VAL A 287 5.71 -31.25 33.51
C VAL A 287 7.11 -30.77 33.15
N HIS A 288 7.33 -30.51 31.87
CA HIS A 288 8.63 -30.06 31.37
C HIS A 288 8.41 -28.93 30.36
N GLU A 289 8.67 -27.71 30.79
CA GLU A 289 8.60 -26.55 29.90
C GLU A 289 9.92 -26.44 29.15
N THR A 290 9.93 -26.83 27.88
CA THR A 290 11.15 -26.99 27.11
C THR A 290 11.27 -25.85 26.11
N LEU A 291 12.24 -24.98 26.32
CA LEU A 291 12.57 -23.96 25.33
C LEU A 291 13.32 -24.60 24.16
N THR A 292 12.91 -24.26 22.94
CA THR A 292 13.52 -24.79 21.73
C THR A 292 14.49 -23.76 21.17
N VAL A 293 15.69 -24.22 20.82
CA VAL A 293 16.72 -23.36 20.25
C VAL A 293 17.29 -24.05 19.02
N TYR A 294 18.43 -23.54 18.53
CA TYR A 294 19.09 -24.11 17.36
C TYR A 294 20.41 -24.76 17.67
N LYS A 295 21.18 -24.21 18.61
CA LYS A 295 22.47 -24.80 18.98
C LYS A 295 22.82 -24.35 20.39
N ALA A 296 23.65 -25.15 21.05
CA ALA A 296 24.11 -24.84 22.39
C ALA A 296 25.48 -25.47 22.60
N CYS A 297 26.14 -25.08 23.69
CA CYS A 297 27.42 -25.63 24.08
C CYS A 297 27.29 -26.35 25.42
N ASN A 298 28.37 -27.04 25.79
CA ASN A 298 28.43 -27.85 27.00
C ASN A 298 27.30 -28.87 27.07
N ILE A 302 23.35 -38.31 26.14
CA ILE A 302 23.24 -39.57 26.88
C ILE A 302 22.22 -40.49 26.21
N GLY A 303 22.70 -41.40 25.38
CA GLY A 303 21.85 -42.40 24.75
C GLY A 303 21.85 -42.28 23.25
N ARG A 304 20.88 -42.95 22.63
CA ARG A 304 20.69 -42.97 21.19
C ARG A 304 19.30 -42.45 20.84
N PRO A 305 19.11 -41.91 19.62
CA PRO A 305 17.80 -41.39 19.21
C PRO A 305 16.65 -42.34 19.48
N SER A 306 15.78 -41.97 20.42
CA SER A 306 14.55 -42.71 20.71
C SER A 306 13.35 -41.87 20.29
N THR A 307 12.27 -42.55 19.92
CA THR A 307 11.09 -41.88 19.37
C THR A 307 9.81 -42.07 20.18
N GLU A 308 9.81 -42.94 21.19
CA GLU A 308 8.61 -43.22 21.95
C GLU A 308 8.16 -41.97 22.71
N HIS A 309 6.88 -41.63 22.57
CA HIS A 309 6.29 -40.46 23.23
C HIS A 309 7.01 -39.17 22.83
N SER A 310 7.44 -39.10 21.57
CA SER A 310 8.11 -37.91 21.06
C SER A 310 7.16 -36.71 21.12
N TRP A 311 7.54 -35.71 21.91
CA TRP A 311 6.72 -34.50 22.02
C TRP A 311 6.57 -33.81 20.67
N PHE A 312 7.61 -33.86 19.84
CA PHE A 312 7.57 -33.27 18.51
C PHE A 312 7.49 -34.39 17.47
N PRO A 313 6.36 -34.55 16.78
CA PRO A 313 6.27 -35.64 15.80
C PRO A 313 7.24 -35.41 14.66
N GLY A 314 7.94 -36.47 14.27
CA GLY A 314 9.00 -36.36 13.30
C GLY A 314 10.34 -36.01 13.89
N TYR A 315 10.56 -36.31 15.16
CA TYR A 315 11.82 -36.03 15.84
C TYR A 315 12.08 -37.12 16.86
N ALA A 316 13.36 -37.44 17.07
CA ALA A 316 13.77 -38.50 17.98
C ALA A 316 14.60 -37.86 19.10
N TRP A 317 14.16 -38.07 20.34
CA TRP A 317 14.76 -37.40 21.49
C TRP A 317 15.97 -38.15 22.02
N THR A 318 16.92 -37.39 22.56
CA THR A 318 18.13 -37.91 23.16
C THR A 318 18.50 -37.05 24.35
N VAL A 319 18.76 -37.69 25.49
CA VAL A 319 19.01 -36.96 26.73
C VAL A 319 20.31 -36.18 26.61
N ALA A 320 20.40 -35.09 27.39
CA ALA A 320 21.58 -34.24 27.38
C ALA A 320 21.83 -33.72 28.79
N GLN A 321 23.11 -33.56 29.13
CA GLN A 321 23.50 -33.09 30.45
C GLN A 321 24.64 -32.09 30.31
N CYS A 322 24.96 -31.46 31.43
CA CYS A 322 26.01 -30.44 31.47
C CYS A 322 27.38 -31.10 31.68
N LYS A 323 28.43 -30.38 31.31
CA LYS A 323 29.79 -30.92 31.34
C LYS A 323 30.63 -30.38 32.50
N ILE A 324 29.99 -29.92 33.58
CA ILE A 324 30.72 -29.45 34.74
C ILE A 324 30.09 -30.06 35.98
N CYS A 325 28.76 -30.04 36.05
CA CYS A 325 28.01 -30.58 37.17
C CYS A 325 27.20 -31.83 36.80
N ALA A 326 27.11 -32.16 35.52
CA ALA A 326 26.43 -33.37 35.04
C ALA A 326 24.95 -33.37 35.42
N SER A 327 24.37 -32.18 35.60
CA SER A 327 22.94 -32.08 35.83
C SER A 327 22.18 -32.12 34.50
N HIS A 328 20.91 -32.47 34.60
CA HIS A 328 20.06 -32.57 33.41
C HIS A 328 19.82 -31.20 32.82
N ILE A 329 19.99 -31.07 31.50
CA ILE A 329 19.79 -29.82 30.80
C ILE A 329 18.58 -29.89 29.87
N GLY A 330 18.38 -31.01 29.19
CA GLY A 330 17.25 -31.15 28.30
C GLY A 330 17.37 -32.31 27.34
N TRP A 331 16.89 -32.12 26.11
CA TRP A 331 16.87 -33.17 25.10
C TRP A 331 17.22 -32.58 23.74
N LYS A 332 17.80 -33.43 22.89
CA LYS A 332 18.09 -33.08 21.50
C LYS A 332 17.24 -33.97 20.60
N PHE A 333 16.50 -33.35 19.68
CA PHE A 333 15.61 -34.08 18.79
C PHE A 333 16.21 -34.12 17.39
N THR A 334 16.39 -35.32 16.84
CA THR A 334 16.96 -35.52 15.51
C THR A 334 16.26 -36.68 14.82
N ALA A 335 15.74 -36.45 13.62
CA ALA A 335 14.99 -37.45 12.86
C ALA A 335 15.33 -37.30 11.39
N THR A 336 14.82 -38.22 10.58
CA THR A 336 15.18 -38.23 9.16
C THR A 336 14.07 -37.68 8.28
N LYS A 337 13.06 -38.51 8.00
CA LYS A 337 11.96 -38.17 7.10
C LYS A 337 12.55 -37.74 5.76
N LYS A 338 12.44 -36.45 5.41
CA LYS A 338 13.03 -35.91 4.18
C LYS A 338 13.80 -34.64 4.53
N ASP A 339 13.57 -33.56 3.79
CA ASP A 339 14.15 -32.27 4.13
C ASP A 339 13.21 -31.52 5.07
N MET A 340 12.91 -32.17 6.19
CA MET A 340 12.00 -31.63 7.18
C MET A 340 12.68 -30.52 7.98
N SER A 341 12.00 -29.38 8.09
CA SER A 341 12.59 -28.26 8.81
C SER A 341 12.04 -28.20 10.22
N PRO A 342 12.91 -28.12 11.24
CA PRO A 342 14.36 -28.31 11.17
C PRO A 342 14.76 -29.71 11.56
N GLN A 343 16.07 -29.99 11.63
CA GLN A 343 16.58 -31.28 12.06
C GLN A 343 17.42 -31.16 13.33
N LYS A 344 18.51 -30.40 13.28
CA LYS A 344 19.38 -30.19 14.43
C LYS A 344 18.80 -29.07 15.30
N PHE A 345 18.02 -29.44 16.31
CA PHE A 345 17.44 -28.48 17.23
C PHE A 345 17.30 -29.13 18.60
N TRP A 346 17.41 -28.33 19.65
CA TRP A 346 17.45 -28.81 21.02
C TRP A 346 16.17 -28.45 21.75
N GLY A 347 16.07 -28.92 22.99
CA GLY A 347 14.94 -28.63 23.85
C GLY A 347 15.33 -28.68 25.31
N LEU A 348 15.54 -27.53 25.93
CA LEU A 348 16.06 -27.44 27.29
C LEU A 348 14.92 -27.13 28.25
N THR A 349 14.87 -27.87 29.35
CA THR A 349 13.82 -27.65 30.35
C THR A 349 14.05 -26.36 31.12
N ARG A 350 12.95 -25.64 31.38
CA ARG A 350 13.05 -24.36 32.07
C ARG A 350 13.61 -24.51 33.48
N SER A 351 13.18 -25.56 34.19
CA SER A 351 13.54 -25.70 35.60
C SER A 351 15.04 -25.80 35.83
N ALA A 352 15.80 -26.24 34.83
CA ALA A 352 17.23 -26.41 34.94
C ALA A 352 18.02 -25.37 34.16
N LEU A 353 17.45 -24.18 33.98
CA LEU A 353 18.09 -23.11 33.23
C LEU A 353 18.19 -21.86 34.10
N LEU A 354 19.31 -21.15 33.99
CA LEU A 354 19.53 -19.90 34.71
C LEU A 354 19.91 -18.81 33.71
N PRO A 355 19.12 -17.75 33.57
CA PRO A 355 19.52 -16.65 32.68
C PRO A 355 20.51 -15.72 33.35
N THR A 356 21.53 -15.32 32.58
CA THR A 356 22.59 -14.46 33.05
C THR A 356 22.84 -13.34 32.06
N ILE A 357 23.51 -12.29 32.52
CA ILE A 357 23.83 -11.13 31.69
C ILE A 357 25.28 -11.27 31.22
N PRO A 358 25.51 -11.51 29.91
CA PRO A 358 26.86 -11.65 29.34
C PRO A 358 27.76 -10.44 29.62
N SER B 2 4.65 12.84 60.92
CA SER B 2 4.27 14.17 61.37
C SER B 2 2.94 14.61 60.76
N TYR B 3 2.53 15.84 61.07
CA TYR B 3 1.31 16.42 60.55
C TYR B 3 1.65 17.80 59.97
N ASN B 4 1.14 18.08 58.79
CA ASN B 4 1.56 19.26 58.03
C ASN B 4 0.40 20.21 57.81
N TYR B 5 0.69 21.29 57.08
CA TYR B 5 -0.24 22.40 56.89
C TYR B 5 0.05 23.03 55.53
N VAL B 6 -0.93 23.00 54.63
CA VAL B 6 -0.79 23.55 53.29
C VAL B 6 -1.72 24.75 53.15
N VAL B 7 -1.21 25.80 52.52
CA VAL B 7 -1.98 27.03 52.29
C VAL B 7 -1.58 27.61 50.94
N THR B 8 -2.55 28.18 50.24
CA THR B 8 -2.32 28.72 48.90
C THR B 8 -1.71 30.11 48.99
N ALA B 9 -0.49 30.27 48.46
CA ALA B 9 0.14 31.58 48.43
C ALA B 9 -0.35 32.41 47.25
N GLN B 10 -0.55 31.78 46.09
CA GLN B 10 -1.00 32.48 44.89
C GLN B 10 -2.10 31.67 44.24
N LYS B 11 -3.25 32.29 44.04
CA LYS B 11 -4.37 31.63 43.39
C LYS B 11 -3.99 31.19 41.97
N PRO B 12 -4.66 30.18 41.42
CA PRO B 12 -4.33 29.72 40.07
C PRO B 12 -4.61 30.80 39.03
N THR B 13 -3.75 30.86 38.01
CA THR B 13 -3.80 31.91 37.01
C THR B 13 -4.30 31.44 35.64
N ALA B 14 -4.22 30.15 35.35
CA ALA B 14 -4.58 29.66 34.03
C ALA B 14 -6.09 29.50 33.88
N VAL B 15 -6.60 29.85 32.71
CA VAL B 15 -8.02 29.82 32.42
C VAL B 15 -8.33 28.56 31.63
N ASN B 16 -9.30 27.77 32.11
CA ASN B 16 -9.73 26.57 31.43
C ASN B 16 -11.18 26.63 30.97
N GLY B 17 -11.85 27.77 31.15
CA GLY B 17 -13.24 27.92 30.73
C GLY B 17 -13.71 29.35 30.72
N CYS B 18 -14.56 29.69 29.74
CA CYS B 18 -15.05 31.05 29.58
C CYS B 18 -16.31 31.04 28.75
N VAL B 19 -17.37 31.65 29.27
CA VAL B 19 -18.68 31.68 28.62
C VAL B 19 -19.34 33.03 28.87
N THR B 20 -20.06 33.53 27.88
CA THR B 20 -20.88 34.73 28.04
C THR B 20 -22.28 34.32 28.51
N GLY B 21 -23.14 35.31 28.66
CA GLY B 21 -24.51 35.08 29.10
C GLY B 21 -25.00 36.24 29.94
N HIS B 22 -26.18 36.04 30.51
CA HIS B 22 -26.85 37.07 31.31
C HIS B 22 -27.13 36.49 32.70
N PHE B 23 -26.06 36.35 33.49
CA PHE B 23 -26.14 35.68 34.79
C PHE B 23 -26.58 36.61 35.91
N THR B 24 -25.92 37.76 36.05
CA THR B 24 -26.21 38.64 37.18
C THR B 24 -27.55 39.35 37.00
N SER B 25 -27.64 40.21 35.98
CA SER B 25 -28.87 40.92 35.65
C SER B 25 -29.29 40.56 34.24
N ALA B 26 -30.61 40.40 34.05
CA ALA B 26 -31.14 39.98 32.76
C ALA B 26 -30.70 40.87 31.61
N GLU B 27 -30.34 42.12 31.89
CA GLU B 27 -29.87 43.04 30.87
C GLU B 27 -28.34 43.15 30.80
N ASP B 28 -27.64 42.83 31.88
CA ASP B 28 -26.19 42.89 31.87
C ASP B 28 -25.60 41.78 31.02
N LEU B 29 -24.43 42.04 30.45
CA LEU B 29 -23.68 41.05 29.69
C LEU B 29 -22.52 40.57 30.57
N ASN B 30 -22.63 39.32 31.04
CA ASN B 30 -21.66 38.75 31.96
C ASN B 30 -20.64 37.90 31.21
N LEU B 31 -19.42 37.89 31.71
CA LEU B 31 -18.35 37.01 31.23
C LEU B 31 -17.87 36.18 32.42
N LEU B 32 -18.29 34.93 32.48
CA LEU B 32 -17.87 34.03 33.54
C LEU B 32 -16.59 33.30 33.11
N ILE B 33 -15.64 33.21 34.03
CA ILE B 33 -14.31 32.68 33.76
C ILE B 33 -13.96 31.66 34.82
N ALA B 34 -13.42 30.52 34.39
CA ALA B 34 -13.02 29.44 35.27
C ALA B 34 -11.50 29.33 35.28
N LYS B 35 -10.89 29.57 36.44
CA LYS B 35 -9.46 29.39 36.65
C LYS B 35 -9.29 28.17 37.56
N ASN B 36 -9.36 26.98 36.95
CA ASN B 36 -9.33 25.71 37.66
C ASN B 36 -10.44 25.65 38.70
N THR B 37 -10.11 25.93 39.96
CA THR B 37 -11.09 25.91 41.04
C THR B 37 -11.69 27.28 41.32
N ARG B 38 -11.25 28.32 40.62
CA ARG B 38 -11.73 29.68 40.83
C ARG B 38 -12.72 30.05 39.74
N LEU B 39 -13.79 30.75 40.15
CA LEU B 39 -14.81 31.23 39.23
C LEU B 39 -14.85 32.75 39.30
N GLU B 40 -14.51 33.41 38.20
CA GLU B 40 -14.47 34.86 38.12
C GLU B 40 -15.66 35.35 37.31
N ILE B 41 -16.46 36.24 37.91
CA ILE B 41 -17.63 36.83 37.26
C ILE B 41 -17.32 38.28 36.92
N TYR B 42 -17.71 38.71 35.72
CA TYR B 42 -17.48 40.07 35.26
C TYR B 42 -18.75 40.62 34.64
N VAL B 43 -18.70 41.91 34.31
CA VAL B 43 -19.72 42.60 33.52
C VAL B 43 -19.01 43.33 32.40
N VAL B 44 -19.48 43.15 31.17
CA VAL B 44 -18.84 43.71 29.99
C VAL B 44 -19.34 45.14 29.80
N THR B 45 -18.46 46.10 29.99
CA THR B 45 -18.75 47.51 29.75
C THR B 45 -18.25 47.91 28.37
N ALA B 46 -18.44 49.19 28.03
CA ALA B 46 -17.94 49.69 26.75
C ALA B 46 -16.42 49.64 26.69
N GLU B 47 -15.74 49.79 27.82
CA GLU B 47 -14.29 49.75 27.84
C GLU B 47 -13.77 48.32 27.90
N GLY B 48 -14.09 47.59 28.96
CA GLY B 48 -13.61 46.24 29.12
C GLY B 48 -14.38 45.41 30.13
N LEU B 49 -13.67 44.84 31.10
CA LEU B 49 -14.26 43.95 32.09
C LEU B 49 -14.27 44.61 33.46
N ARG B 50 -15.42 44.55 34.14
CA ARG B 50 -15.59 45.11 35.47
C ARG B 50 -15.78 43.98 36.48
N PRO B 51 -14.82 43.76 37.38
CA PRO B 51 -14.93 42.63 38.31
C PRO B 51 -16.16 42.73 39.20
N VAL B 52 -16.85 41.60 39.37
CA VAL B 52 -18.08 41.53 40.15
C VAL B 52 -17.94 40.60 41.35
N LYS B 53 -17.39 39.40 41.13
CA LYS B 53 -17.31 38.42 42.20
C LYS B 53 -16.28 37.35 41.83
N GLU B 54 -15.77 36.68 42.86
CA GLU B 54 -14.86 35.55 42.69
C GLU B 54 -15.11 34.57 43.82
N VAL B 55 -15.40 33.32 43.47
CA VAL B 55 -15.74 32.30 44.46
C VAL B 55 -14.87 31.07 44.22
N GLY B 56 -14.67 30.30 45.29
CA GLY B 56 -13.88 29.08 45.22
C GLY B 56 -14.68 27.83 45.50
N MET B 57 -14.75 26.93 44.53
CA MET B 57 -15.50 25.69 44.67
C MET B 57 -14.59 24.57 45.19
N TYR B 58 -15.19 23.67 45.96
CA TYR B 58 -14.51 22.44 46.39
C TYR B 58 -14.53 21.42 45.26
N GLY B 59 -13.71 21.69 44.24
CA GLY B 59 -13.67 20.84 43.07
C GLY B 59 -13.17 21.55 41.82
N LYS B 60 -12.29 20.89 41.07
CA LYS B 60 -11.79 21.46 39.83
C LYS B 60 -12.91 21.53 38.80
N ILE B 61 -13.23 22.74 38.35
CA ILE B 61 -14.32 22.92 37.40
C ILE B 61 -13.93 22.33 36.06
N ALA B 62 -14.82 21.52 35.49
CA ALA B 62 -14.59 20.86 34.21
C ALA B 62 -15.60 21.25 33.14
N VAL B 63 -16.88 21.34 33.50
CA VAL B 63 -17.94 21.73 32.57
C VAL B 63 -18.70 22.90 33.18
N MET B 64 -18.81 23.99 32.42
CA MET B 64 -19.46 25.21 32.88
C MET B 64 -20.30 25.78 31.75
N GLU B 65 -21.61 25.84 31.93
CA GLU B 65 -22.52 26.30 30.89
C GLU B 65 -23.66 27.09 31.52
N LEU B 66 -24.04 28.18 30.87
CA LEU B 66 -25.16 29.00 31.27
C LEU B 66 -26.40 28.68 30.43
N PHE B 67 -27.57 28.77 31.06
CA PHE B 67 -28.80 28.39 30.41
C PHE B 67 -29.96 29.13 31.07
N ARG B 68 -30.95 29.50 30.28
CA ARG B 68 -32.11 30.27 30.76
C ARG B 68 -33.39 29.47 30.55
N PRO B 69 -33.90 28.79 31.57
CA PRO B 69 -35.20 28.12 31.43
C PRO B 69 -36.33 29.13 31.34
N LYS B 70 -37.44 28.69 30.74
CA LYS B 70 -38.59 29.56 30.59
C LYS B 70 -39.13 29.98 31.95
N GLY B 71 -39.58 31.23 32.05
CA GLY B 71 -40.07 31.77 33.30
C GLY B 71 -39.02 31.82 34.39
N GLU B 72 -37.88 32.44 34.07
CA GLU B 72 -36.77 32.58 35.02
C GLU B 72 -36.25 34.00 34.97
N SER B 73 -35.93 34.54 36.15
CA SER B 73 -35.42 35.91 36.25
C SER B 73 -34.29 36.17 35.25
N LYS B 74 -33.28 35.30 35.24
CA LYS B 74 -32.13 35.47 34.36
C LYS B 74 -31.53 34.10 34.07
N ASP B 75 -30.34 34.09 33.48
CA ASP B 75 -29.66 32.85 33.16
C ASP B 75 -29.16 32.17 34.42
N LEU B 76 -29.19 30.84 34.42
CA LEU B 76 -28.66 30.04 35.52
C LEU B 76 -27.37 29.38 35.08
N LEU B 77 -26.58 28.94 36.07
CA LEU B 77 -25.26 28.40 35.84
C LEU B 77 -25.20 26.94 36.28
N PHE B 78 -24.57 26.10 35.46
CA PHE B 78 -24.34 24.70 35.75
C PHE B 78 -22.85 24.43 35.74
N ILE B 79 -22.36 23.73 36.75
CA ILE B 79 -20.94 23.44 36.90
C ILE B 79 -20.79 21.98 37.30
N LEU B 80 -19.93 21.26 36.58
CA LEU B 80 -19.59 19.88 36.89
C LEU B 80 -18.08 19.76 37.11
N THR B 81 -17.71 19.17 38.24
CA THR B 81 -16.31 19.07 38.62
C THR B 81 -15.73 17.73 38.15
N ALA B 82 -14.42 17.55 38.37
CA ALA B 82 -13.80 16.27 38.06
C ALA B 82 -14.20 15.20 39.06
N LYS B 83 -14.66 15.59 40.25
CA LYS B 83 -15.22 14.67 41.22
C LYS B 83 -16.70 14.40 40.97
N TYR B 84 -17.23 14.85 39.83
CA TYR B 84 -18.62 14.60 39.44
C TYR B 84 -19.61 15.26 40.38
N ASN B 85 -19.34 16.52 40.74
CA ASN B 85 -20.26 17.33 41.54
C ASN B 85 -21.05 18.23 40.60
N ALA B 86 -22.37 18.08 40.60
CA ALA B 86 -23.26 18.87 39.77
C ALA B 86 -24.03 19.87 40.62
N CYS B 87 -24.27 21.05 40.06
CA CYS B 87 -24.95 22.10 40.80
C CYS B 87 -25.56 23.10 39.84
N ILE B 88 -26.69 23.68 40.25
CA ILE B 88 -27.34 24.77 39.54
C ILE B 88 -27.24 26.01 40.42
N LEU B 89 -26.76 27.11 39.83
CA LEU B 89 -26.40 28.30 40.59
C LEU B 89 -27.24 29.49 40.15
N GLU B 90 -27.69 30.26 41.14
CA GLU B 90 -28.44 31.49 40.93
C GLU B 90 -27.72 32.67 41.58
N TYR B 91 -27.94 33.86 41.04
CA TYR B 91 -27.37 35.09 41.59
C TYR B 91 -28.40 35.75 42.50
N LYS B 92 -27.93 36.30 43.62
CA LYS B 92 -28.80 36.92 44.61
C LYS B 92 -28.08 38.12 45.21
N GLN B 93 -28.61 39.32 44.99
CA GLN B 93 -28.01 40.55 45.47
C GLN B 93 -28.99 41.30 46.36
N SER B 94 -28.88 41.09 47.68
CA SER B 94 -29.72 41.80 48.65
C SER B 94 -29.11 43.16 48.92
N GLY B 95 -29.40 44.11 48.01
CA GLY B 95 -28.86 45.44 48.11
C GLY B 95 -27.39 45.53 47.72
N GLU B 96 -26.51 45.22 48.67
CA GLU B 96 -25.07 45.23 48.43
C GLU B 96 -24.38 43.91 48.73
N SER B 97 -25.06 42.99 49.39
CA SER B 97 -24.50 41.68 49.72
C SER B 97 -24.72 40.74 48.53
N ILE B 98 -23.64 40.42 47.83
CA ILE B 98 -23.72 39.56 46.65
C ILE B 98 -23.60 38.11 47.11
N ASP B 99 -24.58 37.29 46.72
CA ASP B 99 -24.62 35.89 47.11
C ASP B 99 -24.82 35.02 45.87
N ILE B 100 -24.23 33.83 45.93
CA ILE B 100 -24.35 32.84 44.85
C ILE B 100 -24.99 31.61 45.48
N ILE B 101 -26.33 31.59 45.52
CA ILE B 101 -27.04 30.47 46.11
C ILE B 101 -27.04 29.28 45.15
N THR B 102 -27.35 28.10 45.69
CA THR B 102 -27.41 26.87 44.92
C THR B 102 -28.87 26.42 44.83
N ARG B 103 -29.41 26.36 43.61
CA ARG B 103 -30.79 25.95 43.43
C ARG B 103 -30.94 24.43 43.48
N ALA B 104 -29.92 23.70 43.05
CA ALA B 104 -29.94 22.25 43.09
C ALA B 104 -28.50 21.75 43.07
N HIS B 105 -28.27 20.62 43.74
CA HIS B 105 -26.94 20.05 43.84
C HIS B 105 -27.05 18.53 43.95
N GLY B 106 -26.09 17.84 43.33
CA GLY B 106 -26.08 16.39 43.38
C GLY B 106 -24.79 15.84 42.84
N ASN B 107 -24.49 14.60 43.23
CA ASN B 107 -23.31 13.88 42.78
C ASN B 107 -23.75 12.78 41.82
N VAL B 108 -23.04 12.66 40.69
CA VAL B 108 -23.45 11.77 39.62
C VAL B 108 -22.38 10.72 39.33
N GLN B 109 -21.53 10.40 40.30
CA GLN B 109 -20.53 9.36 40.11
C GLN B 109 -21.17 7.98 40.18
N ASP B 110 -20.96 7.18 39.15
CA ASP B 110 -21.41 5.80 39.13
C ASP B 110 -20.30 4.87 39.63
N ARG B 111 -20.71 3.83 40.36
CA ARG B 111 -19.74 2.87 40.87
C ARG B 111 -18.92 2.26 39.74
N ILE B 112 -19.59 1.86 38.66
CA ILE B 112 -18.91 1.31 37.50
C ILE B 112 -18.74 2.43 36.47
N GLY B 113 -18.01 2.13 35.39
CA GLY B 113 -17.80 3.08 34.33
C GLY B 113 -16.34 3.30 33.99
N ARG B 114 -16.05 3.48 32.71
CA ARG B 114 -14.69 3.74 32.24
C ARG B 114 -14.60 5.16 31.70
N PRO B 115 -13.86 6.06 32.36
CA PRO B 115 -13.68 7.41 31.83
C PRO B 115 -13.32 7.41 30.35
N SER B 116 -14.02 8.23 29.57
CA SER B 116 -13.89 8.22 28.13
C SER B 116 -12.54 8.79 27.70
N GLU B 117 -12.19 8.52 26.43
CA GLU B 117 -10.89 8.93 25.91
C GLU B 117 -10.78 10.43 25.73
N THR B 118 -11.88 11.10 25.38
CA THR B 118 -11.89 12.54 25.16
C THR B 118 -12.43 13.31 26.36
N GLY B 119 -12.42 12.71 27.55
CA GLY B 119 -12.76 13.41 28.77
C GLY B 119 -14.25 13.68 28.93
N ILE B 120 -14.55 14.43 29.99
CA ILE B 120 -15.93 14.75 30.32
C ILE B 120 -16.48 15.78 29.35
N ILE B 121 -17.71 15.55 28.90
CA ILE B 121 -18.41 16.50 28.03
C ILE B 121 -19.78 16.79 28.64
N GLY B 122 -20.09 18.07 28.80
CA GLY B 122 -21.38 18.47 29.33
C GLY B 122 -22.11 19.42 28.39
N ILE B 123 -23.33 19.05 28.00
CA ILE B 123 -24.12 19.84 27.06
C ILE B 123 -25.54 19.97 27.59
N ILE B 124 -26.19 21.08 27.24
CA ILE B 124 -27.52 21.41 27.74
C ILE B 124 -28.44 21.61 26.54
N ASP B 125 -29.69 21.16 26.69
CA ASP B 125 -30.66 21.23 25.60
C ASP B 125 -30.93 22.69 25.23
N PRO B 126 -31.12 23.00 23.94
CA PRO B 126 -31.49 24.38 23.56
C PRO B 126 -32.66 24.95 24.33
N GLU B 127 -33.75 24.20 24.46
CA GLU B 127 -34.94 24.64 25.17
C GLU B 127 -34.87 24.37 26.66
N CYS B 128 -33.67 24.09 27.19
CA CYS B 128 -33.45 23.85 28.62
C CYS B 128 -34.37 22.76 29.15
N ARG B 129 -34.43 21.64 28.43
CA ARG B 129 -35.23 20.50 28.83
C ARG B 129 -34.44 19.45 29.60
N MET B 130 -33.15 19.30 29.33
CA MET B 130 -32.34 18.27 29.95
C MET B 130 -30.88 18.71 29.94
N ILE B 131 -30.06 17.97 30.68
CA ILE B 131 -28.62 18.21 30.75
C ILE B 131 -27.93 16.90 30.43
N GLY B 132 -27.27 16.85 29.26
CA GLY B 132 -26.58 15.64 28.85
C GLY B 132 -25.15 15.64 29.36
N LEU B 133 -24.73 14.51 29.89
CA LEU B 133 -23.39 14.36 30.47
C LEU B 133 -22.77 13.07 29.95
N ARG B 134 -21.65 13.19 29.26
CA ARG B 134 -20.90 12.05 28.75
C ARG B 134 -19.79 11.76 29.76
N LEU B 135 -20.12 10.97 30.77
CA LEU B 135 -19.18 10.68 31.85
C LEU B 135 -18.32 9.45 31.55
N TYR B 136 -18.91 8.41 30.97
CA TYR B 136 -18.20 7.19 30.68
C TYR B 136 -18.54 6.72 29.27
N ASP B 137 -17.69 5.83 28.73
CA ASP B 137 -17.92 5.30 27.40
C ASP B 137 -19.17 4.44 27.38
N GLY B 138 -20.05 4.70 26.40
CA GLY B 138 -21.26 3.92 26.24
C GLY B 138 -22.40 4.31 27.15
N LEU B 139 -22.19 5.22 28.09
CA LEU B 139 -23.23 5.66 29.02
C LEU B 139 -23.48 7.15 28.81
N PHE B 140 -24.76 7.52 28.71
CA PHE B 140 -25.18 8.90 28.49
C PHE B 140 -26.12 9.31 29.62
N LYS B 141 -25.56 9.90 30.67
CA LYS B 141 -26.36 10.34 31.80
C LYS B 141 -27.26 11.50 31.40
N VAL B 142 -28.47 11.54 31.95
CA VAL B 142 -29.46 12.53 31.60
C VAL B 142 -30.11 13.05 32.87
N ILE B 143 -29.99 14.36 33.12
CA ILE B 143 -30.66 15.01 34.23
C ILE B 143 -31.87 15.75 33.68
N PRO B 144 -33.10 15.39 34.08
CA PRO B 144 -34.27 16.10 33.55
C PRO B 144 -34.46 17.45 34.23
N LEU B 145 -34.82 18.45 33.44
CA LEU B 145 -34.91 19.83 33.92
C LEU B 145 -36.35 20.21 34.19
N ASP B 146 -36.86 19.67 35.31
CA ASP B 146 -38.10 20.13 35.91
C ASP B 146 -37.79 20.67 37.30
N ARG B 147 -38.54 21.69 37.71
CA ARG B 147 -38.23 22.39 38.95
C ARG B 147 -38.66 21.61 40.19
N ASP B 148 -38.75 20.28 40.06
CA ASP B 148 -38.85 19.38 41.19
C ASP B 148 -37.63 18.49 41.31
N ASN B 149 -36.63 18.65 40.43
CA ASN B 149 -35.41 17.86 40.46
C ASN B 149 -34.33 18.65 41.21
N LYS B 150 -34.44 18.61 42.53
CA LYS B 150 -33.47 19.30 43.37
C LYS B 150 -32.24 18.47 43.67
N GLU B 151 -32.39 17.15 43.74
CA GLU B 151 -31.27 16.24 43.97
C GLU B 151 -30.61 15.77 42.68
N LEU B 152 -31.18 16.15 41.52
CA LEU B 152 -30.60 15.83 40.22
C LEU B 152 -30.51 14.32 39.98
N LYS B 153 -31.56 13.61 40.36
CA LYS B 153 -31.62 12.18 40.07
C LYS B 153 -31.67 11.96 38.56
N ALA B 154 -30.87 11.02 38.07
CA ALA B 154 -30.68 10.84 36.65
C ALA B 154 -30.96 9.40 36.25
N PHE B 155 -31.13 9.20 34.94
CA PHE B 155 -31.27 7.87 34.35
C PHE B 155 -30.33 7.77 33.16
N ASN B 156 -29.71 6.61 33.01
CA ASN B 156 -28.72 6.39 31.97
C ASN B 156 -29.34 5.72 30.74
N ILE B 157 -28.65 5.85 29.62
CA ILE B 157 -29.03 5.20 28.37
C ILE B 157 -27.79 4.56 27.77
N ARG B 158 -27.99 3.43 27.09
CA ARG B 158 -26.89 2.70 26.49
C ARG B 158 -26.54 3.32 25.14
N LEU B 159 -25.24 3.33 24.82
CA LEU B 159 -24.75 3.80 23.53
C LEU B 159 -23.97 2.68 22.86
N GLU B 160 -24.48 2.19 21.74
CA GLU B 160 -23.78 1.16 20.97
C GLU B 160 -22.43 1.64 20.46
N GLU B 161 -22.22 2.95 20.42
CA GLU B 161 -20.95 3.53 19.98
C GLU B 161 -20.10 3.83 21.20
N LEU B 162 -18.89 3.30 21.22
CA LEU B 162 -18.00 3.49 22.36
C LEU B 162 -17.03 4.64 22.16
N HIS B 163 -16.42 4.74 20.98
CA HIS B 163 -15.41 5.78 20.71
C HIS B 163 -16.08 7.00 20.07
N VAL B 164 -16.79 7.76 20.90
CA VAL B 164 -17.40 9.02 20.47
C VAL B 164 -16.50 10.17 20.88
N ILE B 165 -16.32 11.13 19.97
CA ILE B 165 -15.34 12.19 20.14
C ILE B 165 -15.96 13.41 20.81
N ASP B 166 -17.00 13.97 20.20
CA ASP B 166 -17.63 15.18 20.68
C ASP B 166 -19.12 15.12 20.36
N VAL B 167 -19.93 15.72 21.22
CA VAL B 167 -21.38 15.64 21.11
C VAL B 167 -21.99 16.99 21.49
N LYS B 168 -22.98 17.43 20.72
CA LYS B 168 -23.74 18.63 21.02
C LYS B 168 -25.24 18.33 20.89
N PHE B 169 -26.05 19.19 21.50
CA PHE B 169 -27.48 19.17 21.29
C PHE B 169 -27.82 19.96 20.03
N LEU B 170 -28.63 19.36 19.15
CA LEU B 170 -28.92 19.98 17.87
C LEU B 170 -29.92 21.12 18.03
N TYR B 171 -29.82 22.09 17.12
CA TYR B 171 -30.66 23.28 17.15
C TYR B 171 -31.76 23.16 16.11
N GLY B 172 -32.95 23.62 16.46
CA GLY B 172 -34.05 23.67 15.51
C GLY B 172 -34.60 22.30 15.14
N CYS B 173 -34.87 21.47 16.14
CA CYS B 173 -35.37 20.13 15.94
C CYS B 173 -36.69 19.93 16.67
N GLN B 174 -37.50 18.99 16.15
CA GLN B 174 -38.80 18.71 16.76
C GLN B 174 -38.65 18.15 18.16
N ALA B 175 -37.55 17.49 18.46
CA ALA B 175 -37.30 16.83 19.73
C ALA B 175 -35.88 17.12 20.15
N PRO B 176 -35.56 16.98 21.46
CA PRO B 176 -34.15 17.13 21.87
C PRO B 176 -33.26 16.12 21.17
N THR B 177 -32.41 16.60 20.27
CA THR B 177 -31.61 15.76 19.41
C THR B 177 -30.13 16.00 19.68
N ILE B 178 -29.38 14.92 19.88
CA ILE B 178 -27.94 15.01 20.06
C ILE B 178 -27.28 14.65 18.73
N CYS B 179 -26.11 15.22 18.49
CA CYS B 179 -25.32 14.94 17.31
C CYS B 179 -23.88 14.75 17.73
N PHE B 180 -23.24 13.69 17.24
CA PHE B 180 -21.91 13.35 17.72
C PHE B 180 -21.11 12.68 16.62
N VAL B 181 -19.79 12.84 16.69
CA VAL B 181 -18.85 12.14 15.83
C VAL B 181 -18.26 10.99 16.64
N TYR B 182 -18.24 9.80 16.05
CA TYR B 182 -17.72 8.61 16.72
C TYR B 182 -16.84 7.83 15.75
N GLN B 183 -16.11 6.87 16.31
CA GLN B 183 -15.18 6.03 15.55
C GLN B 183 -15.45 4.56 15.83
N ASP B 184 -15.43 3.76 14.77
CA ASP B 184 -15.50 2.31 14.83
C ASP B 184 -14.46 1.75 13.87
N PRO B 185 -14.13 0.44 13.92
CA PRO B 185 -13.10 -0.10 13.01
C PRO B 185 -13.32 0.23 11.53
N GLN B 186 -14.57 0.49 11.14
CA GLN B 186 -14.83 0.88 9.75
C GLN B 186 -14.28 2.27 9.46
N GLY B 187 -14.36 3.18 10.42
CA GLY B 187 -13.84 4.54 10.22
C GLY B 187 -14.43 5.50 11.25
N ARG B 188 -14.58 6.75 10.83
CA ARG B 188 -15.15 7.80 11.67
C ARG B 188 -16.46 8.27 11.06
N HIS B 189 -17.51 8.31 11.88
CA HIS B 189 -18.86 8.62 11.43
C HIS B 189 -19.48 9.69 12.31
N VAL B 190 -20.56 10.28 11.81
CA VAL B 190 -21.38 11.22 12.55
C VAL B 190 -22.82 10.71 12.54
N LYS B 191 -23.43 10.68 13.72
CA LYS B 191 -24.76 10.09 13.89
C LYS B 191 -25.56 10.95 14.86
N THR B 192 -26.88 10.85 14.77
CA THR B 192 -27.78 11.59 15.65
C THR B 192 -28.81 10.64 16.27
N TYR B 193 -29.25 11.00 17.48
CA TYR B 193 -30.34 10.31 18.16
C TYR B 193 -31.32 11.33 18.72
N GLU B 194 -32.58 10.95 18.79
CA GLU B 194 -33.56 11.69 19.56
C GLU B 194 -33.61 11.12 20.98
N VAL B 195 -34.02 11.97 21.93
CA VAL B 195 -34.02 11.62 23.34
C VAL B 195 -35.45 11.72 23.87
N SER B 196 -36.00 10.58 24.29
CA SER B 196 -37.33 10.52 24.89
C SER B 196 -37.20 10.51 26.40
N LEU B 197 -38.01 11.33 27.07
CA LEU B 197 -38.02 11.37 28.53
C LEU B 197 -39.02 10.40 29.14
N ARG B 198 -40.08 10.05 28.40
CA ARG B 198 -41.02 9.06 28.90
C ARG B 198 -40.44 7.66 28.80
N GLU B 199 -40.03 7.25 27.59
CA GLU B 199 -39.39 5.95 27.41
C GLU B 199 -38.02 5.88 28.08
N LYS B 200 -37.37 7.02 28.28
CA LYS B 200 -36.03 7.08 28.87
C LYS B 200 -35.02 6.29 28.03
N GLU B 201 -35.10 6.45 26.71
CA GLU B 201 -34.19 5.79 25.78
C GLU B 201 -34.10 6.64 24.53
N PHE B 202 -33.29 6.18 23.58
CA PHE B 202 -33.10 6.89 22.32
C PHE B 202 -34.10 6.43 21.27
N ASN B 203 -34.54 7.37 20.45
CA ASN B 203 -35.35 7.08 19.27
C ASN B 203 -34.53 7.39 18.02
N LYS B 204 -35.11 7.09 16.87
CA LYS B 204 -34.43 7.32 15.60
C LYS B 204 -34.09 8.80 15.44
N GLY B 205 -32.93 9.08 14.85
CA GLY B 205 -32.45 10.43 14.68
C GLY B 205 -32.83 11.00 13.33
N PRO B 206 -33.00 12.32 13.28
CA PRO B 206 -33.35 12.97 12.01
C PRO B 206 -32.52 12.52 10.82
N TRP B 207 -31.21 12.30 11.00
CA TRP B 207 -30.35 11.91 9.90
C TRP B 207 -29.19 11.08 10.43
N LYS B 208 -28.35 10.62 9.52
CA LYS B 208 -27.15 9.84 9.86
C LYS B 208 -26.27 9.84 8.61
N GLN B 209 -25.03 10.29 8.76
CA GLN B 209 -24.07 10.35 7.67
C GLN B 209 -22.99 9.29 7.87
N GLU B 210 -22.81 8.46 6.85
CA GLU B 210 -21.93 7.28 6.96
C GLU B 210 -20.52 7.68 7.37
N ASN B 211 -19.82 8.43 6.52
CA ASN B 211 -18.42 8.75 6.74
C ASN B 211 -18.22 10.23 7.03
N VAL B 212 -17.11 10.52 7.69
CA VAL B 212 -16.69 11.89 7.99
C VAL B 212 -15.16 11.89 7.94
N GLU B 213 -14.54 13.01 8.29
CA GLU B 213 -13.08 13.09 8.24
C GLU B 213 -12.43 12.12 9.23
N ALA B 214 -11.19 11.73 8.91
CA ALA B 214 -10.48 10.78 9.76
C ALA B 214 -10.26 11.34 11.16
N GLU B 215 -9.73 12.55 11.26
CA GLU B 215 -9.48 13.17 12.56
C GLU B 215 -10.46 14.32 12.81
N ALA B 216 -11.75 14.04 12.68
CA ALA B 216 -12.76 15.01 13.06
C ALA B 216 -12.84 15.11 14.57
N SER B 217 -12.78 16.33 15.10
CA SER B 217 -12.65 16.54 16.53
C SER B 217 -13.71 17.42 17.14
N MET B 218 -14.25 18.39 16.40
CA MET B 218 -15.16 19.38 16.95
C MET B 218 -16.55 19.25 16.34
N VAL B 219 -17.56 19.40 17.19
CA VAL B 219 -18.96 19.41 16.78
C VAL B 219 -19.56 20.74 17.24
N ILE B 220 -20.05 21.53 16.29
CA ILE B 220 -20.69 22.81 16.57
C ILE B 220 -22.14 22.73 16.11
N ALA B 221 -23.06 23.08 17.01
CA ALA B 221 -24.48 23.10 16.69
C ALA B 221 -24.85 24.47 16.14
N VAL B 222 -25.11 24.54 14.84
CA VAL B 222 -25.48 25.81 14.21
C VAL B 222 -26.93 26.15 14.60
N PRO B 223 -27.22 27.40 15.00
CA PRO B 223 -28.55 27.71 15.52
C PRO B 223 -29.66 27.72 14.48
N GLU B 224 -30.83 28.19 14.89
CA GLU B 224 -32.05 28.09 14.08
C GLU B 224 -31.94 28.64 12.66
N PRO B 225 -31.34 29.83 12.40
CA PRO B 225 -31.33 30.36 11.03
C PRO B 225 -30.97 29.35 9.96
N PHE B 226 -29.81 28.70 10.09
CA PHE B 226 -29.38 27.67 9.16
C PHE B 226 -29.73 26.27 9.64
N GLY B 227 -29.36 25.94 10.88
CA GLY B 227 -29.63 24.61 11.42
C GLY B 227 -28.47 23.68 11.23
N GLY B 228 -28.69 22.42 11.64
CA GLY B 228 -27.68 21.41 11.44
C GLY B 228 -26.49 21.55 12.38
N ALA B 229 -25.35 21.02 11.93
CA ALA B 229 -24.14 21.02 12.74
C ALA B 229 -22.92 21.07 11.83
N ILE B 230 -21.84 21.65 12.35
CA ILE B 230 -20.59 21.82 11.62
C ILE B 230 -19.53 20.90 12.24
N ILE B 231 -18.74 20.26 11.38
CA ILE B 231 -17.73 19.30 11.82
C ILE B 231 -16.38 19.76 11.29
N ILE B 232 -15.47 20.09 12.21
CA ILE B 232 -14.13 20.56 11.87
C ILE B 232 -13.13 19.45 12.18
N GLY B 233 -12.18 19.23 11.28
CA GLY B 233 -11.18 18.21 11.41
C GLY B 233 -9.79 18.77 11.14
N GLN B 234 -8.90 17.87 10.68
CA GLN B 234 -7.53 18.26 10.41
C GLN B 234 -7.45 19.29 9.28
N GLU B 235 -7.99 18.96 8.12
CA GLU B 235 -7.92 19.82 6.96
C GLU B 235 -9.25 20.07 6.29
N SER B 236 -10.35 19.58 6.85
CA SER B 236 -11.66 19.71 6.23
C SER B 236 -12.68 20.21 7.24
N ILE B 237 -13.51 21.15 6.80
CA ILE B 237 -14.65 21.65 7.56
C ILE B 237 -15.91 21.30 6.80
N THR B 238 -16.84 20.60 7.47
CA THR B 238 -18.04 20.10 6.83
C THR B 238 -19.27 20.57 7.58
N TYR B 239 -20.40 20.58 6.87
CA TYR B 239 -21.69 20.94 7.42
C TYR B 239 -22.69 19.83 7.08
N HIS B 240 -23.43 19.37 8.08
CA HIS B 240 -24.38 18.28 7.90
C HIS B 240 -25.74 18.68 8.44
N ASN B 241 -26.79 18.43 7.65
CA ASN B 241 -28.16 18.60 8.13
C ASN B 241 -29.08 17.86 7.15
N GLY B 242 -29.33 16.59 7.44
CA GLY B 242 -30.14 15.75 6.57
C GLY B 242 -29.64 15.69 5.15
N ASP B 243 -30.43 16.23 4.21
CA ASP B 243 -30.04 16.24 2.80
C ASP B 243 -29.04 17.34 2.48
N LYS B 244 -28.75 18.24 3.41
CA LYS B 244 -27.82 19.33 3.16
C LYS B 244 -26.42 18.92 3.58
N TYR B 245 -25.45 19.14 2.69
CA TYR B 245 -24.07 18.77 2.98
C TYR B 245 -23.15 19.74 2.24
N LEU B 246 -22.12 20.20 2.95
CA LEU B 246 -21.14 21.12 2.39
C LEU B 246 -19.78 20.83 3.01
N ALA B 247 -18.73 20.97 2.22
CA ALA B 247 -17.37 20.68 2.68
C ALA B 247 -16.40 21.66 2.04
N ILE B 248 -15.38 22.04 2.81
CA ILE B 248 -14.31 22.91 2.32
C ILE B 248 -12.98 22.37 2.81
N ALA B 249 -11.93 22.62 2.03
CA ALA B 249 -10.57 22.22 2.38
C ALA B 249 -9.66 23.44 2.33
N PRO B 250 -9.80 24.36 3.28
CA PRO B 250 -8.99 25.58 3.26
C PRO B 250 -7.52 25.28 3.56
N PRO B 251 -6.63 25.61 2.63
CA PRO B 251 -5.19 25.39 2.89
C PRO B 251 -4.64 26.22 4.04
N ILE B 252 -5.39 27.23 4.50
CA ILE B 252 -4.88 28.08 5.57
C ILE B 252 -4.93 27.40 6.93
N ILE B 253 -5.76 26.36 7.08
CA ILE B 253 -5.85 25.62 8.33
C ILE B 253 -5.20 24.26 8.25
N LYS B 254 -4.43 23.99 7.19
CA LYS B 254 -3.71 22.74 7.08
C LYS B 254 -2.48 22.68 7.98
N GLN B 255 -2.01 23.83 8.47
CA GLN B 255 -0.79 23.87 9.27
C GLN B 255 -0.99 23.32 10.68
N SER B 256 -2.16 23.53 11.27
CA SER B 256 -2.40 23.12 12.66
C SER B 256 -3.81 22.56 12.76
N THR B 257 -4.23 22.25 13.99
CA THR B 257 -5.51 21.63 14.26
C THR B 257 -6.33 22.53 15.19
N ILE B 258 -7.58 22.80 14.79
CA ILE B 258 -8.47 23.63 15.58
C ILE B 258 -8.87 22.88 16.85
N VAL B 259 -8.91 23.59 17.98
CA VAL B 259 -9.16 22.95 19.27
C VAL B 259 -10.20 23.72 20.08
N CYS B 260 -10.55 24.93 19.65
CA CYS B 260 -11.50 25.75 20.39
C CYS B 260 -12.28 26.63 19.42
N HIS B 261 -13.51 26.97 19.83
CA HIS B 261 -14.42 27.70 18.96
C HIS B 261 -15.33 28.59 19.81
N ASN B 262 -16.03 29.49 19.13
CA ASN B 262 -17.06 30.30 19.75
C ASN B 262 -17.94 30.91 18.67
N ARG B 263 -19.23 31.05 18.98
CA ARG B 263 -20.19 31.68 18.10
C ARG B 263 -20.19 33.19 18.33
N VAL B 264 -20.06 33.96 17.24
CA VAL B 264 -20.09 35.41 17.33
C VAL B 264 -21.52 35.87 17.56
N ASP B 265 -22.31 35.95 16.49
CA ASP B 265 -23.70 36.35 16.56
C ASP B 265 -24.61 35.13 16.68
N PRO B 266 -25.75 35.26 17.38
CA PRO B 266 -26.68 34.12 17.48
C PRO B 266 -27.22 33.64 16.14
N ASN B 267 -26.97 34.36 15.05
CA ASN B 267 -27.34 33.87 13.73
C ASN B 267 -26.46 32.70 13.29
N GLY B 268 -25.30 32.53 13.92
CA GLY B 268 -24.38 31.47 13.54
C GLY B 268 -23.60 31.74 12.28
N SER B 269 -23.69 32.95 11.72
CA SER B 269 -23.03 33.24 10.46
C SER B 269 -21.52 33.38 10.62
N ARG B 270 -21.07 33.85 11.77
CA ARG B 270 -19.65 34.09 12.02
C ARG B 270 -19.19 33.25 13.20
N TYR B 271 -18.10 32.51 13.01
CA TYR B 271 -17.58 31.60 14.03
C TYR B 271 -16.10 31.89 14.24
N LEU B 272 -15.68 31.88 15.51
CA LEU B 272 -14.28 32.07 15.88
C LEU B 272 -13.62 30.72 16.08
N LEU B 273 -12.39 30.58 15.58
CA LEU B 273 -11.67 29.31 15.64
C LEU B 273 -10.23 29.57 16.04
N GLY B 274 -9.81 28.93 17.13
CA GLY B 274 -8.43 29.00 17.58
C GLY B 274 -7.81 27.62 17.49
N ASP B 275 -6.50 27.59 17.23
CA ASP B 275 -5.77 26.34 17.06
C ASP B 275 -4.78 26.14 18.21
N MET B 276 -3.77 25.30 17.97
CA MET B 276 -2.79 24.96 19.00
C MET B 276 -1.64 25.95 19.09
N GLU B 277 -1.41 26.76 18.04
CA GLU B 277 -0.31 27.71 18.02
C GLU B 277 -0.79 29.15 18.14
N GLY B 278 -1.88 29.38 18.86
CA GLY B 278 -2.36 30.73 19.10
C GLY B 278 -3.04 31.42 17.94
N ARG B 279 -3.07 30.80 16.76
CA ARG B 279 -3.69 31.43 15.61
C ARG B 279 -5.18 31.66 15.85
N LEU B 280 -5.74 32.61 15.11
CA LEU B 280 -7.15 32.97 15.22
C LEU B 280 -7.80 32.94 13.85
N PHE B 281 -9.01 32.38 13.79
CA PHE B 281 -9.72 32.20 12.53
C PHE B 281 -11.15 32.66 12.67
N MET B 282 -11.73 33.10 11.55
CA MET B 282 -13.14 33.44 11.47
C MET B 282 -13.79 32.52 10.45
N LEU B 283 -14.78 31.74 10.89
CA LEU B 283 -15.53 30.86 10.01
C LEU B 283 -16.83 31.55 9.63
N LEU B 284 -17.04 31.73 8.33
CA LEU B 284 -18.18 32.46 7.80
C LEU B 284 -19.12 31.53 7.08
N LEU B 285 -20.40 31.59 7.42
CA LEU B 285 -21.45 30.81 6.77
C LEU B 285 -22.14 31.73 5.78
N GLU B 286 -21.77 31.61 4.50
CA GLU B 286 -22.35 32.45 3.46
C GLU B 286 -23.82 32.10 3.23
N LYS B 287 -24.72 32.73 3.98
CA LYS B 287 -26.13 32.44 3.86
C LYS B 287 -26.71 33.10 2.61
N GLU B 288 -27.55 32.35 1.89
CA GLU B 288 -28.20 32.84 0.68
C GLU B 288 -29.66 33.12 0.98
N GLU B 289 -30.04 34.40 0.94
CA GLU B 289 -31.44 34.78 1.12
C GLU B 289 -32.30 34.19 0.01
N GLN B 290 -33.28 33.38 0.38
CA GLN B 290 -34.14 32.74 -0.60
C GLN B 290 -35.41 33.56 -0.81
N MET B 291 -36.21 33.14 -1.80
CA MET B 291 -37.27 33.96 -2.37
C MET B 291 -38.60 33.84 -1.62
N ASP B 292 -38.64 33.19 -0.46
CA ASP B 292 -39.91 32.92 0.20
C ASP B 292 -39.74 32.82 1.71
N GLY B 293 -38.96 33.73 2.28
CA GLY B 293 -38.75 33.77 3.71
C GLY B 293 -37.82 32.71 4.27
N THR B 294 -37.41 31.75 3.45
CA THR B 294 -36.44 30.75 3.85
C THR B 294 -35.03 31.24 3.58
N VAL B 295 -34.06 30.66 4.29
CA VAL B 295 -32.64 30.97 4.13
C VAL B 295 -31.88 29.66 4.05
N THR B 296 -31.10 29.50 2.98
CA THR B 296 -30.29 28.31 2.77
C THR B 296 -28.85 28.58 3.22
N LEU B 297 -27.91 27.82 2.69
CA LEU B 297 -26.48 28.05 2.94
C LEU B 297 -25.72 27.75 1.67
N LYS B 298 -25.00 28.75 1.15
CA LYS B 298 -24.37 28.64 -0.15
C LYS B 298 -22.98 28.02 -0.06
N ASP B 299 -22.07 28.66 0.69
CA ASP B 299 -20.68 28.24 0.75
C ASP B 299 -20.17 28.41 2.18
N LEU B 300 -18.91 28.02 2.39
CA LEU B 300 -18.22 28.16 3.66
C LEU B 300 -16.89 28.85 3.42
N ARG B 301 -16.45 29.64 4.40
CA ARG B 301 -15.21 30.39 4.24
C ARG B 301 -14.54 30.57 5.60
N VAL B 302 -13.21 30.52 5.59
CA VAL B 302 -12.39 30.70 6.78
C VAL B 302 -11.28 31.69 6.44
N GLU B 303 -11.13 32.72 7.27
CA GLU B 303 -10.12 33.75 7.06
C GLU B 303 -9.22 33.85 8.28
N LEU B 304 -7.95 34.17 8.04
CA LEU B 304 -6.96 34.31 9.10
C LEU B 304 -7.09 35.69 9.73
N LEU B 305 -7.57 35.73 10.97
CA LEU B 305 -7.70 37.00 11.68
C LEU B 305 -6.34 37.53 12.10
N GLY B 306 -5.60 36.75 12.89
CA GLY B 306 -4.29 37.18 13.33
C GLY B 306 -3.55 36.16 14.17
N GLU B 307 -3.19 36.55 15.40
CA GLU B 307 -2.40 35.67 16.27
C GLU B 307 -2.56 36.13 17.71
N THR B 308 -3.09 35.26 18.56
CA THR B 308 -3.27 35.56 19.97
C THR B 308 -2.36 34.63 20.79
N SER B 309 -2.58 34.62 22.10
CA SER B 309 -1.92 33.64 22.94
C SER B 309 -2.52 32.27 22.67
N ILE B 310 -1.70 31.23 22.85
CA ILE B 310 -2.15 29.86 22.60
C ILE B 310 -3.47 29.65 23.32
N ALA B 311 -4.55 29.55 22.54
CA ALA B 311 -5.90 29.70 23.05
C ALA B 311 -6.43 28.39 23.62
N GLU B 312 -6.97 28.46 24.83
CA GLU B 312 -7.70 27.34 25.41
C GLU B 312 -9.20 27.48 25.15
N CYS B 313 -9.77 28.63 25.50
CA CYS B 313 -11.16 28.94 25.15
C CYS B 313 -11.21 30.34 24.53
N LEU B 314 -12.30 30.59 23.82
CA LEU B 314 -12.54 31.88 23.18
C LEU B 314 -13.98 32.30 23.44
N THR B 315 -14.21 33.61 23.33
CA THR B 315 -15.56 34.15 23.44
C THR B 315 -15.64 35.59 22.94
N TYR B 316 -16.48 35.82 21.93
CA TYR B 316 -16.77 37.17 21.48
C TYR B 316 -17.66 37.88 22.49
N LEU B 317 -17.34 39.14 22.77
CA LEU B 317 -18.11 39.90 23.75
C LEU B 317 -19.01 40.91 23.04
N ASP B 318 -18.43 41.96 22.49
CA ASP B 318 -19.18 43.02 21.83
C ASP B 318 -18.21 43.99 21.16
N ASN B 319 -18.66 44.57 20.05
CA ASN B 319 -17.89 45.60 19.34
C ASN B 319 -16.50 45.13 18.97
N GLY B 320 -16.38 43.85 18.63
CA GLY B 320 -15.10 43.28 18.24
C GLY B 320 -14.16 42.96 19.39
N VAL B 321 -14.66 42.91 20.61
CA VAL B 321 -13.83 42.55 21.76
C VAL B 321 -13.98 41.06 22.02
N VAL B 322 -12.88 40.32 21.85
CA VAL B 322 -12.86 38.87 22.01
C VAL B 322 -11.92 38.52 23.16
N PHE B 323 -12.45 37.81 24.15
CA PHE B 323 -11.59 37.31 25.22
C PHE B 323 -10.91 36.02 24.77
N VAL B 324 -9.61 35.94 25.00
CA VAL B 324 -8.81 34.77 24.64
C VAL B 324 -8.30 34.17 25.94
N GLY B 325 -8.85 33.02 26.33
CA GLY B 325 -8.39 32.32 27.51
C GLY B 325 -7.25 31.36 27.15
N SER B 326 -6.27 31.27 28.04
CA SER B 326 -5.06 30.50 27.77
C SER B 326 -4.66 29.71 29.00
N ARG B 327 -4.05 28.56 28.76
CA ARG B 327 -3.50 27.72 29.82
C ARG B 327 -1.98 27.77 29.88
N LEU B 328 -1.32 28.13 28.78
CA LEU B 328 0.13 28.24 28.74
C LEU B 328 0.61 29.68 28.88
N GLY B 329 -0.03 30.62 28.18
CA GLY B 329 0.36 32.01 28.21
C GLY B 329 -0.70 32.90 28.83
N ASP B 330 -0.48 34.20 28.68
CA ASP B 330 -1.33 35.19 29.33
C ASP B 330 -2.69 35.28 28.66
N SER B 331 -3.75 35.30 29.46
CA SER B 331 -5.08 35.53 28.93
C SER B 331 -5.15 36.92 28.32
N GLN B 332 -5.85 37.04 27.19
CA GLN B 332 -5.83 38.27 26.42
C GLN B 332 -7.23 38.76 26.14
N LEU B 333 -7.38 40.08 26.17
CA LEU B 333 -8.54 40.77 25.62
C LEU B 333 -8.05 41.47 24.37
N VAL B 334 -8.73 41.24 23.25
CA VAL B 334 -8.25 41.73 21.96
C VAL B 334 -9.39 42.38 21.20
N LYS B 335 -9.04 43.38 20.40
CA LYS B 335 -9.98 44.07 19.52
C LYS B 335 -9.76 43.64 18.09
N LEU B 336 -10.86 43.38 17.39
CA LEU B 336 -10.83 43.03 15.98
C LEU B 336 -11.08 44.27 15.13
N ASN B 337 -10.43 44.33 13.97
CA ASN B 337 -10.48 45.49 13.09
C ASN B 337 -11.02 45.07 11.73
N VAL B 338 -11.95 45.86 11.20
CA VAL B 338 -12.51 45.58 9.88
C VAL B 338 -11.44 45.65 8.79
N ASP B 339 -10.47 46.54 8.95
CA ASP B 339 -9.43 46.75 7.96
C ASP B 339 -8.20 45.92 8.30
N SER B 340 -7.57 45.35 7.27
CA SER B 340 -6.33 44.61 7.45
C SER B 340 -5.18 45.58 7.63
N ASN B 341 -4.47 45.45 8.75
CA ASN B 341 -3.36 46.35 9.05
C ASN B 341 -2.20 46.09 8.09
N GLU B 342 -1.10 46.83 8.31
CA GLU B 342 0.05 46.73 7.40
C GLU B 342 0.60 45.31 7.38
N GLN B 343 0.73 44.68 8.55
CA GLN B 343 1.22 43.30 8.60
C GLN B 343 0.21 42.35 7.96
N GLY B 344 -1.04 42.38 8.42
CA GLY B 344 -2.06 41.51 7.90
C GLY B 344 -3.04 41.06 8.97
N SER B 345 -2.63 41.19 10.22
CA SER B 345 -3.47 40.77 11.34
C SER B 345 -4.62 41.75 11.55
N TYR B 346 -5.80 41.19 11.85
CA TYR B 346 -6.95 41.98 12.26
C TYR B 346 -7.04 42.14 13.77
N VAL B 347 -6.00 41.74 14.50
CA VAL B 347 -6.04 41.65 15.95
C VAL B 347 -5.00 42.58 16.55
N VAL B 348 -5.39 43.31 17.58
CA VAL B 348 -4.48 44.15 18.37
C VAL B 348 -4.78 43.90 19.84
N ALA B 349 -3.73 43.67 20.62
CA ALA B 349 -3.88 43.32 22.03
C ALA B 349 -4.44 44.51 22.81
N MET B 350 -5.60 44.30 23.45
CA MET B 350 -6.19 45.30 24.33
C MET B 350 -5.66 45.19 25.76
N GLU B 351 -5.54 43.97 26.28
CA GLU B 351 -5.10 43.76 27.66
C GLU B 351 -4.35 42.43 27.75
N THR B 352 -3.68 42.24 28.89
CA THR B 352 -3.00 40.99 29.20
C THR B 352 -3.26 40.63 30.65
N PHE B 353 -3.33 39.34 30.93
CA PHE B 353 -3.58 38.81 32.27
C PHE B 353 -2.42 37.92 32.69
N THR B 354 -1.85 38.20 33.87
CA THR B 354 -0.71 37.43 34.35
C THR B 354 -1.08 35.95 34.47
N ASN B 355 -0.30 35.10 33.79
CA ASN B 355 -0.50 33.66 33.82
C ASN B 355 0.82 32.97 34.17
N LEU B 356 0.97 32.59 35.44
CA LEU B 356 2.19 31.92 35.87
C LEU B 356 2.30 30.52 35.27
N GLY B 357 1.18 29.80 35.19
CA GLY B 357 1.17 28.46 34.68
C GLY B 357 1.56 28.37 33.20
N PRO B 358 2.22 27.28 32.81
CA PRO B 358 2.65 26.16 33.67
C PRO B 358 3.99 26.44 34.35
N ILE B 359 4.05 26.28 35.66
CA ILE B 359 5.30 26.46 36.41
C ILE B 359 6.06 25.14 36.37
N VAL B 360 7.17 25.11 35.62
CA VAL B 360 7.96 23.89 35.46
C VAL B 360 9.23 23.88 36.30
N ASP B 361 9.62 25.02 36.88
CA ASP B 361 10.79 25.09 37.74
C ASP B 361 10.82 26.45 38.43
N MET B 362 11.34 26.45 39.66
CA MET B 362 11.48 27.67 40.44
C MET B 362 12.74 27.57 41.30
N CYS B 363 13.07 28.69 41.95
CA CYS B 363 14.20 28.75 42.87
C CYS B 363 14.03 29.97 43.76
N VAL B 364 14.04 29.76 45.07
CA VAL B 364 13.80 30.85 46.01
C VAL B 364 15.05 31.71 46.12
N VAL B 365 14.89 33.03 45.92
CA VAL B 365 15.97 33.98 46.00
C VAL B 365 15.49 35.22 46.74
N ASP B 366 16.44 36.00 47.27
CA ASP B 366 16.19 37.37 47.70
C ASP B 366 17.32 38.20 47.10
N LEU B 367 17.12 38.63 45.85
CA LEU B 367 18.17 39.34 45.13
C LEU B 367 18.53 40.66 45.80
N GLU B 368 17.58 41.26 46.52
CA GLU B 368 17.82 42.52 47.21
C GLU B 368 18.64 42.37 48.48
N ARG B 369 19.00 41.14 48.86
CA ARG B 369 19.73 40.87 50.10
C ARG B 369 18.95 41.42 51.30
N GLN B 370 17.63 41.30 51.26
CA GLN B 370 16.77 41.89 52.27
C GLN B 370 16.38 40.93 53.38
N GLY B 371 16.48 39.62 53.16
CA GLY B 371 16.01 38.67 54.15
C GLY B 371 14.50 38.52 54.16
N GLN B 372 13.87 38.48 52.99
CA GLN B 372 12.43 38.35 52.87
C GLN B 372 12.05 37.16 51.99
N GLY B 373 12.48 37.15 50.73
CA GLY B 373 12.25 36.01 49.87
C GLY B 373 11.38 36.32 48.66
N GLN B 374 11.95 36.16 47.47
CA GLN B 374 11.24 36.29 46.21
C GLN B 374 11.02 34.90 45.62
N LEU B 375 10.75 34.84 44.32
CA LEU B 375 10.54 33.56 43.64
C LEU B 375 10.66 33.79 42.14
N VAL B 376 11.68 33.20 41.53
CA VAL B 376 11.91 33.31 40.10
C VAL B 376 11.58 31.96 39.49
N THR B 377 10.48 31.90 38.74
CA THR B 377 9.97 30.65 38.19
C THR B 377 10.08 30.63 36.68
N CYS B 378 9.94 29.43 36.12
CA CYS B 378 9.80 29.23 34.69
C CYS B 378 8.31 29.11 34.36
N SER B 379 7.90 29.74 33.27
CA SER B 379 6.48 29.84 32.95
C SER B 379 6.26 29.74 31.45
N GLY B 380 5.14 29.11 31.09
CA GLY B 380 4.71 29.07 29.71
C GLY B 380 5.35 27.95 28.92
N ALA B 381 5.02 27.92 27.63
CA ALA B 381 5.56 26.93 26.71
C ALA B 381 5.52 27.52 25.30
N PHE B 382 6.47 27.10 24.47
CA PHE B 382 6.67 27.63 23.11
C PHE B 382 6.81 29.14 23.23
N LYS B 383 6.12 29.93 22.40
CA LYS B 383 6.29 31.39 22.45
C LYS B 383 5.86 31.98 23.79
N GLU B 384 5.00 31.30 24.55
CA GLU B 384 4.54 31.79 25.84
C GLU B 384 5.57 31.65 26.95
N GLY B 385 6.80 31.25 26.62
CA GLY B 385 7.80 31.07 27.65
C GLY B 385 8.21 32.38 28.28
N SER B 386 8.27 32.41 29.61
CA SER B 386 8.60 33.62 30.34
C SER B 386 9.02 33.25 31.75
N LEU B 387 9.74 34.17 32.40
CA LEU B 387 10.04 34.08 33.82
C LEU B 387 9.17 35.09 34.57
N ARG B 388 8.70 34.69 35.75
CA ARG B 388 7.78 35.49 36.54
C ARG B 388 8.34 35.64 37.95
N ILE B 389 8.68 36.87 38.33
CA ILE B 389 9.24 37.16 39.65
C ILE B 389 8.10 37.67 40.53
N ILE B 390 7.81 36.93 41.60
CA ILE B 390 6.70 37.24 42.50
C ILE B 390 7.29 37.79 43.80
N ARG B 391 6.61 38.81 44.35
CA ARG B 391 7.06 39.47 45.57
C ARG B 391 5.91 39.52 46.57
N ASN B 392 5.96 40.49 47.48
CA ASN B 392 4.89 40.73 48.45
C ASN B 392 4.78 42.21 48.79
N LYS B 405 -1.30 41.35 48.42
CA LYS B 405 -1.11 41.31 46.98
C LYS B 405 0.14 40.53 46.60
N LEU B 406 0.59 40.68 45.37
CA LEU B 406 1.77 39.96 44.87
C LEU B 406 2.29 40.67 43.63
N HIS B 407 3.50 41.20 43.72
CA HIS B 407 4.12 41.90 42.59
C HIS B 407 4.69 40.85 41.64
N ILE B 408 4.05 40.66 40.49
CA ILE B 408 4.42 39.63 39.53
C ILE B 408 5.06 40.32 38.32
N ARG B 409 6.38 40.24 38.21
CA ARG B 409 7.07 40.75 37.05
C ARG B 409 7.05 39.71 35.93
N THR B 410 7.50 40.11 34.74
CA THR B 410 7.47 39.21 33.59
C THR B 410 8.66 39.48 32.68
N VAL B 411 9.28 38.40 32.22
CA VAL B 411 10.40 38.48 31.28
C VAL B 411 10.11 37.56 30.09
N PRO B 412 9.47 38.06 29.03
CA PRO B 412 9.19 37.21 27.86
C PRO B 412 10.47 36.64 27.26
N LEU B 413 10.43 35.34 26.95
CA LEU B 413 11.55 34.65 26.31
C LEU B 413 11.26 34.16 24.91
N TYR B 414 9.98 33.94 24.56
CA TYR B 414 9.52 33.48 23.26
C TYR B 414 9.90 32.03 22.99
N GLU B 415 10.36 31.30 24.00
CA GLU B 415 10.67 29.88 23.88
C GLU B 415 10.53 29.24 25.25
N SER B 416 10.48 27.91 25.26
CA SER B 416 10.10 27.19 26.47
C SER B 416 11.21 27.19 27.51
N PRO B 417 10.99 27.75 28.69
CA PRO B 417 12.02 27.66 29.74
C PRO B 417 11.92 26.35 30.52
N ARG B 418 13.00 25.58 30.57
CA ARG B 418 12.96 24.25 31.18
C ARG B 418 13.38 24.28 32.65
N LYS B 419 14.58 24.78 32.92
CA LYS B 419 15.13 24.75 34.27
C LYS B 419 15.74 26.11 34.60
N ILE B 420 15.84 26.40 35.89
CA ILE B 420 16.37 27.67 36.36
C ILE B 420 17.14 27.43 37.66
N CYS B 421 18.15 28.25 37.90
CA CYS B 421 18.93 28.21 39.14
C CYS B 421 19.57 29.57 39.34
N TYR B 422 19.90 29.87 40.59
CA TYR B 422 20.45 31.16 40.97
C TYR B 422 21.94 31.05 41.25
N GLN B 423 22.75 31.78 40.50
CA GLN B 423 24.16 31.95 40.80
C GLN B 423 24.36 33.31 41.45
N GLU B 424 25.26 33.37 42.44
CA GLU B 424 25.51 34.60 43.18
C GLU B 424 26.90 35.18 42.96
N VAL B 425 27.90 34.33 42.70
CA VAL B 425 29.25 34.84 42.41
C VAL B 425 29.26 35.67 41.14
N SER B 426 28.33 35.43 40.23
CA SER B 426 28.17 36.25 39.03
C SER B 426 26.92 37.12 39.07
N GLN B 427 26.03 36.91 40.05
CA GLN B 427 24.79 37.67 40.19
C GLN B 427 23.96 37.58 38.92
N CYS B 428 23.64 36.34 38.53
CA CYS B 428 22.87 36.09 37.33
C CYS B 428 22.07 34.80 37.53
N PHE B 429 21.39 34.37 36.46
CA PHE B 429 20.57 33.16 36.47
C PHE B 429 20.95 32.28 35.30
N GLY B 430 21.03 30.98 35.56
CA GLY B 430 21.20 29.99 34.51
C GLY B 430 19.87 29.32 34.20
N VAL B 431 19.50 29.35 32.93
CA VAL B 431 18.18 28.89 32.48
C VAL B 431 18.35 27.93 31.31
N LEU B 432 17.70 26.79 31.40
CA LEU B 432 17.61 25.85 30.29
C LEU B 432 16.40 26.17 29.44
N SER B 433 16.55 26.07 28.12
CA SER B 433 15.50 26.45 27.19
C SER B 433 15.39 25.43 26.08
N SER B 434 14.19 25.31 25.51
CA SER B 434 13.91 24.38 24.42
C SER B 434 13.12 25.13 23.35
N ARG B 435 13.75 25.36 22.19
CA ARG B 435 13.10 26.01 21.06
C ARG B 435 12.89 24.99 19.95
N ILE B 436 11.77 25.14 19.24
CA ILE B 436 11.34 24.20 18.20
C ILE B 436 11.73 24.77 16.84
N GLU B 437 12.26 23.91 15.98
CA GLU B 437 12.72 24.30 14.65
C GLU B 437 12.15 23.30 13.64
N VAL B 438 12.30 23.62 12.35
CA VAL B 438 11.75 22.79 11.28
C VAL B 438 12.78 22.66 10.17
N GLN B 439 12.79 21.48 9.53
CA GLN B 439 13.75 21.20 8.47
C GLN B 439 13.37 21.92 7.18
N ASP B 440 14.33 22.61 6.58
CA ASP B 440 14.18 23.30 5.32
C ASP B 440 14.79 22.49 4.18
N THR B 441 14.41 22.85 2.95
CA THR B 441 14.98 22.18 1.79
C THR B 441 16.49 22.43 1.69
N SER B 442 16.95 23.56 2.23
CA SER B 442 18.39 23.84 2.24
C SER B 442 19.15 22.85 3.10
N GLY B 443 18.53 22.31 4.15
CA GLY B 443 19.19 21.35 5.01
C GLY B 443 19.50 21.90 6.39
N GLY B 444 18.69 22.84 6.86
CA GLY B 444 18.88 23.40 8.18
C GLY B 444 17.72 23.19 9.12
N THR B 445 17.76 23.90 10.25
CA THR B 445 16.70 23.85 11.27
C THR B 445 16.26 25.30 11.48
N THR B 446 15.41 25.78 10.57
CA THR B 446 14.92 27.14 10.66
C THR B 446 13.97 27.30 11.85
N ALA B 447 14.18 28.37 12.61
CA ALA B 447 13.31 28.65 13.75
C ALA B 447 12.02 29.31 13.27
N LEU B 448 11.00 29.26 14.14
CA LEU B 448 9.71 29.84 13.78
C LEU B 448 9.74 31.36 13.92
N ARG B 449 10.24 31.85 15.04
CA ARG B 449 10.30 33.27 15.34
C ARG B 449 11.63 33.56 16.02
N PRO B 450 12.15 34.78 15.90
CA PRO B 450 13.33 35.15 16.69
C PRO B 450 12.99 35.11 18.17
N SER B 451 13.79 34.38 18.93
CA SER B 451 13.54 34.15 20.34
C SER B 451 14.83 34.37 21.13
N ALA B 452 14.75 34.15 22.45
CA ALA B 452 15.89 34.41 23.32
C ALA B 452 17.12 33.62 22.92
N SER B 453 16.94 32.48 22.26
CA SER B 453 18.08 31.69 21.79
C SER B 453 18.80 32.41 20.65
N THR B 454 18.07 32.75 19.60
CA THR B 454 18.68 33.41 18.44
C THR B 454 18.94 34.89 18.70
N GLN B 455 18.09 35.55 19.46
CA GLN B 455 18.22 36.99 19.71
C GLN B 455 19.02 37.20 21.00
N ALA B 456 20.29 36.83 20.93
CA ALA B 456 21.22 37.00 22.04
C ALA B 456 22.42 37.80 21.57
N LEU B 457 23.17 38.33 22.55
CA LEU B 457 24.37 39.10 22.22
C LEU B 457 25.53 38.19 21.83
N SER B 458 25.76 37.14 22.61
CA SER B 458 26.85 36.20 22.37
C SER B 458 26.30 34.80 22.20
N SER B 459 26.78 34.11 21.17
CA SER B 459 26.37 32.74 20.88
C SER B 459 27.47 31.78 21.29
N SER B 460 27.10 30.50 21.42
CA SER B 460 28.05 29.47 21.80
C SER B 460 27.44 28.11 21.47
N VAL B 461 27.99 27.45 20.47
CA VAL B 461 27.58 26.11 20.07
C VAL B 461 28.63 25.13 20.53
N SER B 462 28.23 24.20 21.41
CA SER B 462 29.15 23.21 21.92
C SER B 462 29.61 22.31 20.78
N SER B 463 30.92 22.22 20.58
CA SER B 463 31.44 21.37 19.52
C SER B 463 31.60 19.94 20.00
N SER B 464 32.23 19.74 21.15
CA SER B 464 32.45 18.44 21.77
C SER B 464 32.90 17.35 20.81
N LYS B 465 32.05 17.01 19.83
CA LYS B 465 32.32 15.95 18.87
C LYS B 465 32.66 14.63 19.55
N LEU B 466 32.12 14.40 20.76
CA LEU B 466 32.43 13.19 21.50
C LEU B 466 31.66 11.98 20.99
N PHE B 467 30.59 12.19 20.25
CA PHE B 467 29.79 11.10 19.68
C PHE B 467 29.79 11.26 18.17
N SER B 468 30.95 11.03 17.55
CA SER B 468 31.11 11.19 16.12
C SER B 468 30.82 9.89 15.38
N GLY B 479 10.88 17.94 6.70
CA GLY B 479 10.31 19.18 7.19
C GLY B 479 9.44 18.98 8.42
N GLU B 480 10.00 18.39 9.47
CA GLU B 480 9.27 18.06 10.68
C GLU B 480 9.86 18.77 11.88
N GLU B 481 9.16 18.68 13.00
CA GLU B 481 9.59 19.34 14.22
C GLU B 481 10.81 18.65 14.82
N VAL B 482 11.76 19.45 15.28
CA VAL B 482 12.94 18.96 15.97
C VAL B 482 13.26 19.93 17.11
N GLU B 483 13.53 19.40 18.30
CA GLU B 483 13.82 20.21 19.47
C GLU B 483 15.32 20.49 19.57
N VAL B 484 15.65 21.69 20.02
CA VAL B 484 17.03 22.10 20.27
C VAL B 484 17.08 22.75 21.64
N HIS B 485 17.83 22.15 22.56
CA HIS B 485 17.94 22.65 23.92
C HIS B 485 19.11 23.61 24.05
N ASN B 486 18.95 24.62 24.91
CA ASN B 486 19.95 25.65 25.09
C ASN B 486 20.08 26.00 26.57
N LEU B 487 21.20 26.62 26.91
CA LEU B 487 21.47 27.12 28.26
C LEU B 487 21.61 28.63 28.21
N LEU B 488 20.76 29.33 28.94
CA LEU B 488 20.73 30.79 28.95
C LEU B 488 21.33 31.33 30.24
N ILE B 489 22.11 32.40 30.12
CA ILE B 489 22.61 33.17 31.26
C ILE B 489 21.90 34.52 31.26
N ILE B 490 21.30 34.87 32.39
CA ILE B 490 20.43 36.04 32.48
C ILE B 490 20.84 36.86 33.71
N ASP B 491 21.27 38.09 33.49
CA ASP B 491 21.59 38.99 34.59
C ASP B 491 20.37 39.22 35.47
N GLN B 492 20.59 39.22 36.79
CA GLN B 492 19.48 39.29 37.73
C GLN B 492 18.87 40.69 37.85
N HIS B 493 19.48 41.71 37.24
CA HIS B 493 18.92 43.05 37.28
C HIS B 493 18.12 43.35 36.02
N THR B 494 18.80 43.43 34.88
CA THR B 494 18.13 43.75 33.63
C THR B 494 17.30 42.57 33.10
N PHE B 495 17.58 41.36 33.56
CA PHE B 495 16.96 40.14 33.02
C PHE B 495 17.18 40.04 31.52
N GLU B 496 18.36 40.47 31.08
CA GLU B 496 18.74 40.46 29.68
C GLU B 496 19.34 39.11 29.30
N VAL B 497 19.29 38.80 28.00
CA VAL B 497 19.89 37.58 27.48
C VAL B 497 21.38 37.80 27.33
N LEU B 498 22.15 37.41 28.35
CA LEU B 498 23.59 37.61 28.32
C LEU B 498 24.27 36.61 27.38
N HIS B 499 24.11 35.32 27.66
CA HIS B 499 24.72 34.27 26.84
C HIS B 499 23.72 33.15 26.63
N ALA B 500 23.74 32.58 25.42
CA ALA B 500 22.89 31.45 25.07
C ALA B 500 23.79 30.35 24.51
N HIS B 501 23.87 29.23 25.23
CA HIS B 501 24.71 28.11 24.84
C HIS B 501 23.88 27.06 24.13
N GLN B 502 24.18 26.82 22.86
CA GLN B 502 23.50 25.79 22.09
C GLN B 502 24.18 24.44 22.30
N PHE B 503 23.46 23.48 22.87
CA PHE B 503 23.99 22.15 23.06
C PHE B 503 24.11 21.43 21.73
N LEU B 504 24.61 20.20 21.77
CA LEU B 504 24.87 19.44 20.56
C LEU B 504 23.57 19.16 19.81
N GLN B 505 23.69 19.02 18.49
CA GLN B 505 22.57 18.58 17.67
C GLN B 505 22.10 17.21 18.14
N ASN B 506 20.82 17.13 18.51
CA ASN B 506 20.10 15.95 19.02
C ASN B 506 20.33 15.75 20.51
N GLU B 507 20.88 16.74 21.20
CA GLU B 507 21.07 16.67 22.65
C GLU B 507 19.89 17.28 23.38
N TYR B 508 19.57 16.72 24.54
CA TYR B 508 18.44 17.16 25.35
C TYR B 508 18.92 17.37 26.78
N ALA B 509 18.84 18.61 27.25
CA ALA B 509 19.26 18.94 28.61
C ALA B 509 18.13 18.61 29.59
N LEU B 510 18.50 18.04 30.74
CA LEU B 510 17.53 17.58 31.72
C LEU B 510 17.60 18.35 33.03
N SER B 511 18.75 18.37 33.71
CA SER B 511 18.87 19.03 35.00
C SER B 511 19.97 20.09 34.93
N LEU B 512 19.98 20.94 35.95
CA LEU B 512 20.91 22.06 36.02
C LEU B 512 20.95 22.57 37.45
N VAL B 513 22.14 22.93 37.93
CA VAL B 513 22.32 23.38 39.30
C VAL B 513 23.58 24.25 39.36
N SER B 514 23.59 25.18 40.31
CA SER B 514 24.73 26.05 40.56
C SER B 514 25.10 25.89 42.04
N CYS B 515 26.34 25.48 42.29
CA CYS B 515 26.79 25.12 43.63
C CYS B 515 28.30 25.18 43.66
N LYS B 516 28.90 24.72 44.76
CA LYS B 516 30.34 24.73 44.94
C LYS B 516 30.88 23.31 44.81
N LEU B 517 32.00 23.19 44.12
CA LEU B 517 32.63 21.89 43.83
C LEU B 517 33.62 21.46 44.90
N GLY B 518 33.32 21.69 46.18
CA GLY B 518 34.19 21.25 47.25
C GLY B 518 35.18 22.29 47.73
N LYS B 519 36.42 22.19 47.27
CA LYS B 519 37.47 23.12 47.68
C LYS B 519 37.67 24.27 46.71
N ASP B 520 37.47 24.05 45.42
CA ASP B 520 37.65 25.10 44.42
C ASP B 520 36.59 26.18 44.59
N PRO B 521 36.95 27.40 44.98
CA PRO B 521 35.92 28.44 45.17
C PRO B 521 35.18 28.81 43.89
N ASN B 522 35.74 28.51 42.73
CA ASN B 522 35.06 28.76 41.46
C ASN B 522 33.67 28.14 41.45
N THR B 523 32.65 28.99 41.35
CA THR B 523 31.28 28.52 41.23
C THR B 523 31.01 28.11 39.79
N TYR B 524 30.34 26.98 39.62
CA TYR B 524 30.17 26.37 38.30
C TYR B 524 28.70 26.14 37.99
N PHE B 525 28.36 26.27 36.70
CA PHE B 525 27.07 25.84 36.18
C PHE B 525 27.22 24.44 35.63
N ILE B 526 26.40 23.51 36.11
CA ILE B 526 26.47 22.10 35.73
C ILE B 526 25.13 21.71 35.14
N VAL B 527 25.15 21.18 33.92
CA VAL B 527 23.95 20.78 33.19
C VAL B 527 24.02 19.29 32.92
N GLY B 528 22.94 18.59 33.20
CA GLY B 528 22.82 17.17 32.87
C GLY B 528 21.99 17.01 31.61
N THR B 529 22.52 16.24 30.67
CA THR B 529 21.92 16.10 29.35
C THR B 529 21.68 14.63 29.04
N ALA B 530 21.21 14.37 27.82
CA ALA B 530 20.95 13.02 27.34
C ALA B 530 21.32 12.98 25.86
N MET B 531 20.81 11.95 25.15
CA MET B 531 21.05 11.78 23.71
C MET B 531 19.83 11.08 23.12
N VAL B 532 18.76 11.85 22.93
CA VAL B 532 17.48 11.30 22.51
C VAL B 532 17.46 11.12 21.00
N TYR B 533 17.31 9.88 20.55
CA TYR B 533 17.01 9.53 19.17
C TYR B 533 15.69 8.78 19.12
N PRO B 534 14.99 8.80 17.98
CA PRO B 534 13.72 8.05 17.89
C PRO B 534 13.94 6.56 17.79
N GLU B 535 15.03 6.13 17.14
CA GLU B 535 15.33 4.71 16.99
C GLU B 535 15.75 4.09 18.32
N GLU B 536 16.21 4.89 19.26
CA GLU B 536 16.62 4.43 20.58
C GLU B 536 15.51 4.75 21.56
N ALA B 537 14.87 3.72 22.11
CA ALA B 537 13.80 3.95 23.08
C ALA B 537 14.33 4.22 24.48
N GLU B 538 15.56 3.78 24.76
CA GLU B 538 16.22 3.97 26.04
C GLU B 538 17.47 4.83 25.86
N PRO B 539 17.79 5.69 26.82
CA PRO B 539 18.98 6.55 26.67
C PRO B 539 20.25 5.73 26.85
N LYS B 540 21.06 5.65 25.79
CA LYS B 540 22.30 4.90 25.81
C LYS B 540 23.53 5.79 25.95
N GLN B 541 23.36 7.11 25.88
CA GLN B 541 24.47 8.04 26.00
C GLN B 541 23.97 9.29 26.70
N GLY B 542 24.86 10.25 26.91
CA GLY B 542 24.53 11.47 27.59
C GLY B 542 25.79 12.22 27.98
N ARG B 543 25.60 13.30 28.72
CA ARG B 543 26.73 14.12 29.13
C ARG B 543 26.39 14.88 30.41
N ILE B 544 27.42 15.14 31.20
CA ILE B 544 27.34 16.04 32.35
C ILE B 544 28.38 17.13 32.10
N VAL B 545 27.93 18.33 31.78
CA VAL B 545 28.81 19.40 31.34
C VAL B 545 28.88 20.44 32.45
N VAL B 546 30.10 20.91 32.75
CA VAL B 546 30.33 21.95 33.75
C VAL B 546 30.67 23.23 33.01
N PHE B 547 30.12 24.35 33.49
CA PHE B 547 30.27 25.64 32.86
C PHE B 547 30.69 26.67 33.90
N GLN B 548 31.31 27.75 33.42
CA GLN B 548 31.75 28.84 34.28
C GLN B 548 31.47 30.16 33.59
N TYR B 549 30.65 30.99 34.20
CA TYR B 549 30.34 32.32 33.69
C TYR B 549 30.89 33.35 34.69
N SER B 550 31.92 34.08 34.28
CA SER B 550 32.51 35.10 35.12
C SER B 550 33.10 36.22 34.26
N ASP B 551 33.81 35.85 33.20
CA ASP B 551 34.44 36.80 32.29
C ASP B 551 33.50 37.22 31.16
N GLY B 552 32.22 37.41 31.46
CA GLY B 552 31.25 37.81 30.46
C GLY B 552 30.97 36.76 29.39
N LYS B 553 31.36 35.51 29.62
CA LYS B 553 31.14 34.46 28.64
C LYS B 553 31.14 33.12 29.37
N LEU B 554 30.61 32.11 28.68
CA LEU B 554 30.56 30.77 29.23
C LEU B 554 31.85 30.03 28.90
N GLN B 555 32.32 29.21 29.83
CA GLN B 555 33.56 28.46 29.66
C GLN B 555 33.26 26.97 29.74
N THR B 556 33.79 26.21 28.79
CA THR B 556 33.63 24.76 28.76
C THR B 556 34.65 24.15 29.71
N VAL B 557 34.24 23.99 30.97
CA VAL B 557 35.13 23.46 32.00
C VAL B 557 35.00 21.94 32.04
N ALA B 558 35.34 21.29 30.94
CA ALA B 558 35.38 19.83 30.81
C ALA B 558 34.00 19.18 30.95
N GLU B 559 33.68 18.28 30.03
CA GLU B 559 32.43 17.52 30.08
C GLU B 559 32.76 16.04 30.21
N LYS B 560 31.92 15.32 30.95
CA LYS B 560 32.09 13.90 31.17
C LYS B 560 31.08 13.12 30.34
N GLU B 561 31.56 12.04 29.71
CA GLU B 561 30.72 11.21 28.84
C GLU B 561 30.20 10.03 29.64
N VAL B 562 28.91 10.04 29.95
CA VAL B 562 28.26 8.91 30.59
C VAL B 562 27.56 8.07 29.53
N LYS B 563 26.81 7.07 29.96
CA LYS B 563 26.08 6.18 29.05
C LYS B 563 24.61 6.13 29.44
N GLY B 564 23.96 7.29 29.41
CA GLY B 564 22.56 7.37 29.74
C GLY B 564 22.13 8.80 30.00
N ALA B 565 20.87 8.93 30.39
CA ALA B 565 20.30 10.24 30.65
C ALA B 565 20.62 10.70 32.07
N VAL B 566 20.89 11.99 32.22
CA VAL B 566 21.23 12.58 33.51
C VAL B 566 19.98 13.30 34.00
N TYR B 567 19.13 12.57 34.72
CA TYR B 567 17.81 13.08 35.08
C TYR B 567 17.91 14.19 36.13
N SER B 568 18.60 13.94 37.24
CA SER B 568 18.67 14.90 38.32
C SER B 568 20.09 14.97 38.87
N MET B 569 20.44 16.12 39.44
CA MET B 569 21.75 16.34 40.02
C MET B 569 21.61 17.21 41.27
N VAL B 570 22.41 16.91 42.29
CA VAL B 570 22.40 17.64 43.55
C VAL B 570 23.83 17.83 44.04
N GLU B 571 24.04 18.87 44.84
CA GLU B 571 25.30 19.09 45.53
C GLU B 571 25.27 18.32 46.84
N PHE B 572 26.08 17.26 46.94
CA PHE B 572 26.10 16.40 48.11
C PHE B 572 27.40 16.61 48.87
N ASN B 573 27.53 17.80 49.47
CA ASN B 573 28.68 18.17 50.29
C ASN B 573 29.99 17.99 49.55
N GLY B 574 30.34 18.95 48.69
CA GLY B 574 31.58 18.90 47.94
C GLY B 574 31.69 17.80 46.93
N LYS B 575 30.64 16.99 46.74
CA LYS B 575 30.66 15.88 45.80
C LYS B 575 29.45 16.00 44.89
N LEU B 576 29.66 15.81 43.59
CA LEU B 576 28.60 15.95 42.60
C LEU B 576 27.79 14.67 42.54
N LEU B 577 26.53 14.74 43.00
CA LEU B 577 25.61 13.62 42.92
C LEU B 577 24.88 13.64 41.59
N ALA B 578 24.96 12.53 40.86
CA ALA B 578 24.36 12.42 39.54
C ALA B 578 23.50 11.17 39.46
N SER B 579 22.57 11.17 38.51
CA SER B 579 21.68 10.04 38.28
C SER B 579 21.71 9.70 36.80
N ILE B 580 22.28 8.56 36.45
CA ILE B 580 22.34 8.08 35.07
C ILE B 580 21.43 6.87 34.98
N ASN B 581 20.24 7.07 34.43
CA ASN B 581 19.21 6.03 34.32
C ASN B 581 18.83 5.49 35.70
N SER B 582 19.40 4.34 36.07
CA SER B 582 19.18 3.75 37.38
C SER B 582 20.36 3.92 38.32
N THR B 583 21.57 4.13 37.79
CA THR B 583 22.78 4.23 38.61
C THR B 583 22.83 5.58 39.31
N VAL B 584 22.54 5.59 40.60
CA VAL B 584 22.86 6.74 41.44
C VAL B 584 24.36 6.73 41.69
N ARG B 585 25.01 7.87 41.47
CA ARG B 585 26.46 7.87 41.37
C ARG B 585 27.03 9.19 41.86
N LEU B 586 28.04 9.10 42.73
CA LEU B 586 28.72 10.27 43.26
C LEU B 586 29.96 10.57 42.43
N TYR B 587 30.09 11.82 42.00
CA TYR B 587 31.23 12.28 41.22
C TYR B 587 32.12 13.15 42.10
N GLU B 588 33.42 13.09 41.85
CA GLU B 588 34.41 13.78 42.67
C GLU B 588 35.12 14.83 41.83
N TRP B 589 35.08 16.08 42.29
CA TRP B 589 35.80 17.18 41.65
C TRP B 589 37.27 17.05 42.02
N THR B 590 38.11 16.72 41.03
CA THR B 590 39.54 16.57 41.26
C THR B 590 40.24 17.91 41.14
N THR B 591 41.50 17.95 41.59
CA THR B 591 42.32 19.15 41.45
C THR B 591 42.81 19.35 40.02
N GLU B 592 42.61 18.38 39.14
CA GLU B 592 42.97 18.51 37.73
C GLU B 592 41.81 19.04 36.88
N LYS B 593 40.84 19.72 37.51
CA LYS B 593 39.70 20.31 36.81
C LYS B 593 38.96 19.28 35.96
N GLU B 594 38.64 18.15 36.58
CA GLU B 594 37.93 17.05 35.92
C GLU B 594 37.15 16.28 36.98
N LEU B 595 36.29 15.37 36.52
CA LEU B 595 35.41 14.60 37.40
C LEU B 595 35.77 13.12 37.37
N ARG B 596 35.86 12.52 38.55
CA ARG B 596 36.15 11.10 38.72
C ARG B 596 34.98 10.43 39.44
N THR B 597 34.72 9.18 39.06
CA THR B 597 33.62 8.42 39.65
C THR B 597 34.04 7.87 41.01
N GLU B 598 33.39 8.34 42.08
CA GLU B 598 33.70 7.85 43.42
C GLU B 598 33.07 6.47 43.67
N CYS B 599 31.75 6.44 43.79
CA CYS B 599 31.03 5.21 44.12
C CYS B 599 29.62 5.28 43.56
N ASN B 600 29.13 4.13 43.08
CA ASN B 600 27.79 4.01 42.52
C ASN B 600 26.92 3.15 43.40
N HIS B 601 25.64 3.52 43.51
CA HIS B 601 24.62 2.71 44.16
C HIS B 601 23.62 2.28 43.08
N TYR B 602 23.85 1.10 42.51
CA TYR B 602 22.99 0.60 41.45
C TYR B 602 21.57 0.37 41.98
N ASN B 603 20.59 0.50 41.08
CA ASN B 603 19.19 0.41 41.46
C ASN B 603 18.43 -0.33 40.37
N ASN B 604 17.20 -0.74 40.71
CA ASN B 604 16.33 -1.41 39.75
C ASN B 604 15.40 -0.44 39.05
N ILE B 605 15.02 0.66 39.71
CA ILE B 605 14.15 1.65 39.11
C ILE B 605 15.00 2.75 38.48
N MET B 606 14.37 3.52 37.59
CA MET B 606 15.05 4.62 36.92
C MET B 606 15.16 5.80 37.89
N ALA B 607 16.40 6.20 38.20
CA ALA B 607 16.64 7.29 39.15
C ALA B 607 16.32 8.62 38.48
N LEU B 608 15.04 8.97 38.51
CA LEU B 608 14.58 10.25 37.96
C LEU B 608 14.74 11.38 38.98
N TYR B 609 14.08 11.26 40.12
CA TYR B 609 14.14 12.25 41.18
C TYR B 609 15.34 11.98 42.08
N LEU B 610 15.86 13.05 42.68
CA LEU B 610 17.04 12.95 43.53
C LEU B 610 17.08 14.17 44.44
N LYS B 611 16.87 13.95 45.73
CA LYS B 611 16.91 15.01 46.74
C LYS B 611 17.74 14.53 47.93
N THR B 612 18.51 15.45 48.51
CA THR B 612 19.35 15.14 49.65
C THR B 612 18.97 16.00 50.85
N LYS B 613 19.38 15.54 52.04
CA LYS B 613 19.13 16.23 53.30
C LYS B 613 20.31 15.95 54.24
N GLY B 614 21.45 16.54 53.91
CA GLY B 614 22.65 16.32 54.69
C GLY B 614 23.45 15.13 54.22
N ASP B 615 23.19 13.96 54.80
CA ASP B 615 23.82 12.72 54.41
C ASP B 615 22.84 11.74 53.77
N PHE B 616 21.55 12.07 53.75
CA PHE B 616 20.55 11.20 53.14
C PHE B 616 20.48 11.43 51.64
N ILE B 617 19.81 10.50 50.96
CA ILE B 617 19.52 10.59 49.54
C ILE B 617 18.13 10.01 49.32
N LEU B 618 17.29 10.74 48.59
CA LEU B 618 15.92 10.31 48.32
C LEU B 618 15.78 10.10 46.81
N VAL B 619 15.73 8.84 46.39
CA VAL B 619 15.60 8.46 44.99
C VAL B 619 14.16 8.04 44.73
N GLY B 620 13.63 8.45 43.57
CA GLY B 620 12.29 8.04 43.17
C GLY B 620 12.18 8.01 41.67
N ASP B 621 11.21 7.23 41.19
CA ASP B 621 10.92 7.11 39.76
C ASP B 621 9.52 7.66 39.50
N LEU B 622 9.10 7.56 38.23
CA LEU B 622 7.81 8.08 37.82
C LEU B 622 6.64 7.33 38.44
N MET B 623 6.87 6.16 39.02
CA MET B 623 5.81 5.31 39.56
C MET B 623 5.84 5.23 41.08
N ARG B 624 6.05 6.37 41.74
CA ARG B 624 5.92 6.49 43.20
C ARG B 624 6.87 5.57 43.97
N SER B 625 7.92 5.07 43.33
CA SER B 625 8.83 4.15 44.00
C SER B 625 9.78 4.97 44.85
N VAL B 626 9.39 5.22 46.10
CA VAL B 626 10.22 5.97 47.03
C VAL B 626 11.32 5.05 47.55
N LEU B 627 12.56 5.54 47.55
CA LEU B 627 13.71 4.73 47.90
C LEU B 627 14.69 5.60 48.68
N LEU B 628 14.83 5.33 49.97
CA LEU B 628 15.65 6.13 50.87
C LEU B 628 17.03 5.48 51.03
N LEU B 629 18.07 6.22 50.63
CA LEU B 629 19.44 5.76 50.77
C LEU B 629 20.10 6.45 51.97
N ALA B 630 21.39 6.18 52.15
CA ALA B 630 22.14 6.78 53.25
C ALA B 630 23.62 6.62 52.97
N TYR B 631 24.34 7.72 52.92
CA TYR B 631 25.78 7.73 52.65
C TYR B 631 26.54 7.67 53.96
N LYS B 632 27.35 6.63 54.13
CA LYS B 632 28.17 6.49 55.33
C LYS B 632 29.56 7.01 55.03
N PRO B 633 30.00 8.08 55.69
CA PRO B 633 31.32 8.66 55.33
C PRO B 633 32.49 7.72 55.56
N MET B 634 32.51 6.99 56.68
CA MET B 634 33.60 6.06 56.93
C MET B 634 33.62 4.92 55.92
N GLU B 635 32.44 4.41 55.55
CA GLU B 635 32.35 3.37 54.53
C GLU B 635 32.66 3.93 53.14
N GLY B 636 32.40 5.21 52.91
CA GLY B 636 32.63 5.81 51.61
C GLY B 636 31.74 5.28 50.50
N ASN B 637 30.49 4.98 50.81
CA ASN B 637 29.56 4.43 49.82
C ASN B 637 28.15 4.58 50.35
N PHE B 638 27.19 4.54 49.43
CA PHE B 638 25.79 4.56 49.83
C PHE B 638 25.33 3.16 50.24
N GLU B 639 24.30 3.13 51.07
CA GLU B 639 23.72 1.87 51.54
C GLU B 639 22.22 2.06 51.66
N GLU B 640 21.45 1.11 51.13
CA GLU B 640 20.00 1.22 51.18
C GLU B 640 19.51 1.11 52.62
N ILE B 641 18.69 2.09 53.03
CA ILE B 641 18.18 2.12 54.39
C ILE B 641 16.70 1.72 54.46
N ALA B 642 15.92 2.01 53.43
CA ALA B 642 14.49 1.68 53.41
C ALA B 642 13.97 1.90 51.99
N ARG B 643 12.74 1.46 51.77
CA ARG B 643 12.05 1.66 50.50
C ARG B 643 10.56 1.48 50.74
N ASP B 644 9.77 1.97 49.78
CA ASP B 644 8.31 1.84 49.87
C ASP B 644 7.74 2.06 48.46
N PHE B 645 7.55 0.96 47.72
CA PHE B 645 6.95 1.01 46.40
C PHE B 645 5.43 0.96 46.51
N ASN B 646 4.76 1.75 45.66
CA ASN B 646 3.31 1.80 45.61
C ASN B 646 2.90 2.35 44.25
N PRO B 647 2.94 1.51 43.19
CA PRO B 647 2.76 1.99 41.81
C PRO B 647 1.68 3.04 41.60
N ASN B 648 2.10 4.29 41.41
CA ASN B 648 1.20 5.38 41.06
C ASN B 648 2.04 6.50 40.47
N TRP B 649 1.42 7.28 39.58
CA TRP B 649 2.13 8.33 38.87
C TRP B 649 2.51 9.45 39.83
N MET B 650 3.81 9.63 40.07
CA MET B 650 4.32 10.66 40.95
C MET B 650 4.83 11.83 40.11
N SER B 651 4.41 13.04 40.48
CA SER B 651 4.78 14.23 39.72
C SER B 651 6.02 14.93 40.29
N ALA B 652 6.14 15.00 41.61
CA ALA B 652 7.29 15.64 42.25
C ALA B 652 7.38 15.14 43.68
N VAL B 653 8.57 15.25 44.26
CA VAL B 653 8.82 14.77 45.61
C VAL B 653 9.90 15.63 46.24
N GLU B 654 9.75 15.90 47.53
CA GLU B 654 10.70 16.72 48.27
C GLU B 654 10.85 16.16 49.68
N ILE B 655 11.89 16.62 50.37
CA ILE B 655 12.22 16.16 51.72
C ILE B 655 11.74 17.19 52.72
N LEU B 656 10.81 16.80 53.58
CA LEU B 656 10.36 17.69 54.65
C LEU B 656 11.46 17.87 55.69
N ASP B 657 11.94 16.77 56.26
CA ASP B 657 13.05 16.81 57.21
C ASP B 657 13.74 15.45 57.16
N ASP B 658 14.52 15.14 58.20
CA ASP B 658 15.28 13.89 58.21
C ASP B 658 14.39 12.66 58.22
N ASP B 659 13.15 12.79 58.69
CA ASP B 659 12.23 11.67 58.79
C ASP B 659 11.18 11.69 57.68
N ASN B 660 10.35 12.73 57.65
CA ASN B 660 9.21 12.77 56.74
C ASN B 660 9.66 13.13 55.31
N PHE B 661 8.83 12.73 54.34
CA PHE B 661 9.04 13.07 52.94
C PHE B 661 7.70 13.43 52.33
N LEU B 662 7.72 14.35 51.37
CA LEU B 662 6.51 14.88 50.75
C LEU B 662 6.58 14.78 49.23
N GLY B 663 5.47 14.40 48.62
CA GLY B 663 5.38 14.35 47.17
C GLY B 663 3.96 14.44 46.69
N ALA B 664 3.80 14.81 45.42
CA ALA B 664 2.49 14.87 44.79
C ALA B 664 2.37 13.71 43.79
N GLU B 665 1.22 13.05 43.80
CA GLU B 665 1.03 11.82 43.04
C GLU B 665 -0.31 11.84 42.32
N ASN B 666 -0.67 10.67 41.77
CA ASN B 666 -1.92 10.35 41.08
C ASN B 666 -2.57 11.54 40.38
N ALA B 667 -3.80 11.85 40.78
CA ALA B 667 -4.57 12.89 40.13
C ALA B 667 -4.06 14.26 40.54
N PHE B 668 -4.49 14.73 41.70
CA PHE B 668 -4.04 16.01 42.25
C PHE B 668 -3.92 15.89 43.77
N ASN B 669 -3.18 14.89 44.22
CA ASN B 669 -3.05 14.57 45.63
C ASN B 669 -1.62 14.82 46.11
N LEU B 670 -1.48 14.89 47.43
CA LEU B 670 -0.19 15.08 48.09
C LEU B 670 -0.03 14.02 49.17
N PHE B 671 1.09 13.33 49.17
CA PHE B 671 1.36 12.27 50.12
C PHE B 671 2.53 12.65 51.02
N VAL B 672 2.55 12.07 52.22
CA VAL B 672 3.62 12.30 53.20
C VAL B 672 3.95 10.96 53.84
N CYS B 673 5.13 10.41 53.52
CA CYS B 673 5.65 9.21 54.16
C CYS B 673 6.76 9.58 55.13
N GLN B 674 6.99 8.69 56.10
CA GLN B 674 7.99 8.91 57.13
C GLN B 674 8.64 7.57 57.47
N LYS B 675 9.60 7.62 58.41
CA LYS B 675 10.25 6.42 58.90
C LYS B 675 9.57 5.90 60.16
N ASP B 676 9.65 4.58 60.35
CA ASP B 676 8.98 3.90 61.43
C ASP B 676 9.69 4.15 62.76
N SER B 677 9.05 3.74 63.84
CA SER B 677 9.62 3.88 65.18
C SER B 677 10.49 2.67 65.51
N THR B 680 12.15 -1.70 65.10
CA THR B 680 12.91 -2.70 65.85
C THR B 680 13.30 -3.88 64.95
N THR B 681 12.53 -4.08 63.88
CA THR B 681 12.77 -5.15 62.93
C THR B 681 13.55 -4.63 61.74
N ASP B 682 14.35 -5.52 61.14
CA ASP B 682 15.06 -5.14 59.92
C ASP B 682 14.10 -4.92 58.76
N GLU B 683 12.97 -5.62 58.74
CA GLU B 683 11.95 -5.41 57.71
C GLU B 683 10.94 -4.32 58.06
N GLU B 684 10.87 -3.90 59.31
CA GLU B 684 9.93 -2.83 59.67
C GLU B 684 10.59 -1.46 59.71
N ARG B 685 11.88 -1.40 60.01
CA ARG B 685 12.63 -0.15 59.89
C ARG B 685 12.98 0.15 58.43
N GLN B 686 12.77 -0.81 57.54
CA GLN B 686 13.03 -0.65 56.11
C GLN B 686 11.75 -0.42 55.32
N HIS B 687 10.62 -0.19 55.99
CA HIS B 687 9.33 0.05 55.35
C HIS B 687 8.84 1.44 55.73
N LEU B 688 8.96 2.40 54.82
CA LEU B 688 8.56 3.77 55.08
C LEU B 688 7.05 3.85 55.21
N GLN B 689 6.57 4.28 56.38
CA GLN B 689 5.14 4.37 56.64
C GLN B 689 4.59 5.68 56.09
N GLU B 690 3.45 5.60 55.41
CA GLU B 690 2.76 6.78 54.88
C GLU B 690 1.79 7.32 55.93
N VAL B 691 1.85 8.64 56.16
CA VAL B 691 1.03 9.26 57.19
C VAL B 691 0.20 10.43 56.69
N GLY B 692 0.57 11.10 55.60
CA GLY B 692 -0.18 12.24 55.12
C GLY B 692 -0.86 12.01 53.79
N LEU B 693 -2.18 12.16 53.73
CA LEU B 693 -2.95 12.02 52.50
C LEU B 693 -3.84 13.23 52.34
N PHE B 694 -3.70 13.94 51.22
CA PHE B 694 -4.45 15.17 50.98
C PHE B 694 -4.62 15.37 49.49
N HIS B 695 -5.83 15.75 49.09
CA HIS B 695 -6.13 16.12 47.70
C HIS B 695 -5.95 17.62 47.55
N LEU B 696 -4.78 18.02 47.05
CA LEU B 696 -4.48 19.45 46.91
C LEU B 696 -5.41 20.10 45.88
N GLY B 697 -5.50 19.51 44.68
CA GLY B 697 -6.27 20.08 43.60
C GLY B 697 -5.44 20.60 42.45
N GLU B 698 -4.11 20.50 42.53
CA GLU B 698 -3.22 20.99 41.49
C GLU B 698 -2.15 19.95 41.20
N PHE B 699 -1.55 20.06 40.01
CA PHE B 699 -0.49 19.15 39.58
C PHE B 699 0.85 19.81 39.86
N VAL B 700 1.52 19.35 40.90
CA VAL B 700 2.77 19.96 41.37
C VAL B 700 3.93 19.41 40.55
N ASN B 701 4.68 20.31 39.90
CA ASN B 701 5.83 19.90 39.10
C ASN B 701 7.16 20.10 39.79
N VAL B 702 7.25 20.96 40.79
CA VAL B 702 8.51 21.22 41.46
C VAL B 702 8.24 21.81 42.84
N PHE B 703 8.98 21.31 43.83
CA PHE B 703 9.03 21.88 45.17
C PHE B 703 10.29 22.72 45.34
N CYS B 704 10.21 23.71 46.22
CA CYS B 704 11.37 24.55 46.50
C CYS B 704 11.30 25.01 47.94
N HIS B 705 12.47 25.11 48.58
CA HIS B 705 12.56 25.47 49.98
C HIS B 705 12.76 26.98 50.12
N GLY B 706 11.95 27.59 50.96
CA GLY B 706 12.05 29.02 51.21
C GLY B 706 10.70 29.58 51.60
N SER B 707 10.71 30.88 51.93
CA SER B 707 9.50 31.58 52.33
C SER B 707 9.58 33.02 51.81
N LEU B 708 8.48 33.75 51.99
CA LEU B 708 8.41 35.13 51.55
C LEU B 708 8.00 36.06 52.70
N PRO B 719 6.70 28.05 66.90
CA PRO B 719 5.56 28.16 65.98
C PRO B 719 5.50 26.98 65.00
N THR B 720 5.65 27.28 63.71
CA THR B 720 5.72 26.26 62.68
C THR B 720 7.18 26.05 62.26
N GLN B 721 7.44 24.95 61.57
CA GLN B 721 8.78 24.64 61.13
C GLN B 721 8.75 24.14 59.69
N GLY B 722 9.75 24.55 58.92
CA GLY B 722 9.87 24.14 57.54
C GLY B 722 8.95 24.90 56.61
N SER B 723 9.52 25.56 55.61
CA SER B 723 8.75 26.30 54.61
C SER B 723 9.16 25.82 53.24
N VAL B 724 8.26 25.11 52.56
CA VAL B 724 8.49 24.62 51.20
C VAL B 724 7.35 25.12 50.31
N LEU B 725 7.72 25.66 49.15
CA LEU B 725 6.76 26.17 48.18
C LEU B 725 6.80 25.32 46.93
N PHE B 726 5.68 25.32 46.20
CA PHE B 726 5.57 24.52 44.99
C PHE B 726 4.88 25.31 43.88
N GLY B 727 5.21 24.96 42.64
CA GLY B 727 4.60 25.58 41.48
C GLY B 727 3.89 24.54 40.63
N THR B 728 2.65 24.84 40.24
CA THR B 728 1.79 23.89 39.57
C THR B 728 1.61 24.28 38.10
N VAL B 729 0.73 23.54 37.41
CA VAL B 729 0.48 23.81 36.00
C VAL B 729 -0.51 24.95 35.84
N ASN B 730 -1.49 25.04 36.73
CA ASN B 730 -2.48 26.12 36.69
C ASN B 730 -1.97 27.42 37.30
N GLY B 731 -0.67 27.53 37.57
CA GLY B 731 -0.10 28.74 38.11
C GLY B 731 -0.19 28.90 39.61
N MET B 732 -0.95 28.04 40.30
CA MET B 732 -1.13 28.18 41.73
C MET B 732 0.18 27.90 42.47
N ILE B 733 0.46 28.69 43.49
CA ILE B 733 1.63 28.52 44.34
C ILE B 733 1.14 28.33 45.78
N GLY B 734 1.68 27.33 46.47
CA GLY B 734 1.27 27.03 47.82
C GLY B 734 2.45 26.72 48.70
N LEU B 735 2.24 26.89 50.01
CA LEU B 735 3.26 26.66 51.02
C LEU B 735 2.86 25.50 51.91
N VAL B 736 3.83 24.63 52.22
CA VAL B 736 3.62 23.47 53.09
C VAL B 736 4.51 23.63 54.30
N THR B 737 3.92 23.64 55.49
CA THR B 737 4.66 23.75 56.73
C THR B 737 4.19 22.67 57.70
N SER B 738 4.99 22.45 58.74
CA SER B 738 4.71 21.43 59.74
C SER B 738 4.05 22.04 60.96
N LEU B 739 3.45 21.17 61.78
CA LEU B 739 2.76 21.60 62.98
C LEU B 739 3.00 20.60 64.10
N SER B 740 2.87 21.06 65.34
CA SER B 740 2.93 20.18 66.49
C SER B 740 1.64 19.39 66.61
N GLU B 741 1.70 18.30 67.40
CA GLU B 741 0.53 17.45 67.58
C GLU B 741 -0.59 18.20 68.30
N SER B 742 -0.25 19.17 69.14
CA SER B 742 -1.27 19.97 69.82
C SER B 742 -2.00 20.86 68.83
N TRP B 743 -1.26 21.62 68.03
CA TRP B 743 -1.89 22.50 67.05
C TRP B 743 -2.62 21.70 65.97
N TYR B 744 -2.07 20.55 65.60
CA TYR B 744 -2.72 19.72 64.59
C TYR B 744 -4.06 19.21 65.09
N ASN B 745 -4.10 18.67 66.31
CA ASN B 745 -5.35 18.17 66.86
C ASN B 745 -6.35 19.30 67.07
N LEU B 746 -5.88 20.52 67.34
CA LEU B 746 -6.77 21.66 67.50
C LEU B 746 -7.28 22.13 66.14
N LEU B 747 -6.38 22.30 65.17
CA LEU B 747 -6.79 22.75 63.85
C LEU B 747 -7.71 21.73 63.18
N LEU B 748 -7.44 20.44 63.38
CA LEU B 748 -8.32 19.42 62.83
C LEU B 748 -9.71 19.47 63.47
N ASP B 749 -9.78 19.86 64.74
CA ASP B 749 -11.08 20.02 65.39
C ASP B 749 -11.80 21.25 64.85
N MET B 750 -11.06 22.33 64.58
CA MET B 750 -11.66 23.54 64.05
C MET B 750 -12.21 23.32 62.64
N GLN B 751 -11.46 22.59 61.80
CA GLN B 751 -11.88 22.37 60.42
C GLN B 751 -13.26 21.73 60.35
N ASN B 752 -13.52 20.72 61.20
CA ASN B 752 -14.83 20.08 61.21
C ASN B 752 -15.91 21.03 61.70
N ARG B 753 -15.58 21.93 62.63
CA ARG B 753 -16.54 22.93 63.09
C ARG B 753 -16.67 24.08 62.12
N LEU B 754 -15.58 24.46 61.44
CA LEU B 754 -15.63 25.54 60.47
C LEU B 754 -16.61 25.23 59.34
N ASN B 755 -16.65 23.98 58.90
CA ASN B 755 -17.52 23.58 57.79
C ASN B 755 -18.97 23.34 58.22
N LYS B 756 -19.35 23.76 59.42
CA LYS B 756 -20.74 23.69 59.85
C LYS B 756 -21.47 25.02 59.73
N VAL B 757 -20.74 26.13 59.60
CA VAL B 757 -21.34 27.44 59.45
C VAL B 757 -21.00 28.03 58.08
N ILE B 758 -19.80 27.73 57.58
CA ILE B 758 -19.37 28.27 56.29
C ILE B 758 -20.20 27.67 55.17
N LYS B 759 -20.78 28.53 54.33
CA LYS B 759 -21.53 28.07 53.18
C LYS B 759 -20.62 27.77 52.00
N SER B 760 -20.85 26.64 51.35
CA SER B 760 -20.09 26.24 50.18
C SER B 760 -20.83 26.64 48.91
N VAL B 761 -20.08 26.68 47.80
CA VAL B 761 -20.62 27.13 46.52
C VAL B 761 -21.67 26.15 46.02
N GLY B 762 -21.25 24.92 45.69
CA GLY B 762 -22.16 23.92 45.18
C GLY B 762 -22.66 22.96 46.24
N LYS B 763 -22.66 23.40 47.50
CA LYS B 763 -23.03 22.56 48.63
C LYS B 763 -22.25 21.25 48.63
N ILE B 764 -20.93 21.39 48.58
CA ILE B 764 -20.00 20.26 48.49
C ILE B 764 -19.27 20.14 49.82
N GLU B 765 -19.31 18.96 50.41
CA GLU B 765 -18.58 18.71 51.66
C GLU B 765 -17.08 18.89 51.44
N HIS B 766 -16.43 19.54 52.40
CA HIS B 766 -15.00 19.79 52.27
C HIS B 766 -14.19 18.50 52.38
N SER B 767 -14.56 17.63 53.32
CA SER B 767 -13.85 16.35 53.47
C SER B 767 -13.90 15.54 52.18
N PHE B 768 -15.04 15.57 51.48
CA PHE B 768 -15.14 14.87 50.20
C PHE B 768 -14.16 15.45 49.18
N TRP B 769 -13.96 16.77 49.22
CA TRP B 769 -13.09 17.41 48.23
C TRP B 769 -11.62 17.12 48.52
N ARG B 770 -11.22 17.19 49.79
CA ARG B 770 -9.84 16.93 50.17
C ARG B 770 -9.52 15.44 50.25
N SER B 771 -10.51 14.57 50.07
CA SER B 771 -10.27 13.14 50.16
C SER B 771 -9.34 12.67 49.05
N PHE B 772 -8.47 11.72 49.38
CA PHE B 772 -7.51 11.20 48.42
C PHE B 772 -8.23 10.53 47.26
N HIS B 773 -8.15 11.13 46.08
CA HIS B 773 -8.88 10.65 44.90
C HIS B 773 -7.92 10.31 43.77
N THR B 774 -7.98 9.05 43.29
CA THR B 774 -7.34 8.67 42.05
C THR B 774 -8.40 8.56 40.94
N GLU B 775 -8.29 7.51 40.12
CA GLU B 775 -9.32 7.12 39.18
C GLU B 775 -10.19 5.98 39.68
N ARG B 776 -9.78 5.29 40.74
CA ARG B 776 -10.48 4.18 41.38
C ARG B 776 -10.48 4.25 42.90
N LYS B 777 -9.33 4.54 43.51
CA LYS B 777 -9.24 4.65 44.96
C LYS B 777 -9.87 5.95 45.44
N THR B 778 -10.67 5.86 46.50
CA THR B 778 -11.30 7.03 47.11
C THR B 778 -11.26 6.84 48.62
N GLU B 779 -10.31 7.50 49.29
CA GLU B 779 -10.13 7.43 50.74
C GLU B 779 -10.21 8.81 51.37
N PRO B 780 -10.80 8.93 52.56
CA PRO B 780 -10.85 10.24 53.23
C PRO B 780 -9.45 10.74 53.56
N ALA B 781 -9.32 12.07 53.60
CA ALA B 781 -8.02 12.69 53.84
C ALA B 781 -7.57 12.52 55.29
N THR B 782 -6.26 12.52 55.48
CA THR B 782 -5.67 12.39 56.81
C THR B 782 -4.22 12.84 56.77
N GLY B 783 -3.77 13.43 57.88
CA GLY B 783 -2.41 13.89 58.00
C GLY B 783 -2.14 15.28 57.48
N PHE B 784 -3.16 16.02 57.07
CA PHE B 784 -2.97 17.35 56.50
C PHE B 784 -4.09 18.28 56.98
N ILE B 785 -3.82 19.58 56.94
CA ILE B 785 -4.76 20.60 57.35
C ILE B 785 -4.82 21.67 56.26
N ASP B 786 -6.03 21.97 55.80
CA ASP B 786 -6.23 22.93 54.71
C ASP B 786 -6.08 24.35 55.25
N GLY B 787 -5.00 25.02 54.88
CA GLY B 787 -4.79 26.39 55.33
C GLY B 787 -5.84 27.34 54.80
N ASP B 788 -6.29 27.13 53.55
CA ASP B 788 -7.33 27.97 52.99
C ASP B 788 -8.62 27.89 53.77
N LEU B 789 -8.88 26.74 54.40
CA LEU B 789 -10.03 26.61 55.28
C LEU B 789 -9.78 27.19 56.67
N ILE B 790 -8.52 27.29 57.08
CA ILE B 790 -8.21 27.88 58.37
C ILE B 790 -8.24 29.40 58.30
N GLU B 791 -7.69 29.98 57.24
CA GLU B 791 -7.69 31.43 57.06
C GLU B 791 -9.04 31.97 56.60
N SER B 792 -10.09 31.14 56.64
CA SER B 792 -11.45 31.60 56.39
C SER B 792 -12.22 31.86 57.69
N PHE B 793 -11.54 31.77 58.83
CA PHE B 793 -12.18 32.10 60.10
C PHE B 793 -12.19 33.61 60.35
N LEU B 794 -11.26 34.35 59.75
CA LEU B 794 -11.23 35.80 59.91
C LEU B 794 -12.32 36.47 59.10
N ASP B 795 -12.73 35.88 57.98
CA ASP B 795 -13.73 36.46 57.11
C ASP B 795 -15.15 36.09 57.50
N ILE B 796 -15.33 35.34 58.59
CA ILE B 796 -16.66 34.96 59.05
C ILE B 796 -17.12 35.95 60.12
N SER B 797 -18.43 35.95 60.36
CA SER B 797 -19.02 36.88 61.30
C SER B 797 -18.86 36.37 62.73
N ARG B 798 -19.21 37.24 63.70
CA ARG B 798 -19.12 36.97 65.13
C ARG B 798 -20.11 35.91 65.61
N PRO B 799 -21.39 35.93 65.18
CA PRO B 799 -22.29 34.84 65.57
C PRO B 799 -21.76 33.46 65.22
N LYS B 800 -21.02 33.33 64.12
CA LYS B 800 -20.41 32.06 63.79
C LYS B 800 -19.00 31.92 64.35
N MET B 801 -18.34 33.04 64.68
CA MET B 801 -17.03 32.98 65.31
C MET B 801 -17.12 32.40 66.71
N GLN B 802 -18.23 32.62 67.40
CA GLN B 802 -18.40 32.11 68.76
C GLN B 802 -19.17 30.80 68.82
N GLU B 803 -19.89 30.44 67.75
CA GLU B 803 -20.62 29.18 67.74
C GLU B 803 -19.67 28.00 67.60
N VAL B 804 -18.62 28.15 66.78
CA VAL B 804 -17.66 27.07 66.57
C VAL B 804 -16.80 26.85 67.81
N VAL B 805 -16.30 27.93 68.41
CA VAL B 805 -15.39 27.79 69.53
C VAL B 805 -16.10 27.34 70.80
N ALA B 806 -17.38 26.97 70.71
CA ALA B 806 -18.09 26.49 71.89
C ALA B 806 -17.63 25.08 72.22
N ASN B 807 -17.47 24.80 73.51
CA ASN B 807 -16.99 23.51 74.01
C ASN B 807 -15.75 23.05 73.24
N LEU B 808 -14.65 23.73 73.52
CA LEU B 808 -13.38 23.44 72.87
C LEU B 808 -12.20 23.81 73.78
N ALA B 822 -12.83 33.25 72.52
CA ALA B 822 -12.92 33.63 71.11
C ALA B 822 -11.62 34.26 70.63
N ASP B 823 -11.10 35.21 71.42
CA ASP B 823 -9.86 35.88 71.08
C ASP B 823 -8.68 34.90 70.97
N ASP B 824 -8.75 33.78 71.70
CA ASP B 824 -7.69 32.78 71.64
C ASP B 824 -7.51 32.26 70.22
N LEU B 825 -8.60 32.02 69.49
CA LEU B 825 -8.48 31.53 68.12
C LEU B 825 -7.97 32.62 67.18
N ILE B 826 -8.29 33.89 67.46
CA ILE B 826 -7.84 34.99 66.61
C ILE B 826 -6.32 35.04 66.57
N LYS B 827 -5.67 34.93 67.74
CA LYS B 827 -4.22 34.97 67.80
C LYS B 827 -3.59 33.85 66.98
N VAL B 828 -4.16 32.65 67.06
CA VAL B 828 -3.62 31.51 66.30
C VAL B 828 -3.69 31.78 64.80
N VAL B 829 -4.87 32.15 64.31
CA VAL B 829 -5.07 32.40 62.89
C VAL B 829 -4.18 33.56 62.42
N GLU B 830 -4.04 34.60 63.24
CA GLU B 830 -3.22 35.74 62.86
C GLU B 830 -1.78 35.35 62.63
N GLU B 831 -1.20 34.55 63.54
CA GLU B 831 0.18 34.11 63.37
C GLU B 831 0.36 33.28 62.10
N LEU B 832 -0.58 32.37 61.84
CA LEU B 832 -0.50 31.52 60.66
C LEU B 832 -0.61 32.34 59.37
N THR B 833 -1.37 33.44 59.41
CA THR B 833 -1.56 34.26 58.21
C THR B 833 -0.24 34.82 57.68
N ARG B 834 0.75 34.99 58.55
CA ARG B 834 2.04 35.54 58.11
C ARG B 834 2.73 34.61 57.10
N ILE B 835 2.44 33.32 57.16
CA ILE B 835 3.03 32.36 56.24
C ILE B 835 2.45 32.55 54.84
N LYS C 13 0.80 -50.08 45.93
CA LYS C 13 2.03 -50.80 45.62
C LYS C 13 1.96 -51.46 44.25
N HIS C 14 2.57 -52.64 44.13
CA HIS C 14 2.61 -53.40 42.88
C HIS C 14 3.24 -52.58 41.75
N LYS C 15 4.26 -51.80 42.09
CA LYS C 15 4.88 -50.88 41.13
C LYS C 15 6.09 -51.52 40.47
N CYS C 16 6.32 -51.14 39.21
CA CYS C 16 7.49 -51.61 38.48
C CYS C 16 8.75 -50.98 39.05
N LYS C 17 9.88 -51.67 38.87
CA LYS C 17 11.15 -51.23 39.44
C LYS C 17 12.14 -50.83 38.35
N TYR C 18 11.62 -50.43 37.18
CA TYR C 18 12.46 -49.96 36.08
C TYR C 18 11.95 -48.62 35.60
N CYS C 19 10.88 -48.64 34.80
CA CYS C 19 10.21 -47.41 34.36
C CYS C 19 9.35 -46.79 35.45
N SER C 20 9.21 -47.45 36.60
CA SER C 20 8.44 -46.96 37.75
C SER C 20 6.95 -46.87 37.45
N LYS C 21 6.47 -47.72 36.54
CA LYS C 21 5.04 -47.79 36.26
C LYS C 21 4.30 -48.52 37.38
N VAL C 22 3.09 -48.03 37.69
CA VAL C 22 2.28 -48.59 38.76
C VAL C 22 1.21 -49.49 38.16
N PHE C 23 1.01 -50.66 38.78
CA PHE C 23 0.00 -51.61 38.36
C PHE C 23 -0.88 -51.96 39.55
N GLY C 24 -2.11 -52.39 39.26
CA GLY C 24 -3.05 -52.69 40.32
C GLY C 24 -2.84 -54.04 41.00
N THR C 25 -2.27 -55.00 40.27
CA THR C 25 -2.07 -56.35 40.80
C THR C 25 -0.63 -56.79 40.57
N ASP C 26 -0.20 -57.77 41.36
CA ASP C 26 1.12 -58.35 41.20
C ASP C 26 1.20 -59.24 39.95
N SER C 27 0.05 -59.64 39.39
CA SER C 27 0.07 -60.47 38.19
C SER C 27 0.45 -59.64 36.97
N SER C 28 -0.29 -58.55 36.73
CA SER C 28 0.06 -57.65 35.63
C SER C 28 1.43 -57.02 35.83
N LEU C 29 1.93 -56.95 37.06
CA LEU C 29 3.27 -56.44 37.31
C LEU C 29 4.32 -57.36 36.69
N GLN C 30 4.29 -58.65 37.06
CA GLN C 30 5.26 -59.59 36.51
C GLN C 30 5.03 -59.84 35.03
N ILE C 31 3.82 -59.58 34.53
CA ILE C 31 3.57 -59.65 33.10
C ILE C 31 4.37 -58.58 32.38
N HIS C 32 4.51 -57.40 33.00
CA HIS C 32 5.26 -56.29 32.41
C HIS C 32 6.76 -56.39 32.66
N LEU C 33 7.18 -56.97 33.80
CA LEU C 33 8.58 -56.89 34.20
C LEU C 33 9.51 -57.47 33.14
N ARG C 34 9.13 -58.61 32.54
CA ARG C 34 9.97 -59.26 31.54
C ARG C 34 9.74 -58.65 30.16
N SER C 35 10.00 -57.34 30.07
CA SER C 35 9.87 -56.61 28.83
C SER C 35 10.94 -55.55 28.60
N HIS C 36 11.54 -54.98 29.65
CA HIS C 36 12.60 -53.99 29.47
C HIS C 36 13.92 -54.65 29.12
N THR C 37 14.44 -55.47 30.04
CA THR C 37 15.70 -56.24 29.94
C THR C 37 16.52 -56.02 28.67
N GLY C 38 17.58 -55.23 28.79
CA GLY C 38 18.45 -54.96 27.65
C GLY C 38 19.81 -54.43 28.06
N GLU C 39 20.35 -54.97 29.16
CA GLU C 39 21.62 -54.58 29.76
C GLU C 39 21.64 -53.14 30.23
N ARG C 40 20.48 -52.48 30.28
CA ARG C 40 20.31 -51.12 30.79
C ARG C 40 18.82 -50.84 30.96
N PRO C 41 18.21 -51.30 32.05
CA PRO C 41 16.75 -51.23 32.16
C PRO C 41 16.24 -50.02 32.95
N PHE C 42 16.94 -49.64 34.01
CA PHE C 42 16.46 -48.59 34.91
C PHE C 42 16.35 -47.25 34.20
N VAL C 43 15.13 -46.88 33.81
CA VAL C 43 14.87 -45.63 33.11
C VAL C 43 14.42 -44.59 34.12
N CYS C 44 15.00 -43.39 34.03
CA CYS C 44 14.60 -42.30 34.91
C CYS C 44 13.17 -41.87 34.60
N SER C 45 12.36 -41.74 35.64
CA SER C 45 10.95 -41.35 35.50
C SER C 45 10.77 -39.86 35.26
N VAL C 46 11.81 -39.15 34.86
CA VAL C 46 11.72 -37.70 34.64
C VAL C 46 12.35 -37.34 33.30
N CYS C 47 13.56 -37.81 33.06
CA CYS C 47 14.32 -37.44 31.87
C CYS C 47 14.63 -38.61 30.94
N GLY C 48 14.10 -39.79 31.23
CA GLY C 48 14.35 -40.95 30.38
C GLY C 48 15.80 -41.41 30.33
N HIS C 49 16.56 -41.17 31.39
CA HIS C 49 17.94 -41.61 31.44
C HIS C 49 18.00 -43.12 31.63
N ARG C 50 19.00 -43.76 31.01
CA ARG C 50 19.16 -45.20 31.03
C ARG C 50 20.27 -45.56 32.02
N PHE C 51 19.91 -46.30 33.07
CA PHE C 51 20.86 -46.76 34.08
C PHE C 51 20.95 -48.28 34.11
N THR C 52 22.04 -48.77 34.71
CA THR C 52 22.29 -50.20 34.83
C THR C 52 21.79 -50.75 36.16
N THR C 53 22.21 -50.15 37.27
CA THR C 53 21.84 -50.61 38.60
C THR C 53 20.90 -49.61 39.27
N LYS C 54 20.19 -50.10 40.29
CA LYS C 54 19.27 -49.25 41.04
C LYS C 54 20.02 -48.18 41.83
N GLY C 55 21.28 -48.42 42.18
CA GLY C 55 22.05 -47.43 42.89
C GLY C 55 22.32 -46.18 42.07
N ASN C 56 22.41 -46.34 40.74
CA ASN C 56 22.59 -45.19 39.87
C ASN C 56 21.31 -44.36 39.78
N LEU C 57 20.16 -45.02 39.62
CA LEU C 57 18.89 -44.32 39.48
C LEU C 57 18.52 -43.56 40.74
N LYS C 58 18.77 -44.14 41.92
CA LYS C 58 18.34 -43.47 43.15
C LYS C 58 19.04 -42.14 43.35
N VAL C 59 20.23 -41.96 42.78
CA VAL C 59 20.94 -40.71 42.96
C VAL C 59 20.48 -39.66 41.95
N HIS C 60 20.70 -39.95 40.67
CA HIS C 60 20.26 -39.09 39.59
C HIS C 60 18.80 -38.66 39.74
N PHE C 61 17.92 -39.60 40.10
CA PHE C 61 16.49 -39.26 40.25
C PHE C 61 16.28 -38.16 41.28
N HIS C 62 17.09 -38.15 42.34
CA HIS C 62 16.94 -37.12 43.36
C HIS C 62 17.75 -35.86 43.03
N ARG C 63 18.56 -35.91 41.98
CA ARG C 63 19.19 -34.72 41.40
C ARG C 63 18.27 -34.01 40.42
N HIS C 64 16.99 -34.37 40.40
CA HIS C 64 16.03 -33.88 39.42
C HIS C 64 14.90 -33.12 40.09
N PRO C 65 14.18 -32.28 39.32
CA PRO C 65 13.16 -31.39 39.91
C PRO C 65 12.21 -32.07 40.88
N GLN C 66 12.68 -32.33 42.10
CA GLN C 66 11.87 -32.98 43.13
C GLN C 66 12.53 -32.85 44.49
N THR D 2 -11.26 -34.50 -40.47
CA THR D 2 -12.10 -34.65 -39.29
C THR D 2 -11.42 -34.07 -38.05
N LEU D 3 -12.06 -33.08 -37.45
CA LEU D 3 -11.57 -32.40 -36.26
C LEU D 3 -12.61 -32.50 -35.15
N HIS D 4 -12.22 -32.08 -33.95
CA HIS D 4 -13.09 -32.13 -32.79
C HIS D 4 -13.38 -30.71 -32.30
N ASP D 5 -14.55 -30.55 -31.69
CA ASP D 5 -14.99 -29.24 -31.21
C ASP D 5 -14.02 -28.68 -30.18
N ASP D 6 -13.70 -27.40 -30.34
CA ASP D 6 -12.82 -26.70 -29.40
C ASP D 6 -13.47 -26.60 -28.03
N ASP D 7 -12.68 -26.86 -26.98
CA ASP D 7 -13.13 -26.79 -25.59
C ASP D 7 -14.25 -27.80 -25.31
N SER D 8 -14.23 -28.93 -26.03
CA SER D 8 -15.16 -30.01 -25.84
C SER D 8 -14.45 -31.19 -25.21
N CYS D 9 -15.24 -32.13 -24.67
CA CYS D 9 -14.73 -33.31 -23.98
C CYS D 9 -15.11 -34.54 -24.80
N GLN D 10 -14.10 -35.19 -25.37
CA GLN D 10 -14.29 -36.43 -26.13
C GLN D 10 -13.48 -37.54 -25.46
N VAL D 11 -13.83 -38.77 -25.81
CA VAL D 11 -13.12 -39.96 -25.32
C VAL D 11 -12.42 -40.60 -26.51
N ILE D 12 -11.13 -40.87 -26.35
CA ILE D 12 -10.32 -41.40 -27.45
C ILE D 12 -9.50 -42.58 -26.96
N PRO D 13 -9.48 -43.69 -27.68
CA PRO D 13 -8.60 -44.80 -27.31
C PRO D 13 -7.14 -44.41 -27.50
N VAL D 14 -6.28 -45.05 -26.71
CA VAL D 14 -4.85 -44.80 -26.74
C VAL D 14 -4.13 -46.09 -27.11
N LEU D 15 -3.12 -45.98 -27.95
CA LEU D 15 -2.29 -47.12 -28.31
C LEU D 15 -1.25 -47.35 -27.22
N PRO D 16 -1.17 -48.54 -26.62
CA PRO D 16 -0.12 -48.77 -25.61
C PRO D 16 1.25 -48.94 -26.22
N GLN D 17 1.35 -49.24 -27.51
CA GLN D 17 2.64 -49.42 -28.16
C GLN D 17 3.36 -48.10 -28.42
N VAL D 18 2.62 -47.01 -28.63
CA VAL D 18 3.24 -45.75 -29.04
C VAL D 18 4.10 -45.20 -27.91
N MET D 19 5.28 -44.68 -28.27
CA MET D 19 6.19 -44.06 -27.32
C MET D 19 6.67 -42.69 -27.77
N MET D 20 6.07 -42.14 -28.82
CA MET D 20 6.51 -40.89 -29.41
C MET D 20 5.71 -39.72 -28.87
N ILE D 21 6.30 -38.53 -28.97
CA ILE D 21 5.61 -37.26 -28.70
C ILE D 21 5.25 -36.67 -30.05
N LEU D 22 3.95 -36.58 -30.33
CA LEU D 22 3.47 -36.27 -31.66
C LEU D 22 3.23 -34.77 -31.82
N ILE D 23 3.84 -34.18 -32.84
CA ILE D 23 3.58 -32.80 -33.22
C ILE D 23 2.35 -32.80 -34.11
N PRO D 24 1.42 -31.85 -33.95
CA PRO D 24 0.29 -31.76 -34.88
C PRO D 24 0.77 -31.61 -36.31
N GLY D 25 0.11 -32.33 -37.23
CA GLY D 25 0.52 -32.32 -38.61
C GLY D 25 1.77 -33.13 -38.90
N GLN D 26 2.04 -34.17 -38.11
CA GLN D 26 3.21 -35.02 -38.29
C GLN D 26 2.76 -36.47 -38.46
N THR D 27 3.48 -37.21 -39.31
CA THR D 27 3.13 -38.59 -39.60
C THR D 27 3.72 -39.53 -38.55
N LEU D 28 2.98 -40.58 -38.21
CA LEU D 28 3.37 -41.57 -37.22
C LEU D 28 3.33 -42.96 -37.86
N PRO D 29 4.43 -43.44 -38.41
CA PRO D 29 4.46 -44.82 -38.92
C PRO D 29 4.31 -45.82 -37.78
N LEU D 30 3.78 -47.00 -38.12
CA LEU D 30 3.52 -48.03 -37.11
C LEU D 30 3.75 -49.40 -37.72
N GLN D 31 3.75 -50.41 -36.84
CA GLN D 31 3.80 -51.82 -37.22
C GLN D 31 3.17 -52.60 -36.09
N LEU D 32 2.12 -53.36 -36.39
CA LEU D 32 1.28 -54.00 -35.37
C LEU D 32 1.34 -55.51 -35.52
N PHE D 33 1.76 -56.20 -34.46
CA PHE D 33 1.77 -57.66 -34.40
C PHE D 33 0.59 -58.22 -33.64
N HIS D 34 0.33 -57.72 -32.42
CA HIS D 34 -0.64 -58.34 -31.53
C HIS D 34 -2.07 -58.14 -32.07
N PRO D 35 -2.97 -59.09 -31.78
CA PRO D 35 -4.34 -58.96 -32.28
C PRO D 35 -5.13 -57.86 -31.62
N GLN D 36 -4.67 -57.35 -30.48
CA GLN D 36 -5.38 -56.26 -29.81
C GLN D 36 -5.16 -54.94 -30.54
N GLU D 37 -3.93 -54.69 -31.00
CA GLU D 37 -3.66 -53.47 -31.75
C GLU D 37 -4.35 -53.49 -33.11
N VAL D 38 -4.28 -54.63 -33.81
CA VAL D 38 -4.89 -54.72 -35.14
C VAL D 38 -6.41 -54.58 -35.04
N SER D 39 -7.01 -55.16 -34.01
CA SER D 39 -8.46 -55.04 -33.84
C SER D 39 -8.87 -53.61 -33.56
N MET D 40 -8.05 -52.86 -32.80
CA MET D 40 -8.40 -51.50 -32.46
C MET D 40 -8.32 -50.58 -33.68
N VAL D 41 -7.25 -50.71 -34.47
CA VAL D 41 -7.11 -49.88 -35.68
C VAL D 41 -8.28 -50.12 -36.61
N ARG D 42 -8.74 -51.37 -36.71
CA ARG D 42 -9.89 -51.68 -37.56
C ARG D 42 -11.13 -50.94 -37.07
N ASN D 43 -11.40 -51.00 -35.77
CA ASN D 43 -12.58 -50.33 -35.22
C ASN D 43 -12.52 -48.82 -35.42
N LEU D 44 -11.31 -48.25 -35.39
CA LEU D 44 -11.16 -46.81 -35.61
C LEU D 44 -11.59 -46.44 -37.03
N ILE D 45 -11.12 -47.20 -38.02
CA ILE D 45 -11.39 -46.92 -39.43
C ILE D 45 -12.89 -46.94 -39.74
N GLN D 46 -13.69 -47.59 -38.88
CA GLN D 46 -15.13 -47.64 -39.13
C GLN D 46 -15.82 -46.34 -38.77
N LYS D 47 -15.39 -45.69 -37.67
CA LYS D 47 -16.07 -44.51 -37.17
C LYS D 47 -15.23 -43.28 -37.48
N ASP D 48 -14.34 -42.86 -36.57
CA ASP D 48 -13.67 -41.57 -36.71
C ASP D 48 -12.23 -41.68 -37.18
N ARG D 49 -11.63 -42.87 -37.13
CA ARG D 49 -10.23 -43.08 -37.53
C ARG D 49 -9.28 -42.26 -36.68
N THR D 50 -9.67 -41.95 -35.44
CA THR D 50 -8.91 -41.05 -34.58
C THR D 50 -8.60 -41.72 -33.25
N PHE D 51 -7.36 -41.57 -32.81
CA PHE D 51 -6.91 -42.08 -31.51
C PHE D 51 -5.99 -41.05 -30.87
N ALA D 52 -5.64 -41.29 -29.61
CA ALA D 52 -4.82 -40.36 -28.84
C ALA D 52 -3.38 -40.85 -28.76
N VAL D 53 -2.45 -39.91 -28.76
CA VAL D 53 -1.02 -40.19 -28.69
C VAL D 53 -0.46 -39.45 -27.48
N LEU D 54 -0.49 -40.11 -26.33
CA LEU D 54 0.02 -39.50 -25.11
C LEU D 54 1.53 -39.27 -25.19
N ALA D 55 1.98 -38.15 -24.64
CA ALA D 55 3.40 -37.82 -24.60
C ALA D 55 3.95 -38.13 -23.22
N TYR D 56 5.11 -38.80 -23.19
CA TYR D 56 5.78 -39.16 -21.95
C TYR D 56 7.20 -38.60 -21.94
N SER D 57 7.67 -38.25 -20.75
CA SER D 57 9.02 -37.73 -20.58
C SER D 57 9.47 -37.83 -19.11
N GLN D 60 9.66 -41.50 -18.37
CA GLN D 60 9.49 -42.24 -19.60
C GLN D 60 8.27 -43.16 -19.51
N GLU D 61 7.73 -43.31 -18.30
CA GLU D 61 6.54 -44.12 -18.07
C GLU D 61 5.41 -43.31 -17.43
N ARG D 62 5.58 -42.00 -17.29
CA ARG D 62 4.54 -41.15 -16.72
C ARG D 62 4.31 -39.93 -17.60
N GLU D 63 4.37 -38.73 -17.00
CA GLU D 63 4.19 -37.48 -17.71
C GLU D 63 2.85 -37.43 -18.46
N ALA D 64 1.82 -38.01 -17.85
CA ALA D 64 0.48 -38.03 -18.43
C ALA D 64 -0.17 -36.67 -18.19
N GLN D 65 0.22 -35.69 -19.00
CA GLN D 65 -0.30 -34.34 -18.88
C GLN D 65 -0.91 -33.83 -20.19
N PHE D 66 -0.18 -33.93 -21.30
CA PHE D 66 -0.70 -33.47 -22.59
C PHE D 66 -0.49 -34.53 -23.67
N GLY D 67 -0.81 -34.19 -24.91
CA GLY D 67 -0.61 -35.12 -26.01
C GLY D 67 -1.11 -34.55 -27.31
N THR D 68 -1.42 -35.44 -28.25
CA THR D 68 -1.90 -35.06 -29.56
C THR D 68 -2.76 -36.18 -30.12
N THR D 69 -3.86 -35.81 -30.78
CA THR D 69 -4.70 -36.78 -31.45
C THR D 69 -4.14 -37.08 -32.85
N ALA D 70 -4.41 -38.29 -33.34
CA ALA D 70 -3.91 -38.73 -34.63
C ALA D 70 -5.04 -39.36 -35.43
N GLU D 71 -4.98 -39.20 -36.74
CA GLU D 71 -5.98 -39.72 -37.66
C GLU D 71 -5.34 -40.73 -38.60
N ILE D 72 -6.00 -41.88 -38.77
CA ILE D 72 -5.47 -42.93 -39.64
C ILE D 72 -5.63 -42.51 -41.10
N TYR D 73 -4.51 -42.42 -41.81
CA TYR D 73 -4.53 -42.07 -43.22
C TYR D 73 -3.92 -43.13 -44.13
N ALA D 74 -3.28 -44.16 -43.57
CA ALA D 74 -2.77 -45.27 -44.35
C ALA D 74 -2.97 -46.57 -43.57
N TYR D 75 -3.08 -47.67 -44.31
CA TYR D 75 -3.32 -48.98 -43.71
C TYR D 75 -3.04 -50.10 -44.71
N ARG D 76 -1.88 -50.73 -44.58
CA ARG D 76 -1.50 -51.85 -45.43
C ARG D 76 -1.52 -53.14 -44.63
N GLU D 77 -1.45 -54.26 -45.33
CA GLU D 77 -1.50 -55.58 -44.69
C GLU D 77 -0.57 -56.51 -45.47
N GLU D 78 0.55 -56.86 -44.86
CA GLU D 78 1.55 -57.75 -45.46
C GLU D 78 1.71 -58.98 -44.58
N GLN D 79 0.76 -59.90 -44.69
CA GLN D 79 0.83 -61.18 -43.99
C GLN D 79 1.99 -62.00 -44.53
N ASP D 80 3.07 -62.10 -43.76
CA ASP D 80 4.28 -62.79 -44.19
C ASP D 80 4.76 -63.71 -43.08
N PHE D 81 5.25 -64.89 -43.47
CA PHE D 81 5.74 -65.91 -42.54
C PHE D 81 4.63 -66.34 -41.56
N GLY D 82 3.44 -66.56 -42.08
CA GLY D 82 2.33 -67.05 -41.27
C GLY D 82 1.89 -66.11 -40.17
N ILE D 83 2.29 -64.84 -40.23
CA ILE D 83 1.91 -63.86 -39.21
C ILE D 83 1.51 -62.58 -39.93
N GLU D 84 0.54 -61.87 -39.34
CA GLU D 84 -0.04 -60.68 -39.96
C GLU D 84 0.72 -59.45 -39.48
N ILE D 85 1.48 -58.83 -40.39
CA ILE D 85 2.20 -57.60 -40.10
C ILE D 85 1.40 -56.45 -40.69
N VAL D 86 0.80 -55.64 -39.82
CA VAL D 86 -0.01 -54.50 -40.22
C VAL D 86 0.83 -53.24 -40.14
N LYS D 87 0.87 -52.47 -41.23
CA LYS D 87 1.64 -51.24 -41.31
C LYS D 87 0.67 -50.07 -41.47
N VAL D 88 0.56 -49.24 -40.44
CA VAL D 88 -0.39 -48.15 -40.39
C VAL D 88 0.37 -46.83 -40.26
N LYS D 89 -0.06 -45.83 -41.03
CA LYS D 89 0.44 -44.47 -40.89
C LYS D 89 -0.70 -43.56 -40.45
N ALA D 90 -0.37 -42.58 -39.62
CA ALA D 90 -1.36 -41.66 -39.08
C ALA D 90 -0.78 -40.26 -39.08
N ILE D 91 -1.67 -39.26 -39.01
CA ILE D 91 -1.29 -37.86 -39.03
C ILE D 91 -1.86 -37.18 -37.80
N GLY D 92 -1.11 -36.23 -37.24
CA GLY D 92 -1.51 -35.61 -35.99
C GLY D 92 -2.52 -34.50 -36.21
N ARG D 93 -3.50 -34.43 -35.30
CA ARG D 93 -4.54 -33.41 -35.40
C ARG D 93 -4.39 -32.34 -34.33
N GLN D 94 -5.26 -32.37 -33.32
CA GLN D 94 -5.36 -31.30 -32.33
C GLN D 94 -4.62 -31.68 -31.05
N ARG D 95 -4.02 -30.68 -30.42
CA ARG D 95 -3.42 -30.87 -29.10
C ARG D 95 -4.51 -31.02 -28.05
N PHE D 96 -4.13 -31.50 -26.87
CA PHE D 96 -5.10 -31.70 -25.80
C PHE D 96 -4.39 -31.77 -24.47
N LYS D 97 -5.18 -31.86 -23.40
CA LYS D 97 -4.71 -32.15 -22.05
C LYS D 97 -5.54 -33.30 -21.50
N VAL D 98 -4.88 -34.28 -20.89
CA VAL D 98 -5.56 -35.48 -20.43
C VAL D 98 -6.33 -35.18 -19.15
N LEU D 99 -7.48 -35.83 -18.99
CA LEU D 99 -8.29 -35.73 -17.78
C LEU D 99 -8.10 -36.91 -16.85
N GLU D 100 -8.21 -38.13 -17.36
CA GLU D 100 -8.08 -39.32 -16.52
C GLU D 100 -7.86 -40.53 -17.43
N LEU D 101 -6.74 -41.21 -17.25
CA LEU D 101 -6.49 -42.44 -17.99
C LEU D 101 -7.16 -43.61 -17.27
N ARG D 102 -7.65 -44.57 -18.07
CA ARG D 102 -8.40 -45.67 -17.50
C ARG D 102 -8.21 -46.91 -18.37
N THR D 103 -7.30 -47.79 -17.94
CA THR D 103 -7.18 -49.11 -18.55
C THR D 103 -8.47 -49.89 -18.35
N GLN D 104 -9.15 -50.22 -19.44
CA GLN D 104 -10.47 -50.81 -19.37
C GLN D 104 -10.36 -52.32 -19.10
N SER D 105 -11.49 -53.02 -19.17
CA SER D 105 -11.52 -54.42 -18.77
C SER D 105 -10.61 -55.29 -19.64
N ASP D 106 -10.57 -54.99 -20.95
CA ASP D 106 -9.70 -55.76 -21.83
C ASP D 106 -8.25 -55.30 -21.75
N GLY D 107 -8.02 -54.03 -21.42
CA GLY D 107 -6.66 -53.52 -21.33
C GLY D 107 -6.47 -52.21 -22.07
N ILE D 108 -7.43 -51.86 -22.93
CA ILE D 108 -7.35 -50.62 -23.69
C ILE D 108 -7.49 -49.43 -22.74
N GLN D 109 -6.51 -48.53 -22.78
CA GLN D 109 -6.48 -47.37 -21.88
C GLN D 109 -7.23 -46.22 -22.54
N GLN D 110 -8.54 -46.24 -22.42
CA GLN D 110 -9.38 -45.15 -22.90
C GLN D 110 -9.20 -43.94 -22.00
N ALA D 111 -8.70 -42.84 -22.57
CA ALA D 111 -8.32 -41.66 -21.81
C ALA D 111 -9.33 -40.55 -22.02
N LYS D 112 -9.80 -39.94 -20.93
CA LYS D 112 -10.62 -38.75 -21.01
C LYS D 112 -9.74 -37.56 -21.42
N VAL D 113 -10.20 -36.82 -22.43
CA VAL D 113 -9.37 -35.83 -23.11
C VAL D 113 -10.14 -34.53 -23.27
N GLN D 114 -9.50 -33.41 -22.94
CA GLN D 114 -10.04 -32.07 -23.15
C GLN D 114 -9.28 -31.42 -24.30
N ILE D 115 -10.00 -31.03 -25.35
CA ILE D 115 -9.37 -30.49 -26.54
C ILE D 115 -8.79 -29.11 -26.25
N LEU D 116 -7.55 -28.89 -26.67
CA LEU D 116 -6.90 -27.59 -26.51
C LEU D 116 -7.10 -26.76 -27.76
N PRO D 117 -7.69 -25.57 -27.67
CA PRO D 117 -7.88 -24.74 -28.86
C PRO D 117 -6.60 -24.00 -29.25
N GLU D 118 -6.54 -23.61 -30.52
CA GLU D 118 -5.43 -22.84 -31.04
C GLU D 118 -5.75 -21.35 -30.91
N CYS D 119 -4.78 -20.59 -30.40
CA CYS D 119 -4.95 -19.16 -30.18
C CYS D 119 -4.33 -18.41 -31.36
N VAL D 120 -5.16 -17.92 -32.26
CA VAL D 120 -4.70 -17.12 -33.40
C VAL D 120 -4.93 -15.65 -33.06
N LEU D 121 -4.05 -14.80 -33.57
CA LEU D 121 -4.09 -13.40 -33.21
C LEU D 121 -3.99 -12.50 -34.44
N PRO D 122 -4.75 -11.41 -34.48
CA PRO D 122 -4.60 -10.43 -35.55
C PRO D 122 -3.24 -9.75 -35.47
N SER D 123 -2.95 -8.96 -36.53
CA SER D 123 -1.68 -8.24 -36.58
C SER D 123 -1.52 -7.32 -35.39
N THR D 124 -0.25 -7.06 -35.04
CA THR D 124 0.05 -6.19 -33.90
C THR D 124 -0.56 -4.80 -34.06
N MET D 125 -0.72 -4.34 -35.29
CA MET D 125 -1.20 -2.99 -35.57
C MET D 125 -2.70 -2.94 -35.83
N SER D 126 -3.42 -4.03 -35.55
CA SER D 126 -4.84 -4.08 -35.88
C SER D 126 -5.66 -3.06 -35.08
N ALA D 127 -5.14 -2.57 -33.96
CA ALA D 127 -5.86 -1.62 -33.14
C ALA D 127 -5.33 -0.19 -33.23
N VAL D 128 -4.06 0.00 -33.57
CA VAL D 128 -3.45 1.32 -33.63
C VAL D 128 -3.31 1.83 -35.05
N GLN D 129 -3.87 1.14 -36.03
CA GLN D 129 -3.75 1.57 -37.42
C GLN D 129 -4.68 2.76 -37.70
N LEU D 130 -4.09 3.83 -38.21
CA LEU D 130 -4.88 5.00 -38.61
C LEU D 130 -5.63 4.70 -39.89
N GLU D 131 -6.93 5.03 -39.90
CA GLU D 131 -7.76 4.75 -41.07
C GLU D 131 -7.26 5.45 -42.33
N SER D 132 -6.48 6.53 -42.19
CA SER D 132 -5.93 7.20 -43.36
C SER D 132 -4.87 6.34 -44.04
N LEU D 133 -4.11 5.57 -43.27
CA LEU D 133 -3.08 4.69 -43.80
C LEU D 133 -3.56 3.25 -43.97
N ASN D 134 -4.86 3.00 -43.72
CA ASN D 134 -5.37 1.63 -43.81
C ASN D 134 -5.31 1.10 -45.23
N LYS D 135 -5.53 1.96 -46.21
CA LYS D 135 -5.47 1.52 -47.61
C LYS D 135 -4.05 1.16 -48.02
N CYS D 136 -3.04 1.61 -47.28
CA CYS D 136 -1.64 1.33 -47.59
C CYS D 136 -1.10 0.10 -46.85
N GLN D 137 -1.99 -0.79 -46.39
CA GLN D 137 -1.57 -1.96 -45.65
C GLN D 137 -1.29 -3.17 -46.53
N ILE D 138 -1.64 -3.10 -47.82
CA ILE D 138 -1.36 -4.16 -48.76
C ILE D 138 -0.10 -3.81 -49.53
N PHE D 139 0.82 -4.76 -49.61
CA PHE D 139 2.12 -4.53 -50.24
C PHE D 139 2.21 -5.29 -51.54
N PRO D 140 3.04 -4.83 -52.49
CA PRO D 140 3.41 -5.69 -53.61
C PRO D 140 4.27 -6.85 -53.13
N SER D 141 4.06 -8.01 -53.73
CA SER D 141 4.73 -9.22 -53.27
C SER D 141 6.24 -9.09 -53.41
N LYS D 142 6.96 -9.87 -52.60
CA LYS D 142 8.41 -9.77 -52.58
C LYS D 142 8.99 -10.38 -53.85
N PRO D 143 9.99 -9.73 -54.47
CA PRO D 143 10.67 -10.26 -55.64
C PRO D 143 11.61 -11.41 -55.30
N SER D 151 16.14 -10.26 -51.09
CA SER D 151 17.04 -9.14 -50.82
C SER D 151 16.80 -8.57 -49.42
N TYR D 152 17.85 -7.99 -48.85
CA TYR D 152 17.78 -7.43 -47.50
C TYR D 152 17.12 -6.06 -47.45
N LYS D 153 17.05 -5.35 -48.58
CA LYS D 153 16.48 -4.01 -48.59
C LYS D 153 14.96 -4.03 -48.51
N TRP D 154 14.32 -5.01 -49.17
CA TRP D 154 12.87 -5.06 -49.21
C TRP D 154 12.25 -5.13 -47.82
N TRP D 155 12.82 -5.94 -46.93
CA TRP D 155 12.18 -6.18 -45.64
C TRP D 155 12.21 -4.97 -44.72
N GLN D 156 13.09 -4.01 -44.97
CA GLN D 156 13.05 -2.76 -44.22
C GLN D 156 11.80 -1.96 -44.57
N LYS D 157 11.45 -1.89 -45.87
CA LYS D 157 10.24 -1.20 -46.28
C LYS D 157 9.00 -1.85 -45.66
N TYR D 158 8.99 -3.18 -45.55
CA TYR D 158 7.90 -3.87 -44.88
C TYR D 158 7.79 -3.42 -43.42
N GLN D 159 8.91 -3.34 -42.73
CA GLN D 159 8.92 -2.90 -41.33
C GLN D 159 8.41 -1.46 -41.21
N LYS D 160 8.96 -0.55 -42.02
CA LYS D 160 8.58 0.86 -41.93
C LYS D 160 7.09 1.06 -42.18
N ARG D 161 6.58 0.51 -43.29
CA ARG D 161 5.21 0.77 -43.70
C ARG D 161 4.20 0.09 -42.77
N LYS D 162 4.44 -1.17 -42.44
CA LYS D 162 3.46 -1.93 -41.68
C LYS D 162 3.45 -1.56 -40.21
N PHE D 163 4.60 -1.15 -39.66
CA PHE D 163 4.71 -0.81 -38.25
C PHE D 163 4.82 0.68 -38.01
N HIS D 164 4.54 1.50 -39.03
CA HIS D 164 4.56 2.96 -38.87
C HIS D 164 3.71 3.41 -37.68
N CYS D 165 2.53 2.82 -37.50
CA CYS D 165 1.63 3.19 -36.41
C CYS D 165 2.14 2.81 -35.03
N ALA D 166 3.40 2.39 -34.88
CA ALA D 166 3.98 2.18 -33.56
C ALA D 166 4.35 3.48 -32.88
N ASN D 167 4.40 4.59 -33.62
CA ASN D 167 4.64 5.90 -33.02
C ASN D 167 3.49 6.33 -32.13
N LEU D 168 2.30 5.75 -32.30
CA LEU D 168 1.18 5.97 -31.39
C LEU D 168 1.28 5.13 -30.13
N THR D 169 2.32 4.31 -29.99
CA THR D 169 2.47 3.41 -28.88
C THR D 169 3.79 3.67 -28.16
N SER D 170 3.96 3.02 -27.02
CA SER D 170 5.17 3.15 -26.22
C SER D 170 6.32 2.29 -26.72
N TRP D 171 6.10 1.47 -27.75
CA TRP D 171 7.13 0.56 -28.20
C TRP D 171 7.55 0.89 -29.63
N PRO D 172 8.80 0.61 -30.00
CA PRO D 172 9.29 0.99 -31.34
C PRO D 172 8.89 0.01 -32.43
N ARG D 173 9.47 0.19 -33.63
CA ARG D 173 9.16 -0.65 -34.77
C ARG D 173 9.82 -2.02 -34.64
N TRP D 174 11.14 -2.04 -34.40
CA TRP D 174 11.88 -3.29 -34.36
C TRP D 174 11.34 -4.24 -33.30
N LEU D 175 10.79 -3.71 -32.20
CA LEU D 175 10.21 -4.57 -31.18
C LEU D 175 8.96 -5.27 -31.70
N TYR D 176 8.08 -4.52 -32.37
CA TYR D 176 6.87 -5.12 -32.92
C TYR D 176 7.17 -6.16 -33.98
N SER D 177 8.33 -6.07 -34.64
CA SER D 177 8.70 -7.08 -35.63
C SER D 177 8.93 -8.44 -34.99
N LEU D 178 9.47 -8.48 -33.77
CA LEU D 178 9.71 -9.72 -33.06
C LEU D 178 8.44 -10.29 -32.43
N TYR D 179 7.27 -9.87 -32.91
CA TYR D 179 6.01 -10.52 -32.57
C TYR D 179 5.11 -10.64 -33.79
N ASP D 180 5.64 -10.39 -34.99
CA ASP D 180 4.88 -10.46 -36.23
C ASP D 180 5.20 -11.78 -36.93
N ALA D 181 4.16 -12.59 -37.15
CA ALA D 181 4.29 -13.87 -37.83
C ALA D 181 5.15 -13.79 -39.09
N GLU D 182 4.76 -12.92 -40.02
CA GLU D 182 5.44 -12.86 -41.31
C GLU D 182 6.92 -12.54 -41.16
N THR D 183 7.25 -11.63 -40.24
CA THR D 183 8.67 -11.30 -40.02
C THR D 183 9.43 -12.50 -39.47
N LEU D 184 8.81 -13.23 -38.52
CA LEU D 184 9.48 -14.40 -37.94
C LEU D 184 9.58 -15.53 -38.95
N MET D 185 8.50 -15.80 -39.69
CA MET D 185 8.47 -16.94 -40.60
C MET D 185 9.58 -16.85 -41.64
N ASP D 186 9.92 -15.63 -42.08
CA ASP D 186 10.98 -15.49 -43.07
C ASP D 186 12.35 -15.79 -42.47
N ARG D 187 12.60 -15.29 -41.25
CA ARG D 187 13.90 -15.52 -40.62
C ARG D 187 14.14 -17.01 -40.39
N ILE D 188 13.08 -17.76 -40.08
CA ILE D 188 13.22 -19.21 -39.96
C ILE D 188 13.52 -19.83 -41.31
N LYS D 189 12.81 -19.40 -42.35
CA LYS D 189 13.07 -19.90 -43.70
C LYS D 189 14.51 -19.67 -44.13
N LYS D 190 15.10 -18.55 -43.72
CA LYS D 190 16.47 -18.23 -44.11
C LYS D 190 17.44 -19.32 -43.67
N GLN D 191 17.25 -19.87 -42.46
CA GLN D 191 18.10 -20.94 -41.99
C GLN D 191 17.69 -22.28 -42.61
N LEU D 192 16.39 -22.51 -42.79
CA LEU D 192 15.94 -23.77 -43.41
C LEU D 192 16.40 -23.90 -44.85
N ARG D 193 16.84 -22.81 -45.47
CA ARG D 193 17.44 -22.90 -46.80
C ARG D 193 18.88 -23.36 -46.75
N GLU D 194 19.55 -23.21 -45.60
CA GLU D 194 20.89 -23.77 -45.43
C GLU D 194 20.84 -25.27 -45.19
N TRP D 195 19.89 -25.74 -44.38
CA TRP D 195 19.74 -27.17 -44.15
C TRP D 195 19.19 -27.86 -45.40
N ASP D 196 18.23 -27.25 -46.07
CA ASP D 196 17.57 -27.85 -47.21
C ASP D 196 17.81 -26.97 -48.44
N GLU D 197 18.41 -27.57 -49.47
CA GLU D 197 18.70 -26.87 -50.72
C GLU D 197 17.46 -26.57 -51.52
N ASN D 198 16.30 -27.14 -51.15
CA ASN D 198 15.11 -26.94 -51.95
C ASN D 198 14.54 -25.55 -51.67
N LEU D 199 13.80 -25.03 -52.65
CA LEU D 199 13.33 -23.65 -52.62
C LEU D 199 12.25 -23.42 -51.57
N LYS D 200 11.28 -22.58 -51.89
CA LYS D 200 10.19 -22.29 -50.98
C LYS D 200 8.87 -22.52 -51.70
N ASP D 201 8.12 -21.44 -51.95
CA ASP D 201 6.79 -21.53 -52.55
C ASP D 201 5.97 -22.47 -51.65
N ASP D 202 5.32 -23.49 -52.19
CA ASP D 202 4.47 -24.36 -51.39
C ASP D 202 5.25 -25.41 -50.61
N SER D 203 6.59 -25.32 -50.54
CA SER D 203 7.33 -26.27 -49.71
C SER D 203 7.17 -25.97 -48.23
N LEU D 204 6.75 -24.76 -47.89
CA LEU D 204 6.50 -24.34 -46.52
C LEU D 204 5.18 -23.57 -46.49
N PRO D 205 4.21 -23.98 -45.67
CA PRO D 205 2.90 -23.33 -45.70
C PRO D 205 2.99 -21.85 -45.35
N SER D 206 2.11 -21.06 -45.98
CA SER D 206 2.06 -19.64 -45.69
C SER D 206 1.43 -19.37 -44.33
N ASN D 207 0.45 -20.17 -43.94
CA ASN D 207 -0.23 -19.98 -42.67
C ASN D 207 0.74 -20.22 -41.53
N PRO D 208 0.83 -19.32 -40.55
CA PRO D 208 1.79 -19.51 -39.46
C PRO D 208 1.47 -20.70 -38.57
N ILE D 209 0.18 -21.00 -38.37
CA ILE D 209 -0.19 -22.11 -37.50
C ILE D 209 0.42 -23.42 -37.99
N ASP D 210 0.42 -23.62 -39.31
CA ASP D 210 1.01 -24.84 -39.86
C ASP D 210 2.52 -24.72 -40.00
N PHE D 211 3.01 -23.55 -40.42
CA PHE D 211 4.45 -23.35 -40.56
C PHE D 211 5.17 -23.62 -39.24
N SER D 212 4.58 -23.20 -38.12
CA SER D 212 5.18 -23.50 -36.82
C SER D 212 5.23 -25.00 -36.56
N TYR D 213 4.08 -25.67 -36.66
CA TYR D 213 4.03 -27.11 -36.41
C TYR D 213 4.96 -27.87 -37.36
N ARG D 214 5.11 -27.41 -38.59
CA ARG D 214 5.95 -28.11 -39.56
C ARG D 214 7.41 -28.08 -39.16
N VAL D 215 7.86 -26.98 -38.54
CA VAL D 215 9.25 -26.89 -38.10
C VAL D 215 9.45 -27.57 -36.75
N ALA D 216 8.40 -27.60 -35.91
CA ALA D 216 8.52 -28.26 -34.61
C ALA D 216 8.88 -29.74 -34.76
N ALA D 217 8.28 -30.40 -35.75
CA ALA D 217 8.66 -31.79 -36.03
C ALA D 217 10.04 -31.86 -36.65
N CYS D 218 10.34 -30.94 -37.57
CA CYS D 218 11.58 -30.89 -38.34
C CYS D 218 12.80 -30.48 -37.49
N LEU D 219 12.69 -30.35 -36.17
CA LEU D 219 13.79 -29.85 -35.36
C LEU D 219 14.37 -30.97 -34.51
N PRO D 220 15.69 -31.20 -34.58
CA PRO D 220 16.31 -32.22 -33.72
C PRO D 220 16.41 -31.76 -32.27
N ILE D 221 15.39 -32.06 -31.47
CA ILE D 221 15.31 -31.58 -30.10
C ILE D 221 14.85 -32.73 -29.20
N ASP D 222 15.34 -32.73 -27.97
CA ASP D 222 15.00 -33.78 -27.02
C ASP D 222 13.53 -33.69 -26.63
N ASP D 223 13.10 -34.65 -25.81
CA ASP D 223 11.68 -34.79 -25.50
C ASP D 223 11.16 -33.61 -24.68
N VAL D 224 11.96 -33.16 -23.69
CA VAL D 224 11.52 -32.09 -22.81
C VAL D 224 11.22 -30.82 -23.60
N LEU D 225 11.99 -30.56 -24.65
CA LEU D 225 11.73 -29.41 -25.51
C LEU D 225 10.42 -29.57 -26.28
N ARG D 226 10.17 -30.77 -26.82
CA ARG D 226 8.95 -31.01 -27.58
C ARG D 226 7.70 -30.82 -26.72
N ILE D 227 7.79 -31.13 -25.42
CA ILE D 227 6.63 -30.98 -24.55
C ILE D 227 6.25 -29.51 -24.41
N GLN D 228 7.24 -28.62 -24.34
CA GLN D 228 6.96 -27.19 -24.23
C GLN D 228 6.22 -26.69 -25.47
N LEU D 229 6.66 -27.11 -26.66
CA LEU D 229 6.00 -26.68 -27.89
C LEU D 229 4.58 -27.19 -28.00
N LEU D 230 4.21 -28.21 -27.20
CA LEU D 230 2.83 -28.67 -27.17
C LEU D 230 1.95 -27.77 -26.30
N LYS D 231 2.51 -27.30 -25.18
CA LYS D 231 1.77 -26.40 -24.30
C LYS D 231 1.58 -25.01 -24.90
N ILE D 232 2.41 -24.64 -25.87
CA ILE D 232 2.30 -23.32 -26.49
C ILE D 232 0.97 -23.21 -27.22
N GLY D 233 0.23 -22.16 -26.92
CA GLY D 233 -1.07 -21.94 -27.54
C GLY D 233 -1.02 -21.18 -28.85
N SER D 234 -0.32 -20.05 -28.85
CA SER D 234 -0.27 -19.16 -30.00
C SER D 234 0.89 -19.52 -30.91
N ALA D 235 0.61 -19.60 -32.21
CA ALA D 235 1.67 -19.84 -33.18
C ALA D 235 2.72 -18.75 -33.16
N ILE D 236 2.32 -17.51 -32.82
CA ILE D 236 3.29 -16.42 -32.72
C ILE D 236 4.34 -16.74 -31.66
N GLN D 237 3.90 -17.18 -30.48
CA GLN D 237 4.83 -17.61 -29.44
C GLN D 237 5.66 -18.80 -29.92
N ARG D 238 5.01 -19.80 -30.53
CA ARG D 238 5.71 -20.97 -31.05
C ARG D 238 6.82 -20.57 -32.01
N LEU D 239 6.53 -19.61 -32.91
CA LEU D 239 7.53 -19.20 -33.90
C LEU D 239 8.77 -18.62 -33.24
N ARG D 240 8.59 -17.82 -32.19
CA ARG D 240 9.74 -17.28 -31.47
C ARG D 240 10.50 -18.39 -30.74
N CYS D 241 9.78 -19.25 -30.02
CA CYS D 241 10.42 -20.36 -29.32
C CYS D 241 11.20 -21.24 -30.29
N GLU D 242 10.61 -21.53 -31.46
CA GLU D 242 11.32 -22.32 -32.46
C GLU D 242 12.55 -21.59 -32.98
N LEU D 243 12.52 -20.25 -32.97
CA LEU D 243 13.69 -19.48 -33.38
C LEU D 243 14.69 -19.33 -32.23
N ASP D 244 14.20 -19.27 -30.99
CA ASP D 244 15.09 -19.29 -29.83
C ASP D 244 15.98 -20.53 -29.85
N ILE D 245 15.40 -21.70 -30.14
CA ILE D 245 16.15 -22.94 -30.15
C ILE D 245 17.16 -22.95 -31.29
N MET D 246 16.74 -22.48 -32.47
CA MET D 246 17.57 -22.58 -33.66
C MET D 246 18.82 -21.71 -33.60
N ASN D 247 18.86 -20.73 -32.70
CA ASN D 247 19.99 -19.80 -32.60
C ASN D 247 20.97 -20.15 -31.49
N LYS D 248 20.48 -20.63 -30.35
CA LYS D 248 21.34 -20.90 -29.20
C LYS D 248 21.96 -22.30 -29.25
N CYS D 249 21.13 -23.32 -29.44
CA CYS D 249 21.60 -24.71 -29.38
C CYS D 249 22.41 -25.08 -30.62
N THR D 250 23.70 -24.78 -30.59
CA THR D 250 24.60 -25.18 -31.68
C THR D 250 25.14 -26.60 -31.50
N SER D 251 25.08 -27.14 -30.28
CA SER D 251 25.67 -28.44 -29.97
C SER D 251 24.58 -29.47 -29.69
N LEU D 252 24.81 -30.70 -30.15
CA LEU D 252 23.94 -31.83 -29.89
C LEU D 252 24.76 -32.92 -29.21
N CYS D 253 24.33 -33.35 -28.04
CA CYS D 253 25.04 -34.31 -27.20
C CYS D 253 24.20 -35.56 -26.99
N CYS D 254 24.71 -36.48 -26.18
CA CYS D 254 23.99 -37.69 -25.80
C CYS D 254 23.14 -37.42 -24.56
N LYS D 255 21.93 -37.98 -24.56
CA LYS D 255 20.97 -37.65 -23.51
C LYS D 255 21.20 -38.45 -22.23
N GLN D 256 21.75 -39.66 -22.32
CA GLN D 256 21.93 -40.50 -21.15
C GLN D 256 23.30 -40.30 -20.48
N CYS D 257 24.19 -39.52 -21.10
CA CYS D 257 25.47 -39.16 -20.50
C CYS D 257 25.76 -37.67 -20.51
N GLN D 258 24.92 -36.86 -21.17
CA GLN D 258 24.93 -35.40 -21.06
C GLN D 258 26.16 -34.73 -21.68
N GLU D 259 27.29 -34.79 -20.98
CA GLU D 259 28.43 -33.91 -21.25
C GLU D 259 29.24 -34.28 -22.50
N THR D 260 28.78 -35.24 -23.31
CA THR D 260 29.54 -35.66 -24.51
C THR D 260 28.85 -35.11 -25.75
N GLU D 261 29.41 -34.04 -26.32
CA GLU D 261 28.84 -33.41 -27.51
C GLU D 261 29.22 -34.18 -28.76
N ILE D 262 28.23 -34.46 -29.61
CA ILE D 262 28.43 -35.26 -30.81
C ILE D 262 28.70 -34.41 -32.04
N THR D 263 27.70 -33.66 -32.50
CA THR D 263 27.81 -32.88 -33.72
C THR D 263 27.14 -31.52 -33.51
N THR D 264 27.30 -30.64 -34.50
CA THR D 264 26.83 -29.27 -34.40
C THR D 264 25.79 -29.00 -35.48
N LYS D 265 25.09 -27.87 -35.31
CA LYS D 265 23.99 -27.49 -36.20
C LYS D 265 24.47 -27.18 -37.62
N ASN D 266 25.67 -26.62 -37.76
CA ASN D 266 26.14 -26.10 -39.03
C ASN D 266 26.23 -27.16 -40.13
N GLU D 267 26.18 -28.45 -39.79
CA GLU D 267 26.31 -29.50 -40.79
C GLU D 267 24.99 -30.14 -41.18
N ILE D 268 23.88 -29.76 -40.54
CA ILE D 268 22.60 -30.38 -40.86
C ILE D 268 22.24 -30.09 -42.31
N PHE D 269 22.06 -31.15 -43.10
CA PHE D 269 21.67 -31.05 -44.49
C PHE D 269 20.46 -31.95 -44.72
N SER D 270 19.80 -31.76 -45.87
CA SER D 270 18.66 -32.57 -46.26
C SER D 270 19.07 -33.49 -47.39
N LEU D 271 19.15 -34.79 -47.09
CA LEU D 271 19.59 -35.78 -48.08
C LEU D 271 18.64 -35.82 -49.27
N SER D 272 17.34 -35.85 -49.01
CA SER D 272 16.34 -35.94 -50.08
C SER D 272 15.20 -34.99 -49.74
N LEU D 273 14.06 -35.19 -50.41
CA LEU D 273 12.97 -34.21 -50.38
C LEU D 273 12.40 -34.04 -48.97
N CYS D 274 12.34 -35.11 -48.19
CA CYS D 274 11.59 -35.10 -46.93
C CYS D 274 12.26 -34.32 -45.82
N GLY D 275 13.10 -33.35 -46.18
CA GLY D 275 13.73 -32.49 -45.20
C GLY D 275 14.98 -33.11 -44.63
N PRO D 276 15.54 -32.50 -43.58
CA PRO D 276 16.76 -33.04 -42.97
C PRO D 276 16.46 -34.11 -41.92
N MET D 277 15.26 -34.09 -41.37
CA MET D 277 14.84 -35.03 -40.33
C MET D 277 13.49 -35.65 -40.71
N ALA D 278 13.48 -36.97 -40.92
CA ALA D 278 12.28 -37.69 -41.26
C ALA D 278 12.18 -38.94 -40.40
N ALA D 279 10.94 -39.37 -40.14
CA ALA D 279 10.69 -40.56 -39.33
C ALA D 279 10.73 -41.80 -40.21
N TYR D 280 11.47 -42.82 -39.75
CA TYR D 280 11.60 -44.08 -40.46
C TYR D 280 11.35 -45.23 -39.49
N VAL D 281 11.20 -46.43 -40.05
CA VAL D 281 10.89 -47.63 -39.28
C VAL D 281 11.88 -48.72 -39.63
N ASN D 282 12.29 -49.49 -38.62
CA ASN D 282 13.14 -50.64 -38.80
C ASN D 282 12.31 -51.86 -39.22
N PRO D 283 12.95 -52.92 -39.73
CA PRO D 283 12.18 -54.10 -40.12
C PRO D 283 11.37 -54.73 -39.00
N HIS D 284 11.68 -54.43 -37.74
CA HIS D 284 11.00 -55.07 -36.62
C HIS D 284 9.92 -54.20 -35.99
N GLY D 285 9.79 -52.93 -36.38
CA GLY D 285 8.74 -52.09 -35.86
C GLY D 285 9.22 -51.16 -34.75
N TYR D 286 10.16 -50.28 -35.08
CA TYR D 286 10.69 -49.30 -34.13
C TYR D 286 10.96 -48.02 -34.89
N VAL D 287 10.31 -46.94 -34.46
CA VAL D 287 10.42 -45.66 -35.16
C VAL D 287 11.77 -45.04 -34.87
N HIS D 288 12.39 -44.47 -35.90
CA HIS D 288 13.71 -43.84 -35.79
C HIS D 288 13.68 -42.53 -36.56
N GLU D 289 13.59 -41.42 -35.83
CA GLU D 289 13.66 -40.09 -36.44
C GLU D 289 15.13 -39.74 -36.57
N THR D 290 15.65 -39.81 -37.80
CA THR D 290 17.08 -39.73 -38.05
C THR D 290 17.44 -38.38 -38.67
N LEU D 291 18.14 -37.56 -37.91
CA LEU D 291 18.74 -36.33 -38.44
C LEU D 291 19.97 -36.67 -39.25
N THR D 292 20.11 -36.04 -40.42
CA THR D 292 21.24 -36.27 -41.30
C THR D 292 22.26 -35.14 -41.12
N VAL D 293 23.53 -35.51 -40.95
CA VAL D 293 24.61 -34.54 -40.81
C VAL D 293 25.79 -34.98 -41.68
N TYR D 294 26.94 -34.36 -41.47
CA TYR D 294 28.16 -34.68 -42.21
C TYR D 294 29.28 -35.27 -41.37
N LYS D 295 29.42 -34.83 -40.12
CA LYS D 295 30.49 -35.33 -39.27
C LYS D 295 30.05 -35.20 -37.80
N ALA D 296 30.66 -36.03 -36.96
CA ALA D 296 30.32 -36.06 -35.55
C ALA D 296 31.55 -36.49 -34.75
N CYS D 297 31.39 -36.45 -33.42
CA CYS D 297 32.43 -36.90 -32.50
C CYS D 297 31.98 -38.20 -31.85
N ASN D 298 32.89 -38.81 -31.10
CA ASN D 298 32.69 -40.15 -30.53
C ASN D 298 32.34 -41.15 -31.62
N LEU D 299 32.86 -40.92 -32.82
CA LEU D 299 32.51 -41.74 -33.97
C LEU D 299 33.19 -43.10 -33.91
N ASN D 300 32.44 -44.14 -34.28
CA ASN D 300 32.97 -45.50 -34.27
C ASN D 300 32.05 -46.34 -35.15
N LEU D 301 32.56 -46.74 -36.32
CA LEU D 301 31.79 -47.55 -37.26
C LEU D 301 31.86 -49.01 -36.82
N ILE D 302 30.89 -49.42 -36.01
CA ILE D 302 30.85 -50.78 -35.47
C ILE D 302 30.26 -51.68 -36.55
N GLY D 303 31.13 -52.36 -37.29
CA GLY D 303 30.72 -53.33 -38.30
C GLY D 303 31.20 -52.95 -39.68
N ARG D 304 30.61 -53.61 -40.68
CA ARG D 304 30.95 -53.44 -42.08
C ARG D 304 29.72 -52.99 -42.86
N PRO D 305 29.92 -52.31 -44.01
CA PRO D 305 28.77 -51.84 -44.82
C PRO D 305 27.72 -52.89 -45.10
N SER D 306 26.53 -52.71 -44.52
CA SER D 306 25.37 -53.54 -44.80
C SER D 306 24.33 -52.72 -45.57
N THR D 307 23.56 -53.40 -46.41
CA THR D 307 22.65 -52.73 -47.33
C THR D 307 21.19 -53.12 -47.15
N GLU D 308 20.90 -54.15 -46.35
CA GLU D 308 19.53 -54.63 -46.21
C GLU D 308 18.63 -53.57 -45.58
N HIS D 309 17.50 -53.31 -46.24
CA HIS D 309 16.51 -52.32 -45.80
C HIS D 309 17.12 -50.93 -45.65
N SER D 310 18.04 -50.58 -46.55
CA SER D 310 18.66 -49.26 -46.53
C SER D 310 17.60 -48.19 -46.73
N TRP D 311 17.43 -47.33 -45.72
CA TRP D 311 16.44 -46.25 -45.80
C TRP D 311 16.72 -45.31 -46.97
N PHE D 312 18.00 -45.07 -47.25
CA PHE D 312 18.40 -44.23 -48.38
C PHE D 312 19.03 -45.10 -49.45
N PRO D 313 18.38 -45.26 -50.62
CA PRO D 313 18.91 -46.16 -51.64
C PRO D 313 20.30 -45.75 -52.11
N GLY D 314 21.19 -46.73 -52.23
CA GLY D 314 22.56 -46.48 -52.60
C GLY D 314 23.49 -46.15 -51.45
N TYR D 315 23.18 -46.57 -50.24
CA TYR D 315 24.01 -46.28 -49.08
C TYR D 315 23.96 -47.45 -48.11
N ALA D 316 25.07 -47.67 -47.40
CA ALA D 316 25.22 -48.81 -46.50
C ALA D 316 25.37 -48.32 -45.07
N TRP D 317 24.50 -48.81 -44.19
CA TRP D 317 24.43 -48.35 -42.80
C TRP D 317 25.40 -49.12 -41.90
N THR D 318 25.91 -48.42 -40.89
CA THR D 318 26.80 -49.01 -39.90
C THR D 318 26.54 -48.37 -38.55
N VAL D 319 26.35 -49.19 -37.51
CA VAL D 319 25.96 -48.68 -36.20
C VAL D 319 27.10 -47.86 -35.58
N ALA D 320 26.73 -46.97 -34.66
CA ALA D 320 27.69 -46.11 -33.98
C ALA D 320 27.23 -45.90 -32.54
N GLN D 321 28.21 -45.79 -31.64
CA GLN D 321 27.94 -45.62 -30.22
C GLN D 321 28.89 -44.58 -29.62
N CYS D 322 28.63 -44.22 -28.37
CA CYS D 322 29.41 -43.25 -27.63
C CYS D 322 30.61 -43.91 -26.96
N LYS D 323 31.59 -43.07 -26.59
CA LYS D 323 32.83 -43.55 -25.99
C LYS D 323 32.89 -43.27 -24.49
N ILE D 324 31.74 -43.05 -23.86
CA ILE D 324 31.68 -42.85 -22.42
C ILE D 324 30.53 -43.67 -21.86
N CYS D 325 29.39 -43.63 -22.55
CA CYS D 325 28.19 -44.33 -22.14
C CYS D 325 27.79 -45.48 -23.06
N ALA D 326 28.41 -45.58 -24.24
CA ALA D 326 28.18 -46.69 -25.17
C ALA D 326 26.71 -46.80 -25.58
N SER D 327 25.97 -45.70 -25.54
CA SER D 327 24.60 -45.72 -26.01
C SER D 327 24.56 -45.56 -27.53
N HIS D 328 23.47 -46.03 -28.12
CA HIS D 328 23.30 -45.94 -29.56
C HIS D 328 23.11 -44.50 -30.00
N ILE D 329 23.84 -44.09 -31.04
CA ILE D 329 23.77 -42.75 -31.57
C ILE D 329 23.13 -42.71 -32.95
N GLY D 330 23.43 -43.69 -33.79
CA GLY D 330 22.83 -43.73 -35.12
C GLY D 330 23.53 -44.67 -36.07
N TRP D 331 23.63 -44.26 -37.33
CA TRP D 331 24.21 -45.09 -38.37
C TRP D 331 25.05 -44.22 -39.29
N LYS D 332 26.04 -44.84 -39.93
CA LYS D 332 26.88 -44.17 -40.92
C LYS D 332 26.59 -44.76 -42.29
N PHE D 333 26.33 -43.88 -43.26
CA PHE D 333 25.96 -44.26 -44.60
C PHE D 333 27.14 -44.06 -45.55
N THR D 334 27.38 -45.04 -46.41
CA THR D 334 28.48 -45.01 -47.36
C THR D 334 27.91 -45.43 -48.71
N ALA D 335 28.11 -44.58 -49.72
CA ALA D 335 27.44 -44.77 -50.99
C ALA D 335 27.95 -46.00 -51.72
N THR D 336 27.21 -46.38 -52.76
CA THR D 336 27.50 -47.52 -53.61
C THR D 336 27.95 -46.99 -54.97
N LYS D 337 26.97 -46.56 -55.77
CA LYS D 337 27.28 -46.02 -57.09
C LYS D 337 28.16 -44.79 -56.95
N LYS D 338 29.27 -44.77 -57.70
CA LYS D 338 30.21 -43.65 -57.59
C LYS D 338 29.61 -42.35 -58.10
N ASP D 339 28.68 -42.42 -59.05
CA ASP D 339 28.03 -41.22 -59.59
C ASP D 339 26.75 -40.89 -58.81
N MET D 340 26.92 -40.67 -57.50
CA MET D 340 25.80 -40.34 -56.64
C MET D 340 26.24 -39.36 -55.57
N SER D 341 25.48 -38.27 -55.41
CA SER D 341 25.79 -37.22 -54.43
C SER D 341 24.92 -37.40 -53.19
N PRO D 342 25.50 -37.41 -51.99
CA PRO D 342 26.94 -37.39 -51.71
C PRO D 342 27.49 -38.80 -51.52
N GLN D 343 28.75 -38.96 -51.12
CA GLN D 343 29.34 -40.26 -50.90
C GLN D 343 29.72 -40.45 -49.43
N LYS D 344 28.87 -39.95 -48.52
CA LYS D 344 29.12 -40.09 -47.09
C LYS D 344 27.85 -39.87 -46.28
N PHE D 345 27.81 -38.75 -45.54
CA PHE D 345 26.72 -38.29 -44.68
C PHE D 345 26.30 -39.30 -43.61
N TRP D 346 25.84 -38.80 -42.48
CA TRP D 346 25.53 -39.57 -41.29
C TRP D 346 24.02 -39.62 -41.06
N GLY D 347 23.62 -40.38 -40.04
CA GLY D 347 22.22 -40.46 -39.66
C GLY D 347 22.06 -40.78 -38.19
N LEU D 348 21.75 -39.77 -37.38
CA LEU D 348 21.68 -39.90 -35.94
C LEU D 348 20.22 -39.92 -35.49
N THR D 349 19.88 -40.87 -34.62
CA THR D 349 18.52 -40.95 -34.12
C THR D 349 18.26 -39.84 -33.10
N ARG D 350 17.09 -39.22 -33.21
CA ARG D 350 16.74 -38.10 -32.34
C ARG D 350 16.64 -38.54 -30.87
N SER D 351 16.09 -39.73 -30.62
CA SER D 351 15.77 -40.13 -29.26
C SER D 351 16.99 -40.16 -28.34
N ALA D 352 18.20 -40.32 -28.90
CA ALA D 352 19.42 -40.39 -28.11
C ALA D 352 20.28 -39.14 -28.24
N LEU D 353 19.65 -37.99 -28.52
CA LEU D 353 20.37 -36.73 -28.67
C LEU D 353 19.81 -35.68 -27.73
N LEU D 354 20.70 -34.89 -27.15
CA LEU D 354 20.34 -33.77 -26.29
C LEU D 354 20.99 -32.51 -26.83
N PRO D 355 20.22 -31.51 -27.25
CA PRO D 355 20.83 -30.24 -27.67
C PRO D 355 21.18 -29.38 -26.47
N THR D 356 22.35 -28.75 -26.55
CA THR D 356 22.85 -27.91 -25.47
C THR D 356 23.33 -26.58 -26.03
N ILE D 357 23.45 -25.57 -25.17
CA ILE D 357 23.93 -24.23 -25.64
C ILE D 357 25.43 -24.14 -25.36
N PRO D 358 26.29 -24.06 -26.38
CA PRO D 358 27.74 -24.05 -26.17
C PRO D 358 28.22 -22.91 -25.27
N ASP D 359 28.47 -23.23 -23.99
CA ASP D 359 29.09 -22.29 -23.02
C ASP D 359 30.02 -23.08 -22.09
N SER E 2 -11.49 -8.50 -7.08
CA SER E 2 -12.10 -7.27 -6.60
C SER E 2 -13.05 -6.68 -7.64
N TYR E 3 -13.62 -5.52 -7.33
CA TYR E 3 -14.53 -4.82 -8.22
C TYR E 3 -14.08 -3.38 -8.32
N ASN E 4 -14.02 -2.85 -9.54
CA ASN E 4 -13.41 -1.57 -9.82
C ASN E 4 -14.43 -0.61 -10.42
N TYR E 5 -13.96 0.58 -10.77
CA TYR E 5 -14.80 1.68 -11.25
C TYR E 5 -13.99 2.52 -12.21
N VAL E 6 -14.42 2.57 -13.47
CA VAL E 6 -13.75 3.36 -14.50
C VAL E 6 -14.70 4.45 -14.97
N VAL E 7 -14.15 5.65 -15.13
CA VAL E 7 -14.93 6.81 -15.57
C VAL E 7 -14.03 7.67 -16.45
N THR E 8 -14.62 8.28 -17.48
CA THR E 8 -13.86 9.07 -18.43
C THR E 8 -13.60 10.46 -17.84
N ALA E 9 -12.32 10.79 -17.64
CA ALA E 9 -11.96 12.11 -17.14
C ALA E 9 -11.92 13.14 -18.26
N GLN E 10 -11.41 12.75 -19.43
CA GLN E 10 -11.30 13.65 -20.58
C GLN E 10 -11.78 12.93 -21.83
N LYS E 11 -12.77 13.50 -22.51
CA LYS E 11 -13.27 12.93 -23.74
C LYS E 11 -12.17 12.84 -24.78
N PRO E 12 -12.30 11.94 -25.77
CA PRO E 12 -11.25 11.82 -26.79
C PRO E 12 -11.12 13.09 -27.60
N THR E 13 -9.87 13.41 -27.99
CA THR E 13 -9.58 14.66 -28.67
C THR E 13 -9.21 14.49 -30.13
N ALA E 14 -8.79 13.29 -30.56
CA ALA E 14 -8.34 13.10 -31.93
C ALA E 14 -9.51 12.89 -32.87
N VAL E 15 -9.41 13.45 -34.06
CA VAL E 15 -10.46 13.40 -35.06
C VAL E 15 -10.13 12.31 -36.06
N ASN E 16 -11.05 11.37 -36.26
CA ASN E 16 -10.89 10.29 -37.24
C ASN E 16 -11.93 10.35 -38.35
N GLY E 17 -12.80 11.37 -38.36
CA GLY E 17 -13.81 11.50 -39.38
C GLY E 17 -14.44 12.87 -39.40
N CYS E 18 -14.77 13.38 -40.59
CA CYS E 18 -15.31 14.72 -40.74
C CYS E 18 -16.00 14.83 -42.09
N VAL E 19 -17.27 15.25 -42.08
CA VAL E 19 -18.07 15.36 -43.29
C VAL E 19 -18.96 16.60 -43.19
N THR E 20 -19.14 17.28 -44.31
CA THR E 20 -20.10 18.37 -44.41
C THR E 20 -21.47 17.83 -44.80
N GLY E 21 -22.42 18.73 -44.95
CA GLY E 21 -23.78 18.36 -45.32
C GLY E 21 -24.78 19.29 -44.67
N HIS E 22 -26.05 18.91 -44.82
CA HIS E 22 -27.17 19.69 -44.32
C HIS E 22 -28.01 18.79 -43.40
N PHE E 23 -27.47 18.52 -42.21
CA PHE E 23 -28.07 17.53 -41.33
C PHE E 23 -29.19 18.14 -40.48
N THR E 24 -28.90 19.26 -39.81
CA THR E 24 -29.89 19.85 -38.90
C THR E 24 -31.01 20.53 -39.67
N SER E 25 -30.68 21.55 -40.46
CA SER E 25 -31.65 22.25 -41.28
C SER E 25 -31.25 22.12 -42.74
N ALA E 26 -32.24 21.91 -43.60
CA ALA E 26 -31.99 21.68 -45.03
C ALA E 26 -31.18 22.81 -45.67
N GLU E 27 -31.25 24.02 -45.12
CA GLU E 27 -30.47 25.13 -45.65
C GLU E 27 -29.18 25.40 -44.89
N ASP E 28 -29.08 24.95 -43.63
CA ASP E 28 -27.87 25.14 -42.86
C ASP E 28 -26.75 24.26 -43.40
N LEU E 29 -25.52 24.72 -43.23
CA LEU E 29 -24.32 23.96 -43.60
C LEU E 29 -23.72 23.37 -42.34
N ASN E 30 -23.84 22.05 -42.19
CA ASN E 30 -23.38 21.35 -41.00
C ASN E 30 -22.01 20.74 -41.23
N LEU E 31 -21.23 20.67 -40.15
CA LEU E 31 -19.94 19.97 -40.15
C LEU E 31 -20.00 18.92 -39.06
N LEU E 32 -20.18 17.66 -39.45
CA LEU E 32 -20.20 16.55 -38.51
C LEU E 32 -18.79 16.01 -38.33
N ILE E 33 -18.42 15.77 -37.06
CA ILE E 33 -17.06 15.41 -36.69
C ILE E 33 -17.13 14.19 -35.77
N ALA E 34 -16.25 13.22 -36.02
CA ALA E 34 -16.17 12.00 -35.24
C ALA E 34 -14.87 11.99 -34.45
N LYS E 35 -14.98 12.05 -33.13
CA LYS E 35 -13.85 11.92 -32.23
C LYS E 35 -13.99 10.58 -31.50
N ASN E 36 -13.59 9.51 -32.20
CA ASN E 36 -13.74 8.13 -31.72
C ASN E 36 -15.20 7.83 -31.41
N THR E 37 -15.58 7.91 -30.14
CA THR E 37 -16.94 7.63 -29.72
C THR E 37 -17.82 8.88 -29.64
N ARG E 38 -17.25 10.06 -29.88
CA ARG E 38 -17.99 11.31 -29.81
C ARG E 38 -18.32 11.81 -31.20
N LEU E 39 -19.54 12.33 -31.36
CA LEU E 39 -20.00 12.91 -32.62
C LEU E 39 -20.32 14.38 -32.37
N GLU E 40 -19.55 15.27 -33.01
CA GLU E 40 -19.71 16.71 -32.84
C GLU E 40 -20.41 17.29 -34.08
N ILE E 41 -21.52 17.98 -33.86
CA ILE E 41 -22.29 18.63 -34.91
C ILE E 41 -22.08 20.13 -34.81
N TYR E 42 -21.87 20.77 -35.96
CA TYR E 42 -21.65 22.21 -36.02
C TYR E 42 -22.51 22.82 -37.13
N VAL E 43 -22.51 24.14 -37.17
CA VAL E 43 -23.09 24.91 -38.27
C VAL E 43 -22.05 25.93 -38.71
N VAL E 44 -21.79 26.00 -40.01
CA VAL E 44 -20.76 26.87 -40.56
C VAL E 44 -21.38 28.24 -40.79
N THR E 45 -20.96 29.22 -39.98
CA THR E 45 -21.38 30.60 -40.14
C THR E 45 -20.32 31.39 -40.88
N ALA E 46 -20.59 32.69 -41.08
CA ALA E 46 -19.61 33.55 -41.74
C ALA E 46 -18.33 33.69 -40.92
N GLU E 47 -18.44 33.61 -39.58
CA GLU E 47 -17.26 33.72 -38.73
C GLU E 47 -16.53 32.39 -38.63
N GLY E 48 -17.19 31.36 -38.10
CA GLY E 48 -16.57 30.07 -37.94
C GLY E 48 -17.57 28.95 -37.73
N LEU E 49 -17.41 28.19 -36.64
CA LEU E 49 -18.26 27.05 -36.33
C LEU E 49 -19.12 27.38 -35.12
N ARG E 50 -20.40 27.07 -35.21
CA ARG E 50 -21.34 27.28 -34.11
C ARG E 50 -21.77 25.94 -33.56
N PRO E 51 -21.37 25.57 -32.34
CA PRO E 51 -21.72 24.25 -31.80
C PRO E 51 -23.23 24.09 -31.65
N VAL E 52 -23.72 22.91 -32.03
CA VAL E 52 -25.14 22.60 -32.01
C VAL E 52 -25.45 21.49 -31.01
N LYS E 53 -24.70 20.39 -31.07
CA LYS E 53 -24.94 19.27 -30.18
C LYS E 53 -23.73 18.34 -30.19
N GLU E 54 -23.63 17.53 -29.14
CA GLU E 54 -22.61 16.50 -29.01
C GLU E 54 -23.23 15.30 -28.31
N VAL E 55 -23.13 14.13 -28.93
CA VAL E 55 -23.75 12.91 -28.41
C VAL E 55 -22.70 11.82 -28.32
N GLY E 56 -22.93 10.87 -27.42
CA GLY E 56 -22.01 9.76 -27.23
C GLY E 56 -22.61 8.43 -27.61
N MET E 57 -21.99 7.75 -28.57
CA MET E 57 -22.46 6.46 -29.05
C MET E 57 -21.82 5.32 -28.26
N TYR E 58 -22.59 4.24 -28.09
CA TYR E 58 -22.06 3.00 -27.53
C TYR E 58 -21.35 2.22 -28.64
N GLY E 59 -20.18 2.72 -29.01
CA GLY E 59 -19.44 2.11 -30.10
C GLY E 59 -18.46 3.04 -30.80
N LYS E 60 -17.26 2.55 -31.07
CA LYS E 60 -16.26 3.33 -31.78
C LYS E 60 -16.70 3.57 -33.21
N ILE E 61 -16.88 4.84 -33.59
CA ILE E 61 -17.36 5.16 -34.92
C ILE E 61 -16.28 4.83 -35.94
N ALA E 62 -16.66 4.09 -36.98
CA ALA E 62 -15.74 3.66 -38.02
C ALA E 62 -16.11 4.20 -39.40
N VAL E 63 -17.39 4.19 -39.76
CA VAL E 63 -17.86 4.73 -41.03
C VAL E 63 -18.96 5.74 -40.72
N MET E 64 -18.79 6.97 -41.21
CA MET E 64 -19.75 8.05 -40.97
C MET E 64 -19.90 8.86 -42.25
N GLU E 65 -21.10 8.83 -42.82
CA GLU E 65 -21.37 9.49 -44.09
C GLU E 65 -22.79 10.02 -44.08
N LEU E 66 -22.97 11.20 -44.66
CA LEU E 66 -24.29 11.81 -44.80
C LEU E 66 -24.84 11.55 -46.19
N PHE E 67 -26.16 11.38 -46.27
CA PHE E 67 -26.82 11.01 -47.51
C PHE E 67 -28.27 11.45 -47.46
N ARG E 68 -28.80 11.85 -48.62
CA ARG E 68 -30.17 12.34 -48.73
C ARG E 68 -30.97 11.44 -49.67
N PRO E 69 -31.75 10.49 -49.16
CA PRO E 69 -32.63 9.71 -50.02
C PRO E 69 -33.77 10.55 -50.55
N LYS E 70 -34.33 10.11 -51.68
CA LYS E 70 -35.41 10.85 -52.32
C LYS E 70 -36.62 10.95 -51.39
N GLY E 71 -37.29 12.10 -51.45
CA GLY E 71 -38.44 12.35 -50.61
C GLY E 71 -38.11 12.38 -49.13
N GLU E 72 -37.15 13.22 -48.75
CA GLU E 72 -36.73 13.36 -47.36
C GLU E 72 -36.58 14.83 -47.01
N SER E 73 -37.04 15.19 -45.81
CA SER E 73 -36.96 16.57 -45.33
C SER E 73 -35.57 17.16 -45.51
N LYS E 74 -34.54 16.45 -45.05
CA LYS E 74 -33.17 16.95 -45.10
C LYS E 74 -32.23 15.76 -45.19
N ASP E 75 -30.94 16.02 -44.98
CA ASP E 75 -29.93 14.97 -45.05
C ASP E 75 -30.06 14.02 -43.87
N LEU E 76 -29.82 12.73 -44.12
CA LEU E 76 -29.78 11.72 -43.08
C LEU E 76 -28.34 11.25 -42.88
N LEU E 77 -28.10 10.64 -41.73
CA LEU E 77 -26.77 10.23 -41.32
C LEU E 77 -26.71 8.72 -41.16
N PHE E 78 -25.62 8.13 -41.64
CA PHE E 78 -25.36 6.70 -41.48
C PHE E 78 -24.05 6.52 -40.73
N ILE E 79 -24.07 5.64 -39.73
CA ILE E 79 -22.91 5.39 -38.88
C ILE E 79 -22.73 3.90 -38.71
N LEU E 80 -21.51 3.41 -38.96
CA LEU E 80 -21.15 2.01 -38.72
C LEU E 80 -19.96 1.98 -37.77
N THR E 81 -20.08 1.19 -36.70
CA THR E 81 -19.04 1.14 -35.69
C THR E 81 -18.06 0.02 -35.99
N ALA E 82 -17.01 -0.07 -35.17
CA ALA E 82 -16.05 -1.17 -35.28
C ALA E 82 -16.63 -2.48 -34.77
N LYS E 83 -17.67 -2.42 -33.93
CA LYS E 83 -18.41 -3.60 -33.49
C LYS E 83 -19.47 -4.03 -34.50
N TYR E 84 -19.45 -3.44 -35.69
CA TYR E 84 -20.39 -3.78 -36.77
C TYR E 84 -21.83 -3.43 -36.40
N ASN E 85 -22.02 -2.27 -35.78
CA ASN E 85 -23.34 -1.72 -35.51
C ASN E 85 -23.65 -0.68 -36.56
N ALA E 86 -24.74 -0.89 -37.31
CA ALA E 86 -25.17 0.04 -38.34
C ALA E 86 -26.41 0.77 -37.87
N CYS E 87 -26.51 2.05 -38.22
CA CYS E 87 -27.63 2.86 -37.76
C CYS E 87 -27.80 4.06 -38.69
N ILE E 88 -29.06 4.48 -38.85
CA ILE E 88 -29.41 5.70 -39.57
C ILE E 88 -29.98 6.68 -38.57
N LEU E 89 -29.45 7.90 -38.58
CA LEU E 89 -29.75 8.90 -37.56
C LEU E 89 -30.39 10.12 -38.20
N GLU E 90 -31.42 10.65 -37.53
CA GLU E 90 -32.09 11.88 -37.95
C GLU E 90 -32.00 12.90 -36.82
N TYR E 91 -32.02 14.17 -37.19
CA TYR E 91 -31.96 15.26 -36.23
C TYR E 91 -33.36 15.78 -35.93
N LYS E 92 -33.58 16.13 -34.66
CA LYS E 92 -34.87 16.63 -34.21
C LYS E 92 -34.63 17.69 -33.14
N GLN E 93 -34.94 18.93 -33.46
CA GLN E 93 -34.79 20.05 -32.52
C GLN E 93 -36.17 20.71 -32.42
N SER E 94 -36.94 20.30 -31.41
CA SER E 94 -38.28 20.83 -31.18
C SER E 94 -38.16 22.15 -30.44
N GLY E 95 -37.93 23.22 -31.19
CA GLY E 95 -37.74 24.52 -30.62
C GLY E 95 -36.38 24.64 -29.96
N GLU E 96 -36.27 24.15 -28.72
CA GLU E 96 -35.01 24.17 -27.99
C GLU E 96 -34.55 22.79 -27.53
N SER E 97 -35.43 21.78 -27.55
CA SER E 97 -35.06 20.43 -27.15
C SER E 97 -34.49 19.69 -28.36
N ILE E 98 -33.17 19.52 -28.39
CA ILE E 98 -32.50 18.86 -29.50
C ILE E 98 -32.39 17.37 -29.20
N ASP E 99 -32.91 16.55 -30.11
CA ASP E 99 -32.84 15.08 -29.99
C ASP E 99 -32.37 14.49 -31.31
N ILE E 100 -31.64 13.39 -31.23
CA ILE E 100 -31.12 12.69 -32.41
C ILE E 100 -31.72 11.29 -32.39
N ILE E 101 -32.89 11.14 -33.01
CA ILE E 101 -33.53 9.83 -33.03
C ILE E 101 -32.84 8.92 -34.03
N THR E 102 -33.15 7.64 -33.93
CA THR E 102 -32.58 6.60 -34.78
C THR E 102 -33.65 6.09 -35.74
N ARG E 103 -33.40 6.26 -37.04
CA ARG E 103 -34.34 5.83 -38.05
C ARG E 103 -34.25 4.33 -38.33
N ALA E 104 -33.06 3.75 -38.18
CA ALA E 104 -32.87 2.32 -38.41
C ALA E 104 -31.64 1.87 -37.63
N HIS E 105 -31.65 0.61 -37.22
CA HIS E 105 -30.54 0.05 -36.45
C HIS E 105 -30.40 -1.43 -36.76
N GLY E 106 -29.17 -1.90 -36.82
CA GLY E 106 -28.91 -3.30 -37.09
C GLY E 106 -27.45 -3.64 -36.91
N ASN E 107 -27.19 -4.92 -36.70
CA ASN E 107 -25.85 -5.45 -36.56
C ASN E 107 -25.54 -6.28 -37.81
N VAL E 108 -24.35 -6.07 -38.37
CA VAL E 108 -24.00 -6.67 -39.66
C VAL E 108 -22.79 -7.59 -39.54
N GLN E 109 -22.56 -8.13 -38.33
CA GLN E 109 -21.45 -9.05 -38.13
C GLN E 109 -21.80 -10.43 -38.69
N ASP E 110 -20.92 -10.95 -39.54
CA ASP E 110 -21.08 -12.30 -40.07
C ASP E 110 -20.33 -13.29 -39.18
N ARG E 111 -20.93 -14.46 -38.99
CA ARG E 111 -20.29 -15.50 -38.18
C ARG E 111 -18.92 -15.87 -38.73
N ILE E 112 -18.84 -16.10 -40.03
CA ILE E 112 -17.58 -16.38 -40.69
C ILE E 112 -17.05 -15.10 -41.32
N GLY E 113 -15.84 -15.15 -41.84
CA GLY E 113 -15.28 -14.01 -42.52
C GLY E 113 -13.90 -13.60 -42.01
N ARG E 114 -13.05 -13.14 -42.90
CA ARG E 114 -11.71 -12.68 -42.55
C ARG E 114 -11.63 -11.18 -42.77
N PRO E 115 -11.53 -10.37 -41.72
CA PRO E 115 -11.37 -8.92 -41.88
C PRO E 115 -10.28 -8.58 -42.89
N SER E 116 -10.62 -7.70 -43.83
CA SER E 116 -9.73 -7.40 -44.93
C SER E 116 -8.51 -6.63 -44.46
N GLU E 117 -7.48 -6.59 -45.32
CA GLU E 117 -6.22 -5.98 -44.96
C GLU E 117 -6.32 -4.47 -44.86
N THR E 118 -7.19 -3.85 -45.67
CA THR E 118 -7.34 -2.40 -45.67
C THR E 118 -8.53 -1.92 -44.85
N GLY E 119 -9.02 -2.74 -43.92
CA GLY E 119 -10.02 -2.30 -42.97
C GLY E 119 -11.41 -2.14 -43.56
N ILE E 120 -12.30 -1.59 -42.71
CA ILE E 120 -13.68 -1.41 -43.08
C ILE E 120 -13.82 -0.24 -44.06
N ILE E 121 -14.61 -0.44 -45.10
CA ILE E 121 -14.91 0.59 -46.09
C ILE E 121 -16.42 0.70 -46.22
N GLY E 122 -16.94 1.93 -46.10
CA GLY E 122 -18.36 2.16 -46.25
C GLY E 122 -18.68 3.20 -47.30
N ILE E 123 -19.49 2.84 -48.29
CA ILE E 123 -19.84 3.73 -49.39
C ILE E 123 -21.33 3.65 -49.64
N ILE E 124 -21.90 4.76 -50.13
CA ILE E 124 -23.33 4.87 -50.38
C ILE E 124 -23.54 5.23 -51.84
N ASP E 125 -24.58 4.66 -52.45
CA ASP E 125 -24.86 4.88 -53.86
C ASP E 125 -25.19 6.35 -54.11
N PRO E 126 -24.76 6.92 -55.24
CA PRO E 126 -25.14 8.31 -55.55
C PRO E 126 -26.64 8.59 -55.45
N GLU E 127 -27.47 7.72 -56.02
CA GLU E 127 -28.91 7.90 -56.00
C GLU E 127 -29.55 7.34 -54.72
N CYS E 128 -28.74 7.09 -53.69
CA CYS E 128 -29.22 6.60 -52.40
C CYS E 128 -30.10 5.36 -52.55
N ARG E 129 -29.61 4.40 -53.32
CA ARG E 129 -30.31 3.14 -53.52
C ARG E 129 -29.82 2.03 -52.61
N MET E 130 -28.56 2.06 -52.20
CA MET E 130 -27.97 0.99 -51.42
C MET E 130 -26.84 1.54 -50.57
N ILE E 131 -26.36 0.71 -49.64
CA ILE E 131 -25.23 1.04 -48.77
C ILE E 131 -24.24 -0.11 -48.88
N GLY E 132 -23.10 0.14 -49.53
CA GLY E 132 -22.09 -0.88 -49.71
C GLY E 132 -21.10 -0.89 -48.54
N LEU E 133 -20.78 -2.10 -48.08
CA LEU E 133 -19.88 -2.29 -46.95
C LEU E 133 -18.86 -3.38 -47.32
N ARG E 134 -17.58 -3.01 -47.33
CA ARG E 134 -16.49 -3.95 -47.58
C ARG E 134 -15.95 -4.38 -46.22
N LEU E 135 -16.60 -5.38 -45.64
CA LEU E 135 -16.27 -5.85 -44.30
C LEU E 135 -15.22 -6.96 -44.30
N TYR E 136 -15.29 -7.89 -45.24
CA TYR E 136 -14.36 -9.01 -45.29
C TYR E 136 -13.88 -9.22 -46.72
N ASP E 137 -12.77 -9.95 -46.84
CA ASP E 137 -12.19 -10.22 -48.14
C ASP E 137 -13.11 -11.07 -48.99
N GLY E 138 -13.34 -10.64 -50.22
CA GLY E 138 -14.17 -11.38 -51.17
C GLY E 138 -15.66 -11.22 -51.00
N LEU E 139 -16.12 -10.57 -49.93
CA LEU E 139 -17.55 -10.37 -49.69
C LEU E 139 -17.85 -8.88 -49.68
N PHE E 140 -18.92 -8.49 -50.39
CA PHE E 140 -19.36 -7.10 -50.49
C PHE E 140 -20.80 -7.06 -49.99
N LYS E 141 -20.96 -6.79 -48.69
CA LYS E 141 -22.28 -6.74 -48.10
C LYS E 141 -23.07 -5.54 -48.63
N VAL E 142 -24.37 -5.72 -48.79
CA VAL E 142 -25.24 -4.71 -49.39
C VAL E 142 -26.50 -4.58 -48.55
N ILE E 143 -26.75 -3.39 -48.03
CA ILE E 143 -27.99 -3.06 -47.32
C ILE E 143 -28.86 -2.26 -48.27
N PRO E 144 -30.06 -2.74 -48.61
CA PRO E 144 -30.93 -1.99 -49.53
C PRO E 144 -31.59 -0.81 -48.84
N LEU E 145 -31.64 0.32 -49.55
CA LEU E 145 -32.11 1.59 -48.99
C LEU E 145 -33.55 1.84 -49.44
N ASP E 146 -34.47 1.11 -48.82
CA ASP E 146 -35.89 1.40 -48.94
C ASP E 146 -36.45 1.77 -47.58
N ARG E 147 -37.44 2.66 -47.57
CA ARG E 147 -37.97 3.19 -46.32
C ARG E 147 -38.88 2.21 -45.58
N ASP E 148 -38.73 0.91 -45.85
CA ASP E 148 -39.33 -0.13 -45.04
C ASP E 148 -38.27 -1.04 -44.40
N ASN E 149 -36.99 -0.73 -44.60
CA ASN E 149 -35.89 -1.52 -44.05
C ASN E 149 -35.44 -0.89 -42.74
N LYS E 150 -36.18 -1.20 -41.68
CA LYS E 150 -35.88 -0.63 -40.36
C LYS E 150 -34.81 -1.42 -39.63
N GLU E 151 -34.72 -2.73 -39.86
CA GLU E 151 -33.70 -3.56 -39.22
C GLU E 151 -32.41 -3.64 -40.02
N LEU E 152 -32.38 -3.06 -41.23
CA LEU E 152 -31.16 -2.99 -42.05
C LEU E 152 -30.65 -4.39 -42.40
N LYS E 153 -31.56 -5.29 -42.73
CA LYS E 153 -31.16 -6.62 -43.19
C LYS E 153 -30.39 -6.52 -44.51
N ALA E 154 -29.29 -7.25 -44.60
CA ALA E 154 -28.38 -7.14 -45.74
C ALA E 154 -28.17 -8.50 -46.37
N PHE E 155 -27.63 -8.48 -47.59
CA PHE E 155 -27.24 -9.68 -48.32
C PHE E 155 -25.85 -9.48 -48.91
N ASN E 156 -25.04 -10.54 -48.89
CA ASN E 156 -23.67 -10.48 -49.37
C ASN E 156 -23.58 -10.95 -50.82
N ILE E 157 -22.49 -10.54 -51.48
CA ILE E 157 -22.18 -10.97 -52.83
C ILE E 157 -20.71 -11.34 -52.88
N ARG E 158 -20.38 -12.31 -53.72
CA ARG E 158 -19.01 -12.80 -53.82
C ARG E 158 -18.17 -11.91 -54.73
N LEU E 159 -16.89 -11.77 -54.37
CA LEU E 159 -15.91 -11.04 -55.17
C LEU E 159 -14.76 -11.98 -55.51
N GLU E 160 -14.57 -12.24 -56.80
CA GLU E 160 -13.45 -13.08 -57.21
C GLU E 160 -12.10 -12.48 -56.84
N GLU E 161 -12.05 -11.18 -56.57
CA GLU E 161 -10.84 -10.51 -56.12
C GLU E 161 -10.90 -10.34 -54.61
N LEU E 162 -9.88 -10.84 -53.92
CA LEU E 162 -9.85 -10.80 -52.46
C LEU E 162 -9.10 -9.56 -51.94
N HIS E 163 -7.96 -9.23 -52.56
CA HIS E 163 -7.12 -8.13 -52.09
C HIS E 163 -7.51 -6.86 -52.83
N VAL E 164 -8.65 -6.29 -52.42
CA VAL E 164 -9.14 -5.01 -52.94
C VAL E 164 -8.73 -3.91 -51.98
N ILE E 165 -8.27 -2.78 -52.54
CA ILE E 165 -7.63 -1.74 -51.76
C ILE E 165 -8.66 -0.72 -51.30
N ASP E 166 -9.37 -0.10 -52.25
CA ASP E 166 -10.34 0.94 -51.95
C ASP E 166 -11.45 0.88 -52.98
N VAL E 167 -12.67 1.21 -52.55
CA VAL E 167 -13.84 1.09 -53.41
C VAL E 167 -14.79 2.25 -53.13
N LYS E 168 -15.32 2.83 -54.20
CA LYS E 168 -16.35 3.86 -54.13
C LYS E 168 -17.45 3.53 -55.13
N PHE E 169 -18.61 4.14 -54.92
CA PHE E 169 -19.70 4.04 -55.89
C PHE E 169 -19.49 5.05 -57.02
N LEU E 170 -19.62 4.58 -58.25
CA LEU E 170 -19.34 5.42 -59.41
C LEU E 170 -20.47 6.41 -59.66
N TYR E 171 -20.11 7.55 -60.24
CA TYR E 171 -21.05 8.63 -60.52
C TYR E 171 -21.41 8.65 -62.00
N GLY E 172 -22.66 8.96 -62.30
CA GLY E 172 -23.12 9.12 -63.66
C GLY E 172 -23.22 7.84 -64.45
N CYS E 173 -23.85 6.82 -63.87
CA CYS E 173 -24.02 5.53 -64.51
C CYS E 173 -25.49 5.16 -64.52
N GLN E 174 -25.87 4.34 -65.52
CA GLN E 174 -27.27 3.91 -65.64
C GLN E 174 -27.71 3.09 -64.43
N ALA E 175 -26.79 2.41 -63.78
CA ALA E 175 -27.09 1.51 -62.67
C ALA E 175 -26.09 1.76 -61.56
N PRO E 176 -26.41 1.34 -60.32
CA PRO E 176 -25.44 1.48 -59.22
C PRO E 176 -24.14 0.75 -59.51
N THR E 177 -23.08 1.50 -59.74
CA THR E 177 -21.81 0.97 -60.19
C THR E 177 -20.73 1.28 -59.16
N ILE E 178 -19.97 0.26 -58.76
CA ILE E 178 -18.83 0.41 -57.86
C ILE E 178 -17.55 0.38 -58.68
N CYS E 179 -16.53 1.07 -58.18
CA CYS E 179 -15.20 1.09 -58.79
C CYS E 179 -14.17 0.90 -57.70
N PHE E 180 -13.20 0.00 -57.93
CA PHE E 180 -12.26 -0.37 -56.89
C PHE E 180 -10.92 -0.74 -57.50
N VAL E 181 -9.86 -0.51 -56.73
CA VAL E 181 -8.51 -0.95 -57.05
C VAL E 181 -8.22 -2.21 -56.23
N TYR E 182 -7.68 -3.23 -56.89
CA TYR E 182 -7.35 -4.48 -56.23
C TYR E 182 -5.98 -4.95 -56.72
N GLN E 183 -5.43 -5.95 -56.02
CA GLN E 183 -4.12 -6.49 -56.34
C GLN E 183 -4.19 -8.00 -56.49
N ASP E 184 -3.52 -8.52 -57.51
CA ASP E 184 -3.34 -9.94 -57.75
C ASP E 184 -1.88 -10.19 -58.12
N PRO E 185 -1.41 -11.44 -58.12
CA PRO E 185 0.00 -11.70 -58.46
C PRO E 185 0.46 -11.06 -59.77
N GLN E 186 -0.47 -10.79 -60.68
CA GLN E 186 -0.11 -10.12 -61.93
C GLN E 186 0.31 -8.68 -61.67
N GLY E 187 -0.34 -8.01 -60.73
CA GLY E 187 -0.01 -6.63 -60.39
C GLY E 187 -1.17 -5.99 -59.65
N ARG E 188 -1.32 -4.69 -59.85
CA ARG E 188 -2.40 -3.92 -59.24
C ARG E 188 -3.34 -3.46 -60.35
N HIS E 189 -4.63 -3.70 -60.16
CA HIS E 189 -5.62 -3.47 -61.20
C HIS E 189 -6.74 -2.59 -60.70
N VAL E 190 -7.49 -2.02 -61.64
CA VAL E 190 -8.69 -1.27 -61.36
C VAL E 190 -9.83 -1.88 -62.17
N LYS E 191 -10.93 -2.20 -61.48
CA LYS E 191 -12.05 -2.90 -62.09
C LYS E 191 -13.34 -2.33 -61.52
N THR E 192 -14.43 -2.50 -62.26
CA THR E 192 -15.74 -2.07 -61.81
C THR E 192 -16.74 -3.20 -62.00
N TYR E 193 -17.78 -3.18 -61.16
CA TYR E 193 -18.92 -4.07 -61.28
C TYR E 193 -20.20 -3.26 -61.18
N GLU E 194 -21.25 -3.73 -61.86
CA GLU E 194 -22.59 -3.25 -61.60
C GLU E 194 -23.23 -4.12 -60.53
N VAL E 195 -24.16 -3.53 -59.79
CA VAL E 195 -24.78 -4.19 -58.65
C VAL E 195 -26.28 -4.25 -58.90
N SER E 196 -26.81 -5.46 -59.03
CA SER E 196 -28.24 -5.69 -59.21
C SER E 196 -28.87 -6.00 -57.85
N LEU E 197 -30.01 -5.35 -57.57
CA LEU E 197 -30.73 -5.63 -56.34
C LEU E 197 -31.76 -6.74 -56.52
N ARG E 198 -32.24 -6.95 -57.74
CA ARG E 198 -33.14 -8.07 -58.02
C ARG E 198 -32.37 -9.38 -58.05
N GLU E 199 -31.36 -9.47 -58.91
CA GLU E 199 -30.55 -10.67 -58.99
C GLU E 199 -29.71 -10.87 -57.73
N LYS E 200 -29.40 -9.78 -57.02
CA LYS E 200 -28.56 -9.81 -55.82
C LYS E 200 -27.18 -10.39 -56.14
N GLU E 201 -26.61 -9.97 -57.27
CA GLU E 201 -25.29 -10.40 -57.68
C GLU E 201 -24.69 -9.30 -58.56
N PHE E 202 -23.46 -9.52 -59.02
CA PHE E 202 -22.76 -8.56 -59.86
C PHE E 202 -22.99 -8.88 -61.34
N ASN E 203 -23.13 -7.83 -62.14
CA ASN E 203 -23.14 -7.91 -63.59
C ASN E 203 -21.89 -7.24 -64.16
N LYS E 204 -21.75 -7.32 -65.48
CA LYS E 204 -20.58 -6.74 -66.15
C LYS E 204 -20.46 -5.26 -65.86
N GLY E 205 -19.22 -4.78 -65.76
CA GLY E 205 -18.93 -3.41 -65.44
C GLY E 205 -18.72 -2.55 -66.67
N PRO E 206 -19.04 -1.25 -66.55
CA PRO E 206 -18.86 -0.34 -67.70
C PRO E 206 -17.51 -0.42 -68.40
N TRP E 207 -16.41 -0.56 -67.66
CA TRP E 207 -15.08 -0.57 -68.26
C TRP E 207 -14.13 -1.38 -67.38
N LYS E 208 -12.90 -1.52 -67.85
CA LYS E 208 -11.86 -2.20 -67.08
C LYS E 208 -10.48 -1.95 -67.66
N GLN E 209 -9.57 -1.41 -66.85
CA GLN E 209 -8.19 -1.17 -67.24
C GLN E 209 -7.31 -2.16 -66.49
N GLU E 210 -6.55 -2.97 -67.24
CA GLU E 210 -5.82 -4.10 -66.68
C GLU E 210 -4.83 -3.67 -65.59
N ASN E 211 -3.81 -2.91 -65.96
CA ASN E 211 -2.74 -2.57 -65.04
C ASN E 211 -2.81 -1.09 -64.65
N VAL E 212 -2.25 -0.78 -63.48
CA VAL E 212 -2.21 0.57 -62.96
C VAL E 212 -0.93 0.72 -62.17
N GLU E 213 -0.77 1.85 -61.46
CA GLU E 213 0.44 2.08 -60.68
C GLU E 213 0.61 1.00 -59.62
N ALA E 214 1.88 0.78 -59.22
CA ALA E 214 2.18 -0.28 -58.27
C ALA E 214 1.49 -0.04 -56.94
N GLU E 215 1.61 1.16 -56.39
CA GLU E 215 0.99 1.46 -55.11
C GLU E 215 -0.18 2.44 -55.25
N ALA E 216 -1.14 2.11 -56.10
CA ALA E 216 -2.37 2.91 -56.18
C ALA E 216 -3.21 2.65 -54.94
N SER E 217 -3.63 3.73 -54.27
CA SER E 217 -4.23 3.58 -52.96
C SER E 217 -5.61 4.23 -52.83
N MET E 218 -5.88 5.30 -53.57
CA MET E 218 -7.07 6.10 -53.37
C MET E 218 -7.99 6.05 -54.58
N VAL E 219 -9.29 5.97 -54.33
CA VAL E 219 -10.32 5.99 -55.35
C VAL E 219 -11.25 7.16 -55.07
N ILE E 220 -11.34 8.09 -56.02
CA ILE E 220 -12.23 9.24 -55.93
C ILE E 220 -13.27 9.16 -57.03
N ALA E 221 -14.54 9.25 -56.65
CA ALA E 221 -15.64 9.23 -57.61
C ALA E 221 -15.92 10.65 -58.09
N VAL E 222 -15.55 10.95 -59.32
CA VAL E 222 -15.81 12.27 -59.92
C VAL E 222 -17.29 12.38 -60.23
N PRO E 223 -17.97 13.48 -59.86
CA PRO E 223 -19.43 13.54 -60.03
C PRO E 223 -19.89 13.67 -61.47
N GLU E 224 -21.19 13.91 -61.63
CA GLU E 224 -21.86 13.86 -62.94
C GLU E 224 -21.23 14.73 -64.03
N PRO E 225 -20.84 16.02 -63.77
CA PRO E 225 -20.29 16.85 -64.86
C PRO E 225 -19.25 16.15 -65.72
N PHE E 226 -18.19 15.63 -65.09
CA PHE E 226 -17.16 14.90 -65.82
C PHE E 226 -17.40 13.39 -65.81
N GLY E 227 -17.62 12.82 -64.62
CA GLY E 227 -17.86 11.40 -64.49
C GLY E 227 -16.59 10.62 -64.20
N GLY E 228 -16.73 9.30 -64.18
CA GLY E 228 -15.59 8.44 -64.00
C GLY E 228 -15.06 8.45 -62.57
N ALA E 229 -13.77 8.11 -62.46
CA ALA E 229 -13.12 8.00 -61.16
C ALA E 229 -11.64 8.33 -61.29
N ILE E 230 -11.07 8.83 -60.19
CA ILE E 230 -9.66 9.23 -60.13
C ILE E 230 -8.93 8.24 -59.24
N ILE E 231 -7.73 7.85 -59.66
CA ILE E 231 -6.91 6.87 -58.95
C ILE E 231 -5.58 7.52 -58.60
N ILE E 232 -5.30 7.65 -57.31
CA ILE E 232 -4.09 8.28 -56.80
C ILE E 232 -3.18 7.19 -56.23
N GLY E 233 -1.89 7.29 -56.55
CA GLY E 233 -0.90 6.33 -56.11
C GLY E 233 0.33 7.01 -55.54
N GLN E 234 1.46 6.31 -55.65
CA GLN E 234 2.72 6.83 -55.12
C GLN E 234 3.15 8.09 -55.85
N GLU E 235 3.28 8.01 -57.17
CA GLU E 235 3.78 9.13 -57.97
C GLU E 235 2.89 9.49 -59.14
N SER E 236 1.74 8.84 -59.30
CA SER E 236 0.88 9.06 -60.46
C SER E 236 -0.56 9.24 -60.03
N ILE E 237 -1.24 10.22 -60.63
CA ILE E 237 -2.67 10.42 -60.48
C ILE E 237 -3.31 10.19 -61.84
N THR E 238 -4.29 9.30 -61.90
CA THR E 238 -4.90 8.90 -63.16
C THR E 238 -6.41 9.07 -63.09
N TYR E 239 -7.03 9.20 -64.25
CA TYR E 239 -8.47 9.34 -64.39
C TYR E 239 -8.97 8.32 -65.40
N HIS E 240 -10.03 7.59 -65.03
CA HIS E 240 -10.59 6.54 -65.88
C HIS E 240 -12.09 6.75 -66.03
N ASN E 241 -12.58 6.62 -67.27
CA ASN E 241 -14.02 6.64 -67.54
C ASN E 241 -14.20 6.04 -68.94
N GLY E 242 -14.39 4.73 -68.99
CA GLY E 242 -14.50 4.01 -70.24
C GLY E 242 -13.31 4.22 -71.16
N ASP E 243 -13.55 4.88 -72.29
CA ASP E 243 -12.49 5.16 -73.24
C ASP E 243 -11.63 6.36 -72.84
N LYS E 244 -12.01 7.08 -71.79
CA LYS E 244 -11.27 8.26 -71.35
C LYS E 244 -10.18 7.86 -70.36
N TYR E 245 -8.97 8.36 -70.60
CA TYR E 245 -7.82 8.03 -69.77
C TYR E 245 -6.88 9.22 -69.72
N LEU E 246 -6.36 9.50 -68.53
CA LEU E 246 -5.44 10.61 -68.32
C LEU E 246 -4.43 10.20 -67.25
N ALA E 247 -3.20 10.66 -67.40
CA ALA E 247 -2.13 10.33 -66.46
C ALA E 247 -1.19 11.50 -66.29
N ILE E 248 -0.73 11.69 -65.05
CA ILE E 248 0.25 12.72 -64.72
C ILE E 248 1.26 12.12 -63.75
N ALA E 249 2.49 12.64 -63.80
CA ALA E 249 3.56 12.22 -62.90
C ALA E 249 4.12 13.45 -62.18
N PRO E 250 3.35 14.05 -61.28
CA PRO E 250 3.80 15.27 -60.61
C PRO E 250 4.93 14.98 -59.64
N PRO E 251 6.11 15.59 -59.86
CA PRO E 251 7.21 15.41 -58.91
C PRO E 251 6.94 15.98 -57.53
N ILE E 252 5.89 16.79 -57.38
CA ILE E 252 5.62 17.47 -56.11
C ILE E 252 5.09 16.52 -55.06
N ILE E 253 4.53 15.38 -55.45
CA ILE E 253 4.00 14.41 -54.50
C ILE E 253 4.90 13.18 -54.37
N LYS E 254 6.13 13.26 -54.86
CA LYS E 254 7.08 12.16 -54.69
C LYS E 254 7.65 12.11 -53.28
N GLN E 255 7.52 13.18 -52.49
CA GLN E 255 8.10 13.20 -51.16
C GLN E 255 7.32 12.35 -50.18
N SER E 256 6.00 12.29 -50.32
CA SER E 256 5.14 11.56 -49.41
C SER E 256 4.03 10.89 -50.21
N THR E 257 3.08 10.26 -49.53
CA THR E 257 1.99 9.52 -50.16
C THR E 257 0.67 10.12 -49.71
N ILE E 258 -0.20 10.45 -50.68
CA ILE E 258 -1.50 11.01 -50.36
C ILE E 258 -2.37 9.94 -49.71
N VAL E 259 -3.10 10.33 -48.67
CA VAL E 259 -3.88 9.37 -47.88
C VAL E 259 -5.29 9.87 -47.60
N CYS E 260 -5.57 11.13 -47.93
CA CYS E 260 -6.88 11.69 -47.65
C CYS E 260 -7.23 12.72 -48.72
N HIS E 261 -8.53 12.91 -48.95
CA HIS E 261 -9.02 13.78 -50.00
C HIS E 261 -10.35 14.39 -49.59
N ASN E 262 -10.78 15.39 -50.37
CA ASN E 262 -12.09 15.98 -50.21
C ASN E 262 -12.43 16.77 -51.46
N ARG E 263 -13.72 16.78 -51.81
CA ARG E 263 -14.21 17.55 -52.94
C ARG E 263 -14.51 18.98 -52.51
N VAL E 264 -13.96 19.95 -53.23
CA VAL E 264 -14.20 21.35 -52.94
C VAL E 264 -15.59 21.72 -53.42
N ASP E 265 -15.75 21.91 -54.73
CA ASP E 265 -17.07 22.21 -55.26
C ASP E 265 -17.74 20.93 -55.74
N PRO E 266 -19.08 20.84 -55.63
CA PRO E 266 -19.78 19.66 -56.13
C PRO E 266 -19.61 19.43 -57.63
N ASN E 267 -19.02 20.38 -58.35
CA ASN E 267 -18.71 20.18 -59.76
C ASN E 267 -17.57 19.19 -59.96
N GLY E 268 -16.79 18.93 -58.92
CA GLY E 268 -15.66 18.04 -59.02
C GLY E 268 -14.44 18.63 -59.68
N SER E 269 -14.42 19.94 -59.94
CA SER E 269 -13.28 20.54 -60.63
C SER E 269 -12.07 20.69 -59.71
N ARG E 270 -12.30 20.91 -58.41
CA ARG E 270 -11.24 21.14 -57.45
C ARG E 270 -11.28 20.09 -56.36
N TYR E 271 -10.14 19.46 -56.09
CA TYR E 271 -10.03 18.39 -55.11
C TYR E 271 -8.91 18.72 -54.13
N LEU E 272 -9.15 18.45 -52.85
CA LEU E 272 -8.17 18.67 -51.80
C LEU E 272 -7.41 17.37 -51.54
N LEU E 273 -6.10 17.48 -51.33
CA LEU E 273 -5.25 16.30 -51.15
C LEU E 273 -4.29 16.56 -50.00
N GLY E 274 -4.35 15.71 -48.97
CA GLY E 274 -3.42 15.76 -47.87
C GLY E 274 -2.61 14.49 -47.80
N ASP E 275 -1.36 14.62 -47.35
CA ASP E 275 -0.45 13.49 -47.25
C ASP E 275 -0.10 13.17 -45.79
N MET E 276 1.01 12.45 -45.60
CA MET E 276 1.44 12.01 -44.28
C MET E 276 2.30 13.03 -43.55
N GLU E 277 2.87 14.00 -44.26
CA GLU E 277 3.78 14.98 -43.67
C GLU E 277 3.14 16.37 -43.55
N GLY E 278 1.83 16.43 -43.35
CA GLY E 278 1.13 17.67 -43.16
C GLY E 278 0.93 18.52 -44.40
N ARG E 279 1.48 18.11 -45.54
CA ARG E 279 1.34 18.89 -46.76
C ARG E 279 -0.12 18.95 -47.19
N LEU E 280 -0.45 19.98 -47.96
CA LEU E 280 -1.79 20.17 -48.49
C LEU E 280 -1.68 20.42 -50.00
N PHE E 281 -2.58 19.81 -50.77
CA PHE E 281 -2.53 19.88 -52.21
C PHE E 281 -3.92 20.21 -52.77
N MET E 282 -3.93 20.84 -53.93
CA MET E 282 -5.17 21.10 -54.67
C MET E 282 -5.09 20.36 -56.00
N LEU E 283 -6.05 19.47 -56.23
CA LEU E 283 -6.17 18.75 -57.49
C LEU E 283 -7.20 19.47 -58.36
N LEU E 284 -6.76 19.94 -59.53
CA LEU E 284 -7.59 20.73 -60.42
C LEU E 284 -7.87 19.94 -61.70
N LEU E 285 -9.15 19.85 -62.06
CA LEU E 285 -9.58 19.16 -63.28
C LEU E 285 -9.83 20.23 -64.35
N GLU E 286 -8.85 20.41 -65.23
CA GLU E 286 -8.95 21.41 -66.29
C GLU E 286 -10.02 21.02 -67.31
N LYS E 287 -11.26 21.44 -67.06
CA LYS E 287 -12.36 21.12 -67.96
C LYS E 287 -12.33 22.01 -69.19
N GLU E 288 -12.57 21.41 -70.36
CA GLU E 288 -12.59 22.14 -71.62
C GLU E 288 -14.05 22.29 -72.06
N GLU E 289 -14.53 23.53 -72.06
CA GLU E 289 -15.89 23.82 -72.51
C GLU E 289 -16.04 23.43 -73.98
N GLN E 290 -16.96 22.51 -74.25
CA GLN E 290 -17.19 22.04 -75.61
C GLN E 290 -18.34 22.80 -76.27
N MET E 291 -18.49 22.58 -77.56
CA MET E 291 -19.31 23.42 -78.43
C MET E 291 -20.77 22.96 -78.50
N ASP E 292 -21.19 22.00 -77.68
CA ASP E 292 -22.51 21.40 -77.85
C ASP E 292 -23.07 20.92 -76.52
N GLY E 293 -22.90 21.72 -75.47
CA GLY E 293 -23.45 21.40 -74.17
C GLY E 293 -22.69 20.34 -73.40
N THR E 294 -21.72 19.67 -74.00
CA THR E 294 -20.90 18.70 -73.30
C THR E 294 -19.70 19.39 -72.65
N VAL E 295 -19.16 18.74 -71.62
CA VAL E 295 -17.94 19.20 -70.96
C VAL E 295 -17.03 17.99 -70.78
N THR E 296 -15.81 18.08 -71.29
CA THR E 296 -14.85 17.00 -71.21
C THR E 296 -13.88 17.25 -70.06
N LEU E 297 -12.70 16.63 -70.13
CA LEU E 297 -11.63 16.87 -69.16
C LEU E 297 -10.31 16.85 -69.94
N LYS E 298 -9.60 17.97 -69.91
CA LYS E 298 -8.42 18.15 -70.74
C LYS E 298 -7.15 17.64 -70.07
N ASP E 299 -6.80 18.18 -68.90
CA ASP E 299 -5.54 17.86 -68.25
C ASP E 299 -5.77 17.75 -66.74
N LEU E 300 -4.69 17.40 -66.03
CA LEU E 300 -4.69 17.31 -64.58
C LEU E 300 -3.50 18.09 -64.04
N ARG E 301 -3.69 18.70 -62.87
CA ARG E 301 -2.66 19.51 -62.26
C ARG E 301 -2.80 19.47 -60.75
N VAL E 302 -1.67 19.53 -60.06
CA VAL E 302 -1.61 19.51 -58.60
C VAL E 302 -0.74 20.67 -58.14
N GLU E 303 -1.25 21.45 -57.19
CA GLU E 303 -0.56 22.62 -56.68
C GLU E 303 -0.35 22.49 -55.17
N LEU E 304 0.77 23.02 -54.69
CA LEU E 304 1.11 22.98 -53.27
C LEU E 304 0.41 24.13 -52.56
N LEU E 305 -0.58 23.80 -51.73
CA LEU E 305 -1.26 24.84 -50.96
C LEU E 305 -0.36 25.38 -49.85
N GLY E 306 0.07 24.50 -48.94
CA GLY E 306 0.94 24.91 -47.86
C GLY E 306 1.34 23.75 -46.98
N GLU E 307 1.01 23.86 -45.70
CA GLU E 307 1.35 22.82 -44.72
C GLU E 307 0.44 22.99 -43.51
N THR E 308 -0.35 21.97 -43.21
CA THR E 308 -1.26 21.98 -42.09
C THR E 308 -0.80 20.94 -41.07
N SER E 309 -1.67 20.65 -40.10
CA SER E 309 -1.39 19.56 -39.18
C SER E 309 -1.50 18.25 -39.93
N ILE E 310 -0.72 17.26 -39.51
CA ILE E 310 -0.71 15.94 -40.14
C ILE E 310 -2.15 15.49 -40.29
N ALA E 311 -2.62 15.43 -41.54
CA ALA E 311 -4.05 15.37 -41.81
C ALA E 311 -4.54 13.93 -41.76
N GLU E 312 -5.62 13.72 -41.00
CA GLU E 312 -6.35 12.46 -41.01
C GLU E 312 -7.53 12.52 -41.96
N CYS E 313 -8.38 13.54 -41.83
CA CYS E 313 -9.45 13.83 -42.76
C CYS E 313 -9.41 15.30 -43.14
N LEU E 314 -10.03 15.63 -44.27
CA LEU E 314 -10.11 17.00 -44.74
C LEU E 314 -11.55 17.29 -45.17
N THR E 315 -11.89 18.57 -45.17
CA THR E 315 -13.20 19.01 -45.65
C THR E 315 -13.25 20.52 -45.88
N TYR E 316 -13.58 20.92 -47.11
CA TYR E 316 -13.82 22.32 -47.38
C TYR E 316 -15.15 22.74 -46.77
N LEU E 317 -15.16 23.91 -46.14
CA LEU E 317 -16.37 24.41 -45.49
C LEU E 317 -17.04 25.51 -46.30
N ASP E 318 -16.41 26.68 -46.36
CA ASP E 318 -16.99 27.83 -47.06
C ASP E 318 -15.97 28.95 -47.12
N ASN E 319 -16.02 29.72 -48.21
CA ASN E 319 -15.19 30.91 -48.39
C ASN E 319 -13.71 30.61 -48.19
N GLY E 320 -13.29 29.43 -48.63
CA GLY E 320 -11.89 29.05 -48.51
C GLY E 320 -11.46 28.61 -47.14
N VAL E 321 -12.40 28.30 -46.26
CA VAL E 321 -12.11 27.79 -44.93
C VAL E 321 -12.17 26.27 -44.98
N VAL E 322 -11.04 25.62 -44.68
CA VAL E 322 -10.90 24.17 -44.75
C VAL E 322 -10.64 23.65 -43.35
N PHE E 323 -11.49 22.73 -42.89
CA PHE E 323 -11.27 22.08 -41.60
C PHE E 323 -10.28 20.94 -41.77
N VAL E 324 -9.29 20.89 -40.88
CA VAL E 324 -8.25 19.86 -40.90
C VAL E 324 -8.38 19.04 -39.63
N GLY E 325 -8.84 17.79 -39.77
CA GLY E 325 -8.88 16.87 -38.65
C GLY E 325 -7.57 16.09 -38.57
N SER E 326 -7.12 15.84 -37.35
CA SER E 326 -5.84 15.19 -37.13
C SER E 326 -5.92 14.21 -35.97
N ARG E 327 -5.11 13.15 -36.06
CA ARG E 327 -4.99 12.16 -35.00
C ARG E 327 -3.71 12.27 -34.21
N LEU E 328 -2.67 12.91 -34.76
CA LEU E 328 -1.41 13.10 -34.08
C LEU E 328 -1.31 14.47 -33.43
N GLY E 329 -1.67 15.52 -34.16
CA GLY E 329 -1.56 16.87 -33.66
C GLY E 329 -2.88 17.58 -33.52
N ASP E 330 -2.82 18.89 -33.30
CA ASP E 330 -4.01 19.67 -33.03
C ASP E 330 -4.85 19.82 -34.30
N SER E 331 -6.16 19.60 -34.17
CA SER E 331 -7.05 19.85 -35.29
C SER E 331 -6.99 21.34 -35.65
N GLN E 332 -7.05 21.62 -36.94
CA GLN E 332 -6.81 22.97 -37.44
C GLN E 332 -7.95 23.45 -38.32
N LEU E 333 -8.25 24.74 -38.20
CA LEU E 333 -9.11 25.44 -39.14
C LEU E 333 -8.20 26.40 -39.91
N VAL E 334 -8.26 26.33 -41.23
CA VAL E 334 -7.33 27.07 -42.08
C VAL E 334 -8.12 27.80 -43.17
N LYS E 335 -7.60 28.97 -43.54
CA LYS E 335 -8.15 29.78 -44.62
C LYS E 335 -7.23 29.73 -45.82
N LEU E 336 -7.82 29.59 -47.00
CA LEU E 336 -7.07 29.64 -48.25
C LEU E 336 -7.15 31.05 -48.83
N ASN E 337 -6.06 31.47 -49.47
CA ASN E 337 -5.92 32.82 -49.97
C ASN E 337 -5.71 32.81 -51.48
N VAL E 338 -6.41 33.71 -52.17
CA VAL E 338 -6.27 33.80 -53.62
C VAL E 338 -4.83 34.16 -53.99
N ASP E 339 -4.18 34.99 -53.18
CA ASP E 339 -2.82 35.43 -53.44
C ASP E 339 -1.83 34.55 -52.70
N SER E 340 -0.75 34.17 -53.38
CA SER E 340 0.34 33.43 -52.76
C SER E 340 1.22 34.39 -51.99
N ASN E 341 1.41 34.14 -50.68
CA ASN E 341 2.21 35.03 -49.86
C ASN E 341 3.69 34.93 -50.25
N GLU E 342 4.52 35.68 -49.53
CA GLU E 342 5.94 35.74 -49.86
C GLU E 342 6.60 34.36 -49.79
N GLN E 343 6.27 33.58 -48.77
CA GLN E 343 6.86 32.25 -48.63
C GLN E 343 6.44 31.35 -49.78
N GLY E 344 5.13 31.21 -50.00
CA GLY E 344 4.62 30.37 -51.05
C GLY E 344 3.34 29.68 -50.65
N SER E 345 3.09 29.60 -49.34
CA SER E 345 1.90 28.94 -48.83
C SER E 345 0.66 29.79 -49.08
N TYR E 346 -0.41 29.13 -49.49
CA TYR E 346 -1.74 29.74 -49.59
C TYR E 346 -2.56 29.55 -48.33
N VAL E 347 -1.93 29.10 -47.24
CA VAL E 347 -2.63 28.67 -46.04
C VAL E 347 -2.22 29.58 -44.89
N VAL E 348 -3.20 30.00 -44.09
CA VAL E 348 -2.99 30.77 -42.88
C VAL E 348 -3.81 30.14 -41.77
N ALA E 349 -3.17 29.90 -40.62
CA ALA E 349 -3.84 29.22 -39.52
C ALA E 349 -4.93 30.12 -38.94
N MET E 350 -6.18 29.65 -39.01
CA MET E 350 -7.30 30.36 -38.41
C MET E 350 -7.52 29.97 -36.95
N GLU E 351 -7.47 28.67 -36.65
CA GLU E 351 -7.74 28.19 -35.31
C GLU E 351 -6.93 26.93 -35.04
N THR E 352 -6.89 26.55 -33.76
CA THR E 352 -6.28 25.29 -33.33
C THR E 352 -7.19 24.67 -32.28
N PHE E 353 -7.26 23.34 -32.28
CA PHE E 353 -8.07 22.59 -31.33
C PHE E 353 -7.17 21.63 -30.56
N THR E 354 -7.26 21.67 -29.23
CA THR E 354 -6.43 20.84 -28.38
C THR E 354 -6.62 19.36 -28.71
N ASN E 355 -5.51 18.68 -29.01
CA ASN E 355 -5.52 17.25 -29.33
C ASN E 355 -4.49 16.56 -28.45
N LEU E 356 -4.98 15.91 -27.38
CA LEU E 356 -4.08 15.23 -26.45
C LEU E 356 -3.44 14.01 -27.09
N GLY E 357 -4.20 13.24 -27.87
CA GLY E 357 -3.70 12.05 -28.50
C GLY E 357 -2.59 12.28 -29.49
N PRO E 358 -1.66 11.33 -29.60
CA PRO E 358 -1.55 10.09 -28.81
C PRO E 358 -0.80 10.29 -27.50
N ILE E 359 -1.36 9.88 -26.37
CA ILE E 359 -0.68 9.96 -25.08
C ILE E 359 0.17 8.70 -24.93
N VAL E 360 1.49 8.87 -25.02
CA VAL E 360 2.40 7.73 -24.96
C VAL E 360 3.10 7.60 -23.61
N ASP E 361 3.03 8.61 -22.75
CA ASP E 361 3.63 8.56 -21.42
C ASP E 361 3.17 9.77 -20.62
N MET E 362 3.02 9.59 -19.32
CA MET E 362 2.61 10.67 -18.43
C MET E 362 3.24 10.46 -17.07
N CYS E 363 3.08 11.46 -16.20
CA CYS E 363 3.61 11.40 -14.84
C CYS E 363 2.88 12.42 -13.98
N VAL E 364 2.33 11.96 -12.86
CA VAL E 364 1.53 12.82 -11.99
C VAL E 364 2.45 13.73 -11.19
N VAL E 365 2.16 15.03 -11.23
CA VAL E 365 2.93 16.04 -10.51
C VAL E 365 1.95 17.03 -9.90
N ASP E 366 2.42 17.77 -8.89
CA ASP E 366 1.75 18.98 -8.40
C ASP E 366 2.82 20.06 -8.29
N LEU E 367 3.06 20.76 -9.41
CA LEU E 367 4.13 21.75 -9.45
C LEU E 367 3.89 22.90 -8.48
N GLU E 368 2.63 23.19 -8.17
CA GLU E 368 2.30 24.28 -7.25
C GLU E 368 2.53 23.91 -5.79
N ARG E 369 2.91 22.67 -5.49
CA ARG E 369 3.10 22.19 -4.12
C ARG E 369 1.83 22.44 -3.29
N GLN E 370 0.68 22.27 -3.92
CA GLN E 370 -0.61 22.59 -3.29
C GLN E 370 -1.28 21.38 -2.67
N GLY E 371 -0.89 20.17 -3.04
CA GLY E 371 -1.60 18.99 -2.59
C GLY E 371 -2.87 18.73 -3.36
N GLN E 372 -2.85 18.93 -4.68
CA GLN E 372 -4.02 18.72 -5.54
C GLN E 372 -3.72 17.74 -6.66
N GLY E 373 -2.75 18.03 -7.51
CA GLY E 373 -2.35 17.09 -8.55
C GLY E 373 -2.56 17.57 -9.96
N GLN E 374 -1.48 17.67 -10.71
CA GLN E 374 -1.51 18.00 -12.13
C GLN E 374 -1.25 16.73 -12.93
N LEU E 375 -0.88 16.88 -14.20
CA LEU E 375 -0.58 15.73 -15.05
C LEU E 375 0.18 16.23 -16.27
N VAL E 376 1.44 15.84 -16.39
CA VAL E 376 2.29 16.24 -17.52
C VAL E 376 2.48 15.02 -18.41
N THR E 377 1.88 15.06 -19.59
CA THR E 377 1.89 13.92 -20.51
C THR E 377 2.70 14.26 -21.76
N CYS E 378 3.04 13.21 -22.50
CA CYS E 378 3.62 13.35 -23.83
C CYS E 378 2.52 13.20 -24.87
N SER E 379 2.59 14.03 -25.91
CA SER E 379 1.51 14.09 -26.90
C SER E 379 2.08 14.32 -28.27
N GLY E 380 1.44 13.72 -29.28
CA GLY E 380 1.77 13.97 -30.66
C GLY E 380 2.93 13.13 -31.16
N ALA E 381 3.28 13.37 -32.42
CA ALA E 381 4.37 12.68 -33.07
C ALA E 381 4.89 13.53 -34.21
N PHE E 382 6.18 13.38 -34.52
CA PHE E 382 6.88 14.19 -35.52
C PHE E 382 6.70 15.66 -35.15
N LYS E 383 6.34 16.55 -36.08
CA LYS E 383 6.21 17.96 -35.77
C LYS E 383 5.13 18.23 -34.73
N GLU E 384 4.15 17.34 -34.61
CA GLU E 384 3.06 17.49 -33.65
C GLU E 384 3.45 17.12 -32.23
N GLY E 385 4.73 16.84 -31.98
CA GLY E 385 5.15 16.44 -30.64
C GLY E 385 5.01 17.61 -29.67
N SER E 386 4.47 17.33 -28.49
CA SER E 386 4.23 18.37 -27.51
C SER E 386 4.01 17.74 -26.13
N LEU E 387 4.19 18.55 -25.10
CA LEU E 387 3.82 18.19 -23.74
C LEU E 387 2.53 18.92 -23.38
N ARG E 388 1.67 18.24 -22.62
CA ARG E 388 0.35 18.76 -22.29
C ARG E 388 0.18 18.73 -20.78
N ILE E 389 0.09 19.90 -20.16
CA ILE E 389 -0.07 20.02 -18.72
C ILE E 389 -1.55 20.26 -18.44
N ILE E 390 -2.17 19.31 -17.73
CA ILE E 390 -3.59 19.36 -17.41
C ILE E 390 -3.74 19.67 -15.93
N ARG E 391 -4.73 20.50 -15.60
CA ARG E 391 -4.96 20.92 -14.23
C ARG E 391 -6.43 20.65 -13.89
N ASN E 392 -6.94 21.34 -12.88
CA ASN E 392 -8.35 21.24 -12.53
C ASN E 392 -8.85 22.53 -11.89
N GLN E 404 -15.81 22.79 -12.81
CA GLN E 404 -15.57 22.12 -14.08
C GLN E 404 -14.44 22.78 -14.86
N LYS E 405 -14.21 22.25 -16.07
CA LYS E 405 -13.19 22.61 -17.05
C LYS E 405 -11.85 21.96 -16.74
N LEU E 406 -10.83 22.28 -17.54
CA LEU E 406 -9.50 21.69 -17.39
C LEU E 406 -8.50 22.52 -18.17
N HIS E 407 -7.55 23.13 -17.47
CA HIS E 407 -6.54 23.98 -18.10
C HIS E 407 -5.46 23.10 -18.74
N ILE E 408 -5.42 23.06 -20.06
CA ILE E 408 -4.46 22.25 -20.80
C ILE E 408 -3.44 23.22 -21.41
N ARG E 409 -2.29 23.33 -20.77
CA ARG E 409 -1.20 24.20 -21.24
C ARG E 409 -0.40 23.45 -22.30
N THR E 410 -0.59 23.80 -23.56
CA THR E 410 0.11 23.15 -24.65
C THR E 410 1.55 23.67 -24.71
N VAL E 411 2.49 22.74 -24.91
CA VAL E 411 3.91 23.09 -25.00
C VAL E 411 4.48 22.47 -26.27
N PRO E 412 4.48 23.18 -27.40
CA PRO E 412 5.04 22.62 -28.63
C PRO E 412 6.48 22.18 -28.45
N LEU E 413 6.78 20.98 -28.95
CA LEU E 413 8.13 20.41 -28.90
C LEU E 413 8.75 20.24 -30.27
N TYR E 414 7.94 20.08 -31.32
CA TYR E 414 8.35 19.91 -32.71
C TYR E 414 9.05 18.58 -32.96
N GLU E 415 9.01 17.67 -31.99
CA GLU E 415 9.56 16.32 -32.17
C GLU E 415 8.85 15.39 -31.19
N SER E 416 8.99 14.09 -31.44
CA SER E 416 8.18 13.10 -30.73
C SER E 416 8.66 12.91 -29.30
N PRO E 417 7.82 13.19 -28.29
CA PRO E 417 8.21 12.90 -26.90
C PRO E 417 7.89 11.47 -26.51
N ARG E 418 8.89 10.72 -26.06
CA ARG E 418 8.70 9.30 -25.75
C ARG E 418 8.37 9.06 -24.28
N LYS E 419 9.22 9.55 -23.37
CA LYS E 419 9.05 9.29 -21.95
C LYS E 419 9.26 10.59 -21.18
N ILE E 420 8.67 10.63 -19.98
CA ILE E 420 8.73 11.82 -19.13
C ILE E 420 8.77 11.39 -17.68
N CYS E 421 9.41 12.21 -16.85
CA CYS E 421 9.47 11.98 -15.41
C CYS E 421 9.72 13.31 -14.72
N TYR E 422 9.32 13.38 -13.45
CA TYR E 422 9.40 14.60 -12.66
C TYR E 422 10.54 14.49 -11.65
N GLN E 423 11.48 15.43 -11.73
CA GLN E 423 12.52 15.59 -10.72
C GLN E 423 12.16 16.76 -9.80
N GLU E 424 12.46 16.61 -8.51
CA GLU E 424 12.12 17.63 -7.52
C GLU E 424 13.35 18.34 -6.95
N VAL E 425 14.49 17.65 -6.84
CA VAL E 425 15.70 18.31 -6.36
C VAL E 425 16.17 19.38 -7.34
N SER E 426 15.80 19.27 -8.62
CA SER E 426 16.07 20.30 -9.61
C SER E 426 14.82 21.02 -10.07
N GLN E 427 13.63 20.54 -9.70
CA GLN E 427 12.36 21.12 -10.11
C GLN E 427 12.28 21.25 -11.63
N CYS E 428 12.46 20.12 -12.31
CA CYS E 428 12.46 20.07 -13.75
C CYS E 428 11.95 18.71 -14.21
N PHE E 429 12.00 18.47 -15.52
CA PHE E 429 11.54 17.23 -16.12
C PHE E 429 12.63 16.64 -17.02
N GLY E 430 12.79 15.33 -16.94
CA GLY E 430 13.62 14.60 -17.89
C GLY E 430 12.71 13.91 -18.91
N VAL E 431 12.98 14.18 -20.18
CA VAL E 431 12.09 13.76 -21.27
C VAL E 431 12.94 13.10 -22.36
N LEU E 432 12.50 11.92 -22.81
CA LEU E 432 13.10 11.26 -23.95
C LEU E 432 12.40 11.73 -25.22
N SER E 433 13.18 11.93 -26.28
CA SER E 433 12.65 12.48 -27.52
C SER E 433 13.26 11.74 -28.70
N SER E 434 12.52 11.72 -29.81
CA SER E 434 12.95 11.07 -31.04
C SER E 434 12.72 12.03 -32.19
N ARG E 435 13.82 12.51 -32.79
CA ARG E 435 13.76 13.39 -33.93
C ARG E 435 14.21 12.64 -35.18
N ILE E 436 13.58 12.94 -36.31
CA ILE E 436 13.85 12.25 -37.57
C ILE E 436 14.78 13.09 -38.41
N GLU E 437 15.77 12.45 -39.01
CA GLU E 437 16.77 13.10 -39.84
C GLU E 437 16.93 12.31 -41.13
N VAL E 438 17.71 12.87 -42.07
CA VAL E 438 17.93 12.24 -43.36
C VAL E 438 19.43 12.33 -43.67
N GLN E 439 19.94 11.30 -44.34
CA GLN E 439 21.36 11.24 -44.66
C GLN E 439 21.69 12.26 -45.73
N ASP E 440 22.80 12.97 -45.55
CA ASP E 440 23.19 13.99 -46.50
C ASP E 440 24.16 13.41 -47.53
N THR E 441 24.25 14.11 -48.67
CA THR E 441 25.14 13.65 -49.74
C THR E 441 26.60 13.69 -49.33
N SER E 442 26.97 14.61 -48.43
CA SER E 442 28.34 14.65 -47.93
C SER E 442 28.64 13.44 -47.05
N GLY E 443 27.62 12.86 -46.44
CA GLY E 443 27.81 11.73 -45.54
C GLY E 443 27.47 12.08 -44.12
N GLY E 444 26.53 13.02 -43.95
CA GLY E 444 26.06 13.41 -42.64
C GLY E 444 24.58 13.13 -42.49
N THR E 445 23.96 13.64 -41.41
CA THR E 445 22.53 13.45 -41.16
C THR E 445 21.88 14.81 -40.92
N THR E 446 21.59 15.52 -42.01
CA THR E 446 20.95 16.82 -41.89
C THR E 446 19.51 16.66 -41.42
N ALA E 447 19.11 17.48 -40.45
CA ALA E 447 17.76 17.40 -39.92
C ALA E 447 16.76 18.11 -40.84
N LEU E 448 15.49 17.74 -40.70
CA LEU E 448 14.44 18.29 -41.54
C LEU E 448 13.97 19.66 -41.04
N ARG E 449 13.67 19.77 -39.75
CA ARG E 449 13.13 21.00 -39.18
C ARG E 449 13.77 21.27 -37.83
N PRO E 450 13.85 22.55 -37.43
CA PRO E 450 14.32 22.86 -36.07
C PRO E 450 13.33 22.35 -35.03
N SER E 451 13.85 21.60 -34.05
CA SER E 451 13.03 20.99 -33.01
C SER E 451 13.70 21.21 -31.66
N ALA E 452 13.06 20.67 -30.61
CA ALA E 452 13.56 20.85 -29.25
C ALA E 452 14.95 20.29 -29.05
N SER E 453 15.37 19.31 -29.87
CA SER E 453 16.71 18.75 -29.75
C SER E 453 17.78 19.78 -30.11
N THR E 454 17.66 20.37 -31.29
CA THR E 454 18.66 21.34 -31.74
C THR E 454 18.50 22.68 -31.06
N GLN E 455 17.27 23.06 -30.70
CA GLN E 455 17.01 24.37 -30.09
C GLN E 455 17.06 24.26 -28.57
N ALA E 456 18.26 24.00 -28.08
CA ALA E 456 18.53 23.90 -26.64
C ALA E 456 19.62 24.89 -26.26
N LEU E 457 19.74 25.12 -24.95
CA LEU E 457 20.76 26.04 -24.45
C LEU E 457 22.15 25.40 -24.47
N SER E 458 22.26 24.17 -23.98
CA SER E 458 23.52 23.45 -23.91
C SER E 458 23.39 22.14 -24.68
N SER E 459 24.38 21.85 -25.51
CA SER E 459 24.41 20.62 -26.29
C SER E 459 25.40 19.63 -25.69
N SER E 460 25.23 18.35 -26.06
CA SER E 460 26.09 17.28 -25.57
C SER E 460 25.91 16.01 -26.38
N VAL E 461 26.94 15.62 -27.14
CA VAL E 461 26.95 14.37 -27.89
C VAL E 461 27.87 13.39 -27.15
N SER E 462 27.28 12.32 -26.63
CA SER E 462 28.06 11.35 -25.86
C SER E 462 29.03 10.58 -26.76
N SER E 463 30.32 10.75 -26.50
CA SER E 463 31.37 9.98 -27.17
C SER E 463 31.77 8.78 -26.32
N SER E 464 30.81 7.88 -26.11
CA SER E 464 31.06 6.71 -25.26
C SER E 464 32.13 5.79 -25.86
N LYS E 465 32.00 5.48 -27.15
CA LYS E 465 32.91 4.56 -27.85
C LYS E 465 32.97 3.19 -27.17
N LEU E 466 31.87 2.81 -26.52
CA LEU E 466 31.81 1.52 -25.82
C LEU E 466 31.55 0.35 -26.76
N PHE E 467 31.07 0.61 -27.97
CA PHE E 467 30.73 -0.42 -28.95
C PHE E 467 31.58 -0.21 -30.20
N SER E 468 32.87 -0.52 -30.09
CA SER E 468 33.80 -0.32 -31.21
C SER E 468 33.87 -1.57 -32.08
N THR E 476 26.55 2.10 -43.73
CA THR E 476 25.77 1.47 -44.79
C THR E 476 24.42 2.15 -44.97
N SER E 477 24.45 3.40 -45.45
CA SER E 477 23.25 4.19 -45.67
C SER E 477 23.31 4.84 -47.04
N PHE E 478 22.16 5.33 -47.50
CA PHE E 478 22.07 6.00 -48.78
C PHE E 478 21.55 7.43 -48.60
N GLY E 479 20.24 7.58 -48.47
CA GLY E 479 19.63 8.87 -48.24
C GLY E 479 18.21 8.73 -47.72
N GLU E 480 18.07 8.01 -46.61
CA GLU E 480 16.77 7.67 -46.05
C GLU E 480 16.64 8.23 -44.64
N GLU E 481 15.45 8.10 -44.07
CA GLU E 481 15.18 8.60 -42.74
C GLU E 481 15.90 7.78 -41.69
N VAL E 482 16.46 8.47 -40.70
CA VAL E 482 17.11 7.83 -39.56
C VAL E 482 16.75 8.60 -38.30
N GLU E 483 16.36 7.89 -37.25
CA GLU E 483 15.97 8.50 -35.99
C GLU E 483 17.16 8.67 -35.07
N VAL E 484 17.14 9.74 -34.29
CA VAL E 484 18.16 10.03 -33.29
C VAL E 484 17.45 10.35 -31.98
N HIS E 485 17.71 9.55 -30.96
CA HIS E 485 17.05 9.71 -29.67
C HIS E 485 17.83 10.66 -28.78
N ASN E 486 17.11 11.42 -27.97
CA ASN E 486 17.70 12.43 -27.12
C ASN E 486 17.03 12.41 -25.75
N LEU E 487 17.72 13.00 -24.77
CA LEU E 487 17.19 13.18 -23.42
C LEU E 487 17.09 14.68 -23.18
N LEU E 488 15.88 15.16 -22.91
CA LEU E 488 15.62 16.58 -22.72
C LEU E 488 15.46 16.90 -21.25
N ILE E 489 16.02 18.03 -20.84
CA ILE E 489 15.84 18.59 -19.50
C ILE E 489 14.99 19.83 -19.64
N ILE E 490 13.88 19.88 -18.90
CA ILE E 490 12.87 20.91 -19.09
C ILE E 490 12.52 21.51 -17.72
N ASP E 491 12.78 22.80 -17.56
CA ASP E 491 12.40 23.50 -16.34
C ASP E 491 10.88 23.43 -16.15
N GLN E 492 10.46 23.19 -14.91
CA GLN E 492 9.04 22.99 -14.63
C GLN E 492 8.24 24.29 -14.67
N HIS E 493 8.90 25.45 -14.70
CA HIS E 493 8.18 26.72 -14.78
C HIS E 493 8.12 27.24 -16.20
N THR E 494 9.28 27.58 -16.77
CA THR E 494 9.32 28.13 -18.13
C THR E 494 9.06 27.07 -19.19
N PHE E 495 9.23 25.79 -18.85
CA PHE E 495 9.13 24.69 -19.82
C PHE E 495 10.10 24.91 -20.98
N GLU E 496 11.27 25.44 -20.65
CA GLU E 496 12.33 25.72 -21.60
C GLU E 496 13.20 24.49 -21.82
N VAL E 497 13.85 24.45 -22.99
CA VAL E 497 14.79 23.38 -23.30
C VAL E 497 16.12 23.68 -22.63
N LEU E 498 16.32 23.14 -21.43
CA LEU E 498 17.55 23.42 -20.68
C LEU E 498 18.73 22.67 -21.28
N HIS E 499 18.64 21.34 -21.33
CA HIS E 499 19.71 20.52 -21.87
C HIS E 499 19.11 19.43 -22.75
N ALA E 500 19.77 19.16 -23.87
CA ALA E 500 19.38 18.10 -24.80
C ALA E 500 20.60 17.24 -25.06
N HIS E 501 20.55 15.99 -24.60
CA HIS E 501 21.66 15.06 -24.74
C HIS E 501 21.42 14.16 -25.95
N GLN E 502 22.32 14.24 -26.93
CA GLN E 502 22.24 13.38 -28.11
C GLN E 502 22.91 12.05 -27.79
N PHE E 503 22.14 10.97 -27.78
CA PHE E 503 22.69 9.65 -27.51
C PHE E 503 23.57 9.19 -28.68
N LEU E 504 24.15 8.00 -28.53
CA LEU E 504 25.09 7.49 -29.52
C LEU E 504 24.38 7.26 -30.85
N GLN E 505 25.16 7.40 -31.93
CA GLN E 505 24.67 7.05 -33.26
C GLN E 505 24.28 5.58 -33.29
N ASN E 506 23.02 5.32 -33.65
CA ASN E 506 22.37 4.01 -33.76
C ASN E 506 21.88 3.51 -32.40
N GLU E 507 21.84 4.37 -31.38
CA GLU E 507 21.33 4.01 -30.07
C GLU E 507 19.87 4.45 -29.95
N TYR E 508 19.10 3.65 -29.22
CA TYR E 508 17.67 3.88 -29.04
C TYR E 508 17.33 3.83 -27.57
N ALA E 509 16.85 4.95 -27.02
CA ALA E 509 16.47 5.02 -25.62
C ALA E 509 15.08 4.44 -25.41
N LEU E 510 14.92 3.68 -24.33
CA LEU E 510 13.68 2.95 -24.07
C LEU E 510 12.97 3.43 -22.80
N SER E 511 13.62 3.36 -21.64
CA SER E 511 13.00 3.71 -20.38
C SER E 511 13.78 4.82 -19.69
N LEU E 512 13.16 5.39 -18.66
CA LEU E 512 13.75 6.51 -17.94
C LEU E 512 13.06 6.65 -16.59
N VAL E 513 13.85 6.93 -15.54
CA VAL E 513 13.32 7.04 -14.19
C VAL E 513 14.26 7.91 -13.38
N SER E 514 13.71 8.61 -12.40
CA SER E 514 14.48 9.46 -11.48
C SER E 514 14.14 9.10 -10.04
N CYS E 515 15.14 8.73 -9.26
CA CYS E 515 14.90 8.30 -7.89
C CYS E 515 16.20 8.40 -7.09
N LYS E 516 16.12 8.03 -5.81
CA LYS E 516 17.24 8.05 -4.89
C LYS E 516 17.62 6.62 -4.51
N LEU E 517 18.92 6.35 -4.41
CA LEU E 517 19.39 5.02 -4.06
C LEU E 517 19.51 4.88 -2.54
N GLY E 518 20.58 4.24 -2.08
CA GLY E 518 20.82 4.09 -0.65
C GLY E 518 22.20 4.56 -0.25
N LYS E 519 23.12 4.61 -1.21
CA LYS E 519 24.49 5.03 -0.97
C LYS E 519 24.72 6.51 -1.26
N ASP E 520 24.03 7.07 -2.25
CA ASP E 520 24.19 8.48 -2.61
C ASP E 520 22.82 9.14 -2.67
N PRO E 521 22.50 10.06 -1.76
CA PRO E 521 21.18 10.71 -1.79
C PRO E 521 20.93 11.54 -3.05
N ASN E 522 21.99 11.91 -3.77
CA ASN E 522 21.87 12.65 -5.02
C ASN E 522 20.87 11.97 -5.96
N THR E 523 19.82 12.68 -6.33
CA THR E 523 18.82 12.16 -7.25
C THR E 523 19.37 12.16 -8.67
N TYR E 524 19.14 11.05 -9.38
CA TYR E 524 19.77 10.81 -10.67
C TYR E 524 18.72 10.54 -11.74
N PHE E 525 19.04 10.95 -12.97
CA PHE E 525 18.28 10.55 -14.14
C PHE E 525 18.94 9.33 -14.77
N ILE E 526 18.18 8.25 -14.91
CA ILE E 526 18.69 6.99 -15.44
C ILE E 526 17.85 6.63 -16.66
N VAL E 527 18.53 6.43 -17.79
CA VAL E 527 17.88 6.10 -19.06
C VAL E 527 18.36 4.73 -19.51
N GLY E 528 17.43 3.87 -19.91
CA GLY E 528 17.77 2.57 -20.47
C GLY E 528 17.67 2.62 -21.98
N THR E 529 18.73 2.16 -22.64
CA THR E 529 18.86 2.27 -24.09
C THR E 529 19.12 0.90 -24.69
N ALA E 530 19.33 0.89 -26.01
CA ALA E 530 19.65 -0.33 -26.74
C ALA E 530 20.68 0.05 -27.81
N MET E 531 20.83 -0.82 -28.83
CA MET E 531 21.79 -0.57 -29.91
C MET E 531 21.21 -1.22 -31.17
N VAL E 532 20.25 -0.54 -31.78
CA VAL E 532 19.50 -1.09 -32.90
C VAL E 532 20.31 -0.94 -34.18
N TYR E 533 20.59 -2.07 -34.82
CA TYR E 533 21.15 -2.11 -36.17
C TYR E 533 20.14 -2.75 -37.12
N PRO E 534 20.20 -2.43 -38.41
CA PRO E 534 19.23 -3.00 -39.36
C PRO E 534 19.50 -4.45 -39.71
N GLU E 535 20.77 -4.83 -39.79
CA GLU E 535 21.10 -6.20 -40.20
C GLU E 535 20.78 -7.22 -39.12
N GLU E 536 20.80 -6.83 -37.85
CA GLU E 536 20.49 -7.71 -36.73
C GLU E 536 19.13 -7.36 -36.17
N ALA E 537 18.20 -8.30 -36.22
CA ALA E 537 16.83 -8.08 -35.74
C ALA E 537 16.70 -8.18 -34.23
N GLU E 538 17.67 -8.79 -33.54
CA GLU E 538 17.55 -8.88 -32.10
C GLU E 538 18.63 -8.09 -31.40
N PRO E 539 18.31 -7.41 -30.29
CA PRO E 539 19.32 -6.60 -29.58
C PRO E 539 20.27 -7.48 -28.78
N LYS E 540 21.56 -7.43 -29.12
CA LYS E 540 22.58 -8.20 -28.44
C LYS E 540 23.40 -7.38 -27.45
N GLN E 541 23.23 -6.06 -27.42
CA GLN E 541 23.98 -5.19 -26.54
C GLN E 541 23.10 -4.03 -26.13
N GLY E 542 23.66 -3.14 -25.32
CA GLY E 542 22.92 -2.00 -24.80
C GLY E 542 23.69 -1.32 -23.69
N ARG E 543 23.02 -0.36 -23.05
CA ARG E 543 23.66 0.42 -22.00
C ARG E 543 22.60 0.94 -21.03
N ILE E 544 23.03 1.12 -19.79
CA ILE E 544 22.23 1.78 -18.75
C ILE E 544 23.04 2.97 -18.26
N VAL E 545 22.60 4.17 -18.59
CA VAL E 545 23.36 5.40 -18.35
C VAL E 545 22.69 6.19 -17.23
N VAL E 546 23.50 6.68 -16.30
CA VAL E 546 23.04 7.51 -15.19
C VAL E 546 23.48 8.94 -15.44
N PHE E 547 22.60 9.90 -15.10
CA PHE E 547 22.85 11.30 -15.36
C PHE E 547 22.63 12.11 -14.09
N GLN E 548 23.26 13.29 -14.04
CA GLN E 548 23.16 14.17 -12.89
C GLN E 548 23.00 15.60 -13.38
N TYR E 549 21.90 16.24 -13.01
CA TYR E 549 21.61 17.63 -13.36
C TYR E 549 21.56 18.46 -12.08
N SER E 550 22.51 19.38 -11.92
CA SER E 550 22.53 20.26 -10.76
C SER E 550 23.12 21.62 -11.11
N ASP E 551 24.25 21.63 -11.81
CA ASP E 551 24.90 22.88 -12.22
C ASP E 551 24.44 23.36 -13.58
N GLY E 552 23.14 23.23 -13.87
CA GLY E 552 22.65 23.65 -15.17
C GLY E 552 23.13 22.81 -16.33
N LYS E 553 23.65 21.62 -16.07
CA LYS E 553 24.16 20.76 -17.13
C LYS E 553 24.11 19.31 -16.65
N LEU E 554 24.18 18.40 -17.63
CA LEU E 554 24.15 16.97 -17.36
C LEU E 554 25.54 16.43 -17.09
N GLN E 555 25.64 15.47 -16.17
CA GLN E 555 26.89 14.83 -15.80
C GLN E 555 26.80 13.35 -16.08
N THR E 556 27.83 12.80 -16.72
CA THR E 556 27.89 11.37 -17.04
C THR E 556 28.34 10.63 -15.78
N VAL E 557 27.36 10.20 -14.98
CA VAL E 557 27.64 9.53 -13.71
C VAL E 557 27.75 8.03 -13.93
N ALA E 558 28.73 7.61 -14.73
CA ALA E 558 29.08 6.21 -14.99
C ALA E 558 28.01 5.50 -15.81
N GLU E 559 28.45 4.74 -16.82
CA GLU E 559 27.58 3.94 -17.65
C GLU E 559 27.93 2.47 -17.52
N LYS E 560 26.91 1.61 -17.56
CA LYS E 560 27.08 0.16 -17.47
C LYS E 560 26.79 -0.46 -18.83
N GLU E 561 27.63 -1.41 -19.23
CA GLU E 561 27.49 -2.10 -20.51
C GLU E 561 26.76 -3.42 -20.27
N VAL E 562 25.51 -3.49 -20.72
CA VAL E 562 24.75 -4.74 -20.66
C VAL E 562 24.81 -5.42 -22.01
N LYS E 563 24.08 -6.53 -22.16
CA LYS E 563 24.05 -7.30 -23.40
C LYS E 563 22.60 -7.50 -23.85
N GLY E 564 21.92 -6.39 -24.07
CA GLY E 564 20.54 -6.44 -24.51
C GLY E 564 19.86 -5.10 -24.34
N ALA E 565 18.57 -5.08 -24.65
CA ALA E 565 17.75 -3.89 -24.55
C ALA E 565 17.23 -3.73 -23.12
N VAL E 566 17.19 -2.48 -22.66
CA VAL E 566 16.73 -2.16 -21.31
C VAL E 566 15.31 -1.62 -21.45
N TYR E 567 14.34 -2.52 -21.40
CA TYR E 567 12.95 -2.15 -21.69
C TYR E 567 12.36 -1.29 -20.56
N SER E 568 12.45 -1.77 -19.31
CA SER E 568 11.82 -1.07 -18.20
C SER E 568 12.77 -1.06 -17.01
N MET E 569 12.60 -0.04 -16.16
CA MET E 569 13.37 0.13 -14.94
C MET E 569 12.47 0.70 -13.85
N VAL E 570 12.68 0.26 -12.61
CA VAL E 570 11.88 0.70 -11.47
C VAL E 570 12.80 0.96 -10.29
N GLU E 571 12.33 1.82 -9.38
CA GLU E 571 13.01 2.06 -8.11
C GLU E 571 12.58 0.99 -7.12
N PHE E 572 13.47 0.07 -6.81
CA PHE E 572 13.18 -1.05 -5.90
C PHE E 572 13.98 -0.88 -4.61
N ASN E 573 13.61 0.14 -3.83
CA ASN E 573 14.22 0.43 -2.54
C ASN E 573 15.74 0.53 -2.63
N GLY E 574 16.24 1.68 -3.09
CA GLY E 574 17.67 1.90 -3.19
C GLY E 574 18.41 1.03 -4.18
N LYS E 575 17.72 0.16 -4.91
CA LYS E 575 18.34 -0.73 -5.88
C LYS E 575 17.62 -0.60 -7.21
N LEU E 576 18.40 -0.52 -8.28
CA LEU E 576 17.85 -0.34 -9.62
C LEU E 576 17.41 -1.69 -10.18
N LEU E 577 16.10 -1.88 -10.33
CA LEU E 577 15.55 -3.07 -10.95
C LEU E 577 15.46 -2.83 -12.46
N ALA E 578 16.06 -3.73 -13.23
CA ALA E 578 16.16 -3.55 -14.67
C ALA E 578 15.68 -4.80 -15.39
N SER E 579 15.33 -4.62 -16.66
CA SER E 579 14.87 -5.71 -17.53
C SER E 579 15.72 -5.70 -18.79
N ILE E 580 16.55 -6.72 -18.96
CA ILE E 580 17.40 -6.89 -20.13
C ILE E 580 16.83 -8.07 -20.91
N ASN E 581 16.09 -7.77 -21.97
CA ASN E 581 15.41 -8.80 -22.77
C ASN E 581 14.50 -9.63 -21.89
N SER E 582 14.97 -10.80 -21.47
CA SER E 582 14.24 -11.65 -20.55
C SER E 582 14.80 -11.61 -19.13
N THR E 583 16.07 -11.23 -18.97
CA THR E 583 16.73 -11.25 -17.67
C THR E 583 16.25 -10.08 -16.83
N VAL E 584 15.41 -10.37 -15.85
CA VAL E 584 15.12 -9.41 -14.78
C VAL E 584 16.30 -9.39 -13.83
N ARG E 585 16.77 -8.19 -13.50
CA ARG E 585 18.07 -8.05 -12.85
C ARG E 585 18.06 -6.86 -11.91
N LEU E 586 18.49 -7.09 -10.67
CA LEU E 586 18.58 -6.04 -9.66
C LEU E 586 20.01 -5.51 -9.60
N TYR E 587 20.15 -4.19 -9.68
CA TYR E 587 21.45 -3.54 -9.61
C TYR E 587 21.58 -2.78 -8.30
N GLU E 588 22.82 -2.74 -7.79
CA GLU E 588 23.12 -2.09 -6.52
C GLU E 588 24.09 -0.94 -6.80
N TRP E 589 23.71 0.27 -6.39
CA TRP E 589 24.55 1.44 -6.56
C TRP E 589 25.68 1.42 -5.54
N THR E 590 26.91 1.22 -6.01
CA THR E 590 28.08 1.19 -5.15
C THR E 590 28.65 2.60 -4.98
N THR E 591 29.51 2.74 -3.97
CA THR E 591 30.23 3.99 -3.74
C THR E 591 31.41 4.16 -4.70
N GLU E 592 31.73 3.16 -5.49
CA GLU E 592 32.81 3.23 -6.48
C GLU E 592 32.33 3.77 -7.82
N LYS E 593 31.24 4.54 -7.83
CA LYS E 593 30.67 5.12 -9.05
C LYS E 593 30.37 4.03 -10.09
N GLU E 594 29.69 2.99 -9.65
CA GLU E 594 29.29 1.90 -10.54
C GLU E 594 28.10 1.19 -9.94
N LEU E 595 27.50 0.32 -10.76
CA LEU E 595 26.36 -0.50 -10.37
C LEU E 595 26.80 -1.97 -10.38
N ARG E 596 26.42 -2.69 -9.34
CA ARG E 596 26.80 -4.10 -9.19
C ARG E 596 25.57 -4.98 -9.30
N THR E 597 25.76 -6.16 -9.90
CA THR E 597 24.66 -7.10 -10.10
C THR E 597 24.39 -7.84 -8.80
N GLU E 598 23.21 -7.61 -8.22
CA GLU E 598 22.83 -8.31 -7.00
C GLU E 598 22.40 -9.74 -7.33
N CYS E 599 21.26 -9.88 -8.01
CA CYS E 599 20.71 -11.19 -8.34
C CYS E 599 19.85 -11.07 -9.59
N ASN E 600 19.90 -12.10 -10.43
CA ASN E 600 19.12 -12.16 -11.66
C ASN E 600 18.08 -13.25 -11.53
N HIS E 601 16.89 -12.97 -12.05
CA HIS E 601 15.83 -13.98 -12.19
C HIS E 601 15.60 -14.13 -13.69
N TYR E 602 16.30 -15.08 -14.31
CA TYR E 602 16.16 -15.30 -15.74
C TYR E 602 14.74 -15.75 -16.07
N ASN E 603 14.31 -15.44 -17.29
CA ASN E 603 12.92 -15.67 -17.67
C ASN E 603 12.86 -16.19 -19.10
N ASN E 604 11.70 -16.73 -19.45
CA ASN E 604 11.44 -17.22 -20.80
C ASN E 604 10.77 -16.18 -21.68
N ILE E 605 9.97 -15.30 -21.10
CA ILE E 605 9.30 -14.25 -21.86
C ILE E 605 10.15 -12.98 -21.85
N MET E 606 9.88 -12.10 -22.80
CA MET E 606 10.59 -10.83 -22.87
C MET E 606 10.03 -9.86 -21.84
N ALA E 607 10.87 -9.44 -20.90
CA ALA E 607 10.44 -8.55 -19.82
C ALA E 607 10.27 -7.13 -20.37
N LEU E 608 9.10 -6.88 -20.95
CA LEU E 608 8.81 -5.55 -21.47
C LEU E 608 8.27 -4.63 -20.37
N TYR E 609 7.13 -4.99 -19.79
CA TYR E 609 6.55 -4.22 -18.70
C TYR E 609 7.12 -4.68 -17.36
N LEU E 610 7.16 -3.76 -16.41
CA LEU E 610 7.77 -4.03 -15.11
C LEU E 610 7.25 -3.02 -14.10
N LYS E 611 6.46 -3.49 -13.13
CA LYS E 611 5.91 -2.65 -12.08
C LYS E 611 6.11 -3.32 -10.73
N THR E 612 6.39 -2.52 -9.72
CA THR E 612 6.62 -3.01 -8.36
C THR E 612 5.62 -2.36 -7.39
N LYS E 613 5.47 -3.00 -6.23
CA LYS E 613 4.58 -2.53 -5.17
C LYS E 613 5.22 -2.90 -3.82
N GLY E 614 6.32 -2.23 -3.50
CA GLY E 614 7.04 -2.51 -2.27
C GLY E 614 8.09 -3.59 -2.46
N ASP E 615 7.72 -4.83 -2.18
CA ASP E 615 8.60 -5.97 -2.38
C ASP E 615 8.14 -6.92 -3.48
N PHE E 616 6.96 -6.70 -4.05
CA PHE E 616 6.47 -7.53 -5.13
C PHE E 616 7.02 -7.02 -6.47
N ILE E 617 6.90 -7.85 -7.50
CA ILE E 617 7.30 -7.50 -8.86
C ILE E 617 6.32 -8.12 -9.83
N LEU E 618 5.84 -7.32 -10.78
CA LEU E 618 4.89 -7.78 -11.79
C LEU E 618 5.54 -7.65 -13.16
N VAL E 619 5.94 -8.79 -13.73
CA VAL E 619 6.58 -8.83 -15.05
C VAL E 619 5.56 -9.27 -16.09
N GLY E 620 5.62 -8.67 -17.26
CA GLY E 620 4.74 -9.06 -18.35
C GLY E 620 5.40 -8.79 -19.69
N ASP E 621 4.93 -9.49 -20.71
CA ASP E 621 5.41 -9.34 -22.06
C ASP E 621 4.29 -8.79 -22.96
N LEU E 622 4.61 -8.66 -24.25
CA LEU E 622 3.65 -8.12 -25.19
C LEU E 622 2.44 -9.03 -25.41
N MET E 623 2.52 -10.29 -24.98
CA MET E 623 1.48 -11.27 -25.23
C MET E 623 0.74 -11.67 -23.95
N ARG E 624 0.44 -10.68 -23.10
CA ARG E 624 -0.43 -10.83 -21.92
C ARG E 624 0.08 -11.86 -20.93
N SER E 625 1.36 -12.24 -21.00
CA SER E 625 1.91 -13.24 -20.08
C SER E 625 2.29 -12.54 -18.79
N VAL E 626 1.35 -12.52 -17.84
CA VAL E 626 1.56 -11.89 -16.55
C VAL E 626 2.39 -12.81 -15.67
N LEU E 627 3.39 -12.24 -14.99
CA LEU E 627 4.35 -13.00 -14.19
C LEU E 627 4.64 -12.22 -12.91
N LEU E 628 4.19 -12.74 -11.78
CA LEU E 628 4.36 -12.08 -10.49
C LEU E 628 5.58 -12.67 -9.77
N LEU E 629 6.58 -11.82 -9.52
CA LEU E 629 7.78 -12.22 -8.81
C LEU E 629 7.76 -11.70 -7.38
N ALA E 630 8.86 -11.95 -6.66
CA ALA E 630 9.01 -11.50 -5.28
C ALA E 630 10.46 -11.60 -4.83
N TYR E 631 11.03 -10.49 -4.36
CA TYR E 631 12.44 -10.46 -3.95
C TYR E 631 12.55 -10.82 -2.48
N LYS E 632 13.21 -11.94 -2.20
CA LYS E 632 13.45 -12.37 -0.83
C LYS E 632 14.89 -12.10 -0.43
N PRO E 633 15.15 -11.22 0.55
CA PRO E 633 16.54 -10.92 0.92
C PRO E 633 17.29 -12.11 1.49
N MET E 634 16.64 -12.97 2.27
CA MET E 634 17.33 -14.10 2.89
C MET E 634 17.92 -15.02 1.83
N GLU E 635 17.15 -15.31 0.77
CA GLU E 635 17.70 -16.05 -0.36
C GLU E 635 18.60 -15.16 -1.21
N GLY E 636 18.36 -13.85 -1.18
CA GLY E 636 19.11 -12.94 -2.04
C GLY E 636 18.77 -13.13 -3.49
N ASN E 637 17.50 -13.40 -3.80
CA ASN E 637 17.06 -13.67 -5.16
C ASN E 637 15.55 -13.54 -5.23
N PHE E 638 15.06 -13.33 -6.45
CA PHE E 638 13.62 -13.29 -6.69
C PHE E 638 13.04 -14.69 -6.78
N GLU E 639 11.75 -14.81 -6.52
CA GLU E 639 11.05 -16.08 -6.61
C GLU E 639 9.64 -15.86 -7.16
N GLU E 640 9.27 -16.67 -8.14
CA GLU E 640 7.95 -16.54 -8.77
C GLU E 640 6.85 -16.93 -7.79
N ILE E 641 5.83 -16.09 -7.69
CA ILE E 641 4.73 -16.33 -6.77
C ILE E 641 3.50 -16.83 -7.54
N ALA E 642 3.34 -16.36 -8.77
CA ALA E 642 2.20 -16.74 -9.59
C ALA E 642 2.45 -16.28 -11.02
N ARG E 643 1.58 -16.73 -11.92
CA ARG E 643 1.62 -16.32 -13.32
C ARG E 643 0.26 -16.59 -13.95
N ASP E 644 0.06 -16.02 -15.13
CA ASP E 644 -1.21 -16.20 -15.86
C ASP E 644 -0.94 -15.85 -17.33
N PHE E 645 -0.59 -16.87 -18.11
CA PHE E 645 -0.39 -16.70 -19.53
C PHE E 645 -1.72 -16.89 -20.27
N ASN E 646 -1.97 -16.01 -21.24
CA ASN E 646 -3.17 -16.08 -22.05
C ASN E 646 -2.96 -15.30 -23.33
N PRO E 647 -2.24 -15.87 -24.32
CA PRO E 647 -1.81 -15.14 -25.51
C PRO E 647 -2.79 -14.10 -26.04
N ASN E 648 -2.49 -12.83 -25.79
CA ASN E 648 -3.26 -11.71 -26.31
C ASN E 648 -2.40 -10.46 -26.24
N TRP E 649 -2.65 -9.54 -27.17
CA TRP E 649 -1.83 -8.33 -27.26
C TRP E 649 -2.09 -7.43 -26.06
N MET E 650 -1.09 -7.26 -25.20
CA MET E 650 -1.18 -6.39 -24.04
C MET E 650 -0.47 -5.07 -24.34
N SER E 651 -1.16 -3.96 -24.08
CA SER E 651 -0.60 -2.63 -24.34
C SER E 651 0.05 -2.01 -23.11
N ALA E 652 -0.55 -2.18 -21.93
CA ALA E 652 0.01 -1.64 -20.70
C ALA E 652 -0.58 -2.39 -19.52
N VAL E 653 0.14 -2.36 -18.40
CA VAL E 653 -0.28 -3.07 -17.20
C VAL E 653 0.26 -2.31 -15.99
N GLU E 654 -0.53 -2.29 -14.91
CA GLU E 654 -0.17 -1.60 -13.68
C GLU E 654 -0.68 -2.43 -12.50
N ILE E 655 -0.19 -2.10 -11.31
CA ILE E 655 -0.50 -2.83 -10.09
C ILE E 655 -1.57 -2.06 -9.32
N LEU E 656 -2.75 -2.67 -9.18
CA LEU E 656 -3.81 -2.07 -8.38
C LEU E 656 -3.47 -2.09 -6.90
N ASP E 657 -3.20 -3.28 -6.37
CA ASP E 657 -2.79 -3.44 -4.98
C ASP E 657 -1.98 -4.73 -4.87
N ASP E 658 -1.85 -5.26 -3.65
CA ASP E 658 -1.01 -6.43 -3.43
C ASP E 658 -1.57 -7.67 -4.12
N ASP E 659 -2.87 -7.72 -4.36
CA ASP E 659 -3.51 -8.89 -4.97
C ASP E 659 -3.85 -8.66 -6.45
N ASN E 660 -4.75 -7.73 -6.73
CA ASN E 660 -5.24 -7.55 -8.08
C ASN E 660 -4.22 -6.80 -8.93
N PHE E 661 -4.36 -6.99 -10.25
CA PHE E 661 -3.53 -6.31 -11.24
C PHE E 661 -4.42 -5.89 -12.39
N LEU E 662 -4.05 -4.78 -13.05
CA LEU E 662 -4.87 -4.18 -14.09
C LEU E 662 -4.05 -4.05 -15.36
N GLY E 663 -4.67 -4.35 -16.49
CA GLY E 663 -4.02 -4.22 -17.78
C GLY E 663 -5.01 -4.03 -18.90
N ALA E 664 -4.50 -3.53 -20.02
CA ALA E 664 -5.26 -3.30 -21.24
C ALA E 664 -4.90 -4.34 -22.28
N GLU E 665 -5.88 -4.68 -23.12
CA GLU E 665 -5.77 -5.82 -24.03
C GLU E 665 -5.77 -5.31 -25.48
N ASN E 666 -5.88 -6.26 -26.42
CA ASN E 666 -5.85 -5.94 -27.84
C ASN E 666 -6.96 -5.01 -28.28
N ALA E 667 -8.17 -5.54 -28.47
CA ALA E 667 -9.28 -4.79 -29.03
C ALA E 667 -9.90 -3.83 -28.01
N PHE E 668 -9.05 -2.94 -27.50
CA PHE E 668 -9.45 -1.88 -26.58
C PHE E 668 -10.20 -2.44 -25.37
N ASN E 669 -9.58 -3.43 -24.73
CA ASN E 669 -10.19 -4.12 -23.60
C ASN E 669 -9.36 -3.88 -22.34
N LEU E 670 -9.98 -4.15 -21.19
CA LEU E 670 -9.33 -4.03 -19.90
C LEU E 670 -9.52 -5.32 -19.12
N PHE E 671 -8.42 -5.89 -18.64
CA PHE E 671 -8.47 -7.13 -17.88
C PHE E 671 -7.93 -6.90 -16.47
N VAL E 672 -8.39 -7.73 -15.54
CA VAL E 672 -7.95 -7.69 -14.14
C VAL E 672 -7.79 -9.12 -13.65
N CYS E 673 -6.55 -9.54 -13.42
CA CYS E 673 -6.26 -10.82 -12.79
C CYS E 673 -5.79 -10.58 -11.37
N GLN E 674 -5.96 -11.60 -10.53
CA GLN E 674 -5.60 -11.51 -9.12
C GLN E 674 -5.07 -12.86 -8.66
N LYS E 675 -4.73 -12.94 -7.38
CA LYS E 675 -4.31 -14.19 -6.76
C LYS E 675 -5.53 -14.88 -6.18
N ASP E 676 -5.48 -16.21 -6.13
CA ASP E 676 -6.67 -16.95 -5.76
C ASP E 676 -6.99 -16.79 -4.28
N SER E 677 -8.20 -17.17 -3.91
CA SER E 677 -8.66 -17.10 -2.53
C SER E 677 -8.33 -18.39 -1.78
N THR E 680 -6.68 -23.95 -2.71
CA THR E 680 -6.12 -24.83 -1.69
C THR E 680 -4.80 -25.44 -2.13
N THR E 681 -4.61 -25.51 -3.44
CA THR E 681 -3.40 -26.08 -4.02
C THR E 681 -2.36 -25.01 -4.30
N ASP E 682 -1.09 -25.39 -4.19
CA ASP E 682 -0.01 -24.49 -4.57
C ASP E 682 -0.04 -24.23 -6.07
N GLU E 683 -0.60 -25.15 -6.84
CA GLU E 683 -0.79 -24.96 -8.28
C GLU E 683 -2.00 -24.11 -8.59
N GLU E 684 -2.84 -23.84 -7.58
CA GLU E 684 -3.97 -22.93 -7.69
C GLU E 684 -3.63 -21.52 -7.26
N ARG E 685 -2.69 -21.35 -6.33
CA ARG E 685 -2.18 -20.05 -5.97
C ARG E 685 -1.15 -19.51 -6.96
N GLN E 686 -0.66 -20.34 -7.88
CA GLN E 686 0.29 -19.89 -8.89
C GLN E 686 -0.36 -19.66 -10.24
N HIS E 687 -1.70 -19.69 -10.30
CA HIS E 687 -2.46 -19.44 -11.52
C HIS E 687 -3.35 -18.24 -11.23
N LEU E 688 -2.97 -17.08 -11.73
CA LEU E 688 -3.72 -15.85 -11.47
C LEU E 688 -5.09 -15.93 -12.15
N GLN E 689 -6.15 -15.87 -11.34
CA GLN E 689 -7.50 -15.95 -11.86
C GLN E 689 -7.94 -14.60 -12.39
N GLU E 690 -8.56 -14.60 -13.57
CA GLU E 690 -9.06 -13.37 -14.16
C GLU E 690 -10.48 -13.10 -13.66
N VAL E 691 -10.71 -11.88 -13.20
CA VAL E 691 -12.00 -11.50 -12.63
C VAL E 691 -12.59 -10.26 -13.27
N GLY E 692 -11.81 -9.39 -13.87
CA GLY E 692 -12.34 -8.18 -14.49
C GLY E 692 -12.19 -8.19 -15.99
N LEU E 693 -13.31 -8.08 -16.70
CA LEU E 693 -13.33 -8.02 -18.16
C LEU E 693 -14.18 -6.82 -18.56
N PHE E 694 -13.59 -5.90 -19.33
CA PHE E 694 -14.27 -4.68 -19.70
C PHE E 694 -13.75 -4.18 -21.03
N HIS E 695 -14.67 -3.78 -21.91
CA HIS E 695 -14.32 -3.17 -23.19
C HIS E 695 -14.29 -1.65 -22.99
N LEU E 696 -13.10 -1.10 -22.78
CA LEU E 696 -12.98 0.33 -22.57
C LEU E 696 -13.38 1.11 -23.82
N GLY E 697 -12.79 0.75 -24.96
CA GLY E 697 -13.00 1.47 -26.20
C GLY E 697 -11.81 2.27 -26.66
N GLU E 698 -10.71 2.25 -25.91
CA GLU E 698 -9.51 3.00 -26.23
C GLU E 698 -8.29 2.12 -26.05
N PHE E 699 -7.20 2.51 -26.70
CA PHE E 699 -5.94 1.79 -26.64
C PHE E 699 -5.04 2.47 -25.61
N VAL E 700 -4.91 1.85 -24.44
CA VAL E 700 -4.18 2.44 -23.33
C VAL E 700 -2.69 2.21 -23.51
N ASN E 701 -1.92 3.29 -23.51
CA ASN E 701 -0.48 3.18 -23.69
C ASN E 701 0.31 3.27 -22.39
N VAL E 702 -0.27 3.83 -21.33
CA VAL E 702 0.45 3.96 -20.07
C VAL E 702 -0.56 4.17 -18.94
N PHE E 703 -0.34 3.45 -17.85
CA PHE E 703 -1.06 3.69 -16.59
C PHE E 703 -0.17 4.49 -15.66
N CYS E 704 -0.80 5.26 -14.77
CA CYS E 704 -0.05 6.07 -13.83
C CYS E 704 -0.84 6.22 -12.54
N HIS E 705 -0.11 6.27 -11.43
CA HIS E 705 -0.72 6.38 -10.11
C HIS E 705 -0.81 7.86 -9.72
N GLY E 706 -1.99 8.28 -9.31
CA GLY E 706 -2.20 9.65 -8.89
C GLY E 706 -3.62 10.10 -9.16
N SER E 707 -3.91 11.32 -8.70
CA SER E 707 -5.21 11.92 -8.88
C SER E 707 -5.04 13.43 -9.09
N LEU E 708 -6.15 14.09 -9.40
CA LEU E 708 -6.15 15.53 -9.63
C LEU E 708 -7.17 16.24 -8.75
N VAL E 709 -7.47 15.66 -7.58
CA VAL E 709 -8.46 16.24 -6.68
C VAL E 709 -7.83 16.47 -5.31
N MET E 710 -8.02 15.53 -4.40
CA MET E 710 -7.51 15.67 -3.04
C MET E 710 -6.69 14.45 -2.63
N PRO E 719 -15.24 5.83 1.12
CA PRO E 719 -15.68 5.65 -0.27
C PRO E 719 -14.82 4.66 -1.04
N THR E 720 -14.11 5.14 -2.05
CA THR E 720 -13.22 4.32 -2.85
C THR E 720 -11.77 4.51 -2.42
N GLN E 721 -10.91 3.60 -2.86
CA GLN E 721 -9.49 3.61 -2.54
C GLN E 721 -8.69 3.30 -3.80
N GLY E 722 -7.53 3.93 -3.93
CA GLY E 722 -6.68 3.73 -5.08
C GLY E 722 -7.08 4.56 -6.28
N SER E 723 -6.15 5.36 -6.79
CA SER E 723 -6.37 6.23 -7.94
C SER E 723 -5.34 5.91 -9.01
N VAL E 724 -5.80 5.34 -10.13
CA VAL E 724 -4.95 5.02 -11.27
C VAL E 724 -5.51 5.73 -12.50
N LEU E 725 -4.63 6.40 -13.24
CA LEU E 725 -5.00 7.10 -14.46
C LEU E 725 -4.31 6.44 -15.65
N PHE E 726 -4.91 6.60 -16.83
CA PHE E 726 -4.34 6.02 -18.04
C PHE E 726 -4.48 7.01 -19.20
N GLY E 727 -3.54 6.91 -20.13
CA GLY E 727 -3.54 7.74 -21.33
C GLY E 727 -3.62 6.90 -22.59
N THR E 728 -4.49 7.29 -23.51
CA THR E 728 -4.79 6.47 -24.68
C THR E 728 -4.23 7.12 -25.95
N VAL E 729 -4.53 6.49 -27.08
CA VAL E 729 -4.06 7.00 -28.37
C VAL E 729 -4.98 8.09 -28.88
N ASN E 730 -6.29 7.95 -28.64
CA ASN E 730 -7.27 8.94 -29.07
C ASN E 730 -7.35 10.12 -28.11
N GLY E 731 -6.40 10.27 -27.19
CA GLY E 731 -6.36 11.40 -26.29
C GLY E 731 -7.21 11.27 -25.06
N MET E 732 -8.08 10.28 -24.97
CA MET E 732 -8.97 10.14 -23.82
C MET E 732 -8.16 9.80 -22.57
N ILE E 733 -8.53 10.40 -21.45
CA ILE E 733 -7.94 10.13 -20.15
C ILE E 733 -9.05 9.67 -19.22
N GLY E 734 -8.79 8.57 -18.49
CA GLY E 734 -9.79 8.01 -17.61
C GLY E 734 -9.18 7.60 -16.29
N LEU E 735 -10.04 7.50 -15.28
CA LEU E 735 -9.64 7.15 -13.93
C LEU E 735 -10.22 5.79 -13.56
N VAL E 736 -9.38 4.95 -12.94
CA VAL E 736 -9.79 3.63 -12.48
C VAL E 736 -9.60 3.57 -10.99
N THR E 737 -10.69 3.30 -10.26
CA THR E 737 -10.66 3.17 -8.81
C THR E 737 -11.40 1.90 -8.41
N SER E 738 -11.16 1.46 -7.18
CA SER E 738 -11.75 0.24 -6.66
C SER E 738 -12.98 0.57 -5.82
N LEU E 739 -13.78 -0.45 -5.55
CA LEU E 739 -15.01 -0.28 -4.78
C LEU E 739 -15.18 -1.48 -3.85
N SER E 740 -15.95 -1.26 -2.78
CA SER E 740 -16.30 -2.33 -1.87
C SER E 740 -17.39 -3.21 -2.50
N GLU E 741 -17.54 -4.41 -1.92
CA GLU E 741 -18.53 -5.35 -2.43
C GLU E 741 -19.94 -4.82 -2.26
N SER E 742 -20.18 -3.98 -1.26
CA SER E 742 -21.52 -3.43 -1.04
C SER E 742 -21.90 -2.46 -2.16
N TRP E 743 -21.04 -1.48 -2.44
CA TRP E 743 -21.34 -0.50 -3.48
C TRP E 743 -21.37 -1.13 -4.87
N TYR E 744 -20.53 -2.14 -5.12
CA TYR E 744 -20.51 -2.76 -6.44
C TYR E 744 -21.84 -3.42 -6.78
N ASN E 745 -22.39 -4.19 -5.85
CA ASN E 745 -23.67 -4.86 -6.09
C ASN E 745 -24.80 -3.86 -6.29
N LEU E 746 -24.74 -2.71 -5.62
CA LEU E 746 -25.79 -1.71 -5.78
C LEU E 746 -25.65 -0.96 -7.10
N LEU E 747 -24.45 -0.49 -7.42
CA LEU E 747 -24.24 0.24 -8.68
C LEU E 747 -24.48 -0.64 -9.90
N LEU E 748 -24.13 -1.93 -9.80
CA LEU E 748 -24.37 -2.84 -10.92
C LEU E 748 -25.85 -3.03 -11.19
N ASP E 749 -26.68 -2.96 -10.14
CA ASP E 749 -28.13 -3.06 -10.33
C ASP E 749 -28.68 -1.84 -11.04
N MET E 750 -28.12 -0.65 -10.74
CA MET E 750 -28.59 0.57 -11.40
C MET E 750 -28.33 0.54 -12.90
N GLN E 751 -27.16 0.02 -13.31
CA GLN E 751 -26.83 -0.02 -14.74
C GLN E 751 -27.90 -0.74 -15.55
N ASN E 752 -28.41 -1.86 -15.05
CA ASN E 752 -29.46 -2.58 -15.77
C ASN E 752 -30.75 -1.76 -15.82
N ARG E 753 -31.04 -1.01 -14.75
CA ARG E 753 -32.22 -0.15 -14.76
C ARG E 753 -31.97 1.15 -15.52
N LEU E 754 -30.75 1.68 -15.43
CA LEU E 754 -30.42 2.90 -16.16
C LEU E 754 -30.57 2.72 -17.67
N ASN E 755 -30.20 1.55 -18.18
CA ASN E 755 -30.28 1.27 -19.60
C ASN E 755 -31.69 0.88 -20.06
N LYS E 756 -32.69 1.08 -19.19
CA LYS E 756 -34.09 0.88 -19.57
C LYS E 756 -34.80 2.19 -19.87
N VAL E 757 -34.25 3.33 -19.43
CA VAL E 757 -34.85 4.63 -19.67
C VAL E 757 -33.98 5.50 -20.57
N ILE E 758 -32.66 5.38 -20.44
CA ILE E 758 -31.76 6.18 -21.28
C ILE E 758 -31.84 5.71 -22.71
N LYS E 759 -32.10 6.64 -23.62
CA LYS E 759 -32.12 6.34 -25.04
C LYS E 759 -30.71 6.38 -25.60
N SER E 760 -30.35 5.37 -26.40
CA SER E 760 -29.04 5.33 -27.01
C SER E 760 -29.09 5.95 -28.41
N VAL E 761 -27.91 6.32 -28.91
CA VAL E 761 -27.84 7.00 -30.20
C VAL E 761 -28.29 6.06 -31.32
N GLY E 762 -27.55 4.98 -31.54
CA GLY E 762 -27.90 4.05 -32.59
C GLY E 762 -28.72 2.88 -32.10
N LYS E 763 -29.45 3.09 -31.00
CA LYS E 763 -30.23 2.04 -30.35
C LYS E 763 -29.37 0.80 -30.07
N ILE E 764 -28.26 1.04 -29.39
CA ILE E 764 -27.26 0.00 -29.10
C ILE E 764 -27.31 -0.31 -27.61
N GLU E 765 -27.47 -1.59 -27.28
CA GLU E 765 -27.45 -2.02 -25.89
C GLU E 765 -26.10 -1.71 -25.25
N HIS E 766 -26.13 -1.21 -24.01
CA HIS E 766 -24.90 -0.85 -23.33
C HIS E 766 -24.08 -2.09 -22.97
N SER E 767 -24.74 -3.14 -22.46
CA SER E 767 -24.03 -4.37 -22.12
C SER E 767 -23.30 -4.94 -23.32
N PHE E 768 -23.90 -4.87 -24.50
CA PHE E 768 -23.24 -5.33 -25.72
C PHE E 768 -21.99 -4.50 -26.01
N TRP E 769 -22.03 -3.21 -25.72
CA TRP E 769 -20.92 -2.32 -26.06
C TRP E 769 -19.73 -2.55 -25.13
N ARG E 770 -19.97 -2.69 -23.83
CA ARG E 770 -18.89 -2.90 -22.87
C ARG E 770 -18.43 -4.35 -22.81
N SER E 771 -19.08 -5.26 -23.54
CA SER E 771 -18.69 -6.67 -23.48
C SER E 771 -17.29 -6.87 -24.03
N PHE E 772 -16.54 -7.78 -23.40
CA PHE E 772 -15.19 -8.10 -23.84
C PHE E 772 -15.25 -8.68 -25.24
N HIS E 773 -14.73 -7.96 -26.22
CA HIS E 773 -14.79 -8.37 -27.61
C HIS E 773 -13.37 -8.52 -28.12
N THR E 774 -13.07 -9.67 -28.69
CA THR E 774 -11.81 -9.87 -29.39
C THR E 774 -12.06 -9.55 -30.84
N GLU E 775 -11.63 -10.42 -31.76
CA GLU E 775 -12.05 -10.27 -33.14
C GLU E 775 -13.26 -11.13 -33.48
N ARG E 776 -13.56 -12.12 -32.63
CA ARG E 776 -14.74 -12.97 -32.78
C ARG E 776 -15.39 -13.23 -31.43
N LYS E 777 -14.57 -13.52 -30.41
CA LYS E 777 -15.11 -13.88 -29.10
C LYS E 777 -15.75 -12.67 -28.42
N THR E 778 -16.92 -12.89 -27.85
CA THR E 778 -17.70 -11.82 -27.21
C THR E 778 -18.33 -12.37 -25.93
N GLU E 779 -17.79 -11.94 -24.80
CA GLU E 779 -18.27 -12.31 -23.48
C GLU E 779 -18.73 -11.04 -22.76
N PRO E 780 -19.85 -11.10 -22.05
CA PRO E 780 -20.33 -9.91 -21.34
C PRO E 780 -19.31 -9.44 -20.31
N ALA E 781 -19.31 -8.12 -20.08
CA ALA E 781 -18.35 -7.53 -19.16
C ALA E 781 -18.68 -7.93 -17.73
N THR E 782 -17.64 -7.96 -16.90
CA THR E 782 -17.79 -8.34 -15.50
C THR E 782 -16.58 -7.82 -14.73
N GLY E 783 -16.81 -7.45 -13.48
CA GLY E 783 -15.76 -6.92 -12.64
C GLY E 783 -15.50 -5.44 -12.78
N PHE E 784 -16.33 -4.73 -13.55
CA PHE E 784 -16.14 -3.31 -13.80
C PHE E 784 -17.49 -2.62 -13.81
N ILE E 785 -17.47 -1.32 -13.55
CA ILE E 785 -18.67 -0.49 -13.55
C ILE E 785 -18.39 0.76 -14.36
N ASP E 786 -19.26 1.05 -15.33
CA ASP E 786 -19.06 2.18 -16.22
C ASP E 786 -19.44 3.47 -15.50
N GLY E 787 -18.44 4.29 -15.18
CA GLY E 787 -18.72 5.55 -14.51
C GLY E 787 -19.51 6.52 -15.38
N ASP E 788 -19.27 6.50 -16.69
CA ASP E 788 -20.02 7.37 -17.60
C ASP E 788 -21.51 7.05 -17.59
N LEU E 789 -21.87 5.79 -17.33
CA LEU E 789 -23.27 5.44 -17.18
C LEU E 789 -23.82 5.78 -15.80
N ILE E 790 -22.95 5.85 -14.79
CA ILE E 790 -23.41 6.21 -13.45
C ILE E 790 -23.57 7.72 -13.33
N GLU E 791 -22.63 8.49 -13.86
CA GLU E 791 -22.71 9.94 -13.84
C GLU E 791 -23.68 10.51 -14.87
N SER E 792 -24.49 9.65 -15.51
CA SER E 792 -25.58 10.08 -16.37
C SER E 792 -26.92 10.03 -15.64
N PHE E 793 -26.89 9.74 -14.33
CA PHE E 793 -28.10 9.76 -13.51
C PHE E 793 -28.48 11.17 -13.10
N LEU E 794 -27.49 12.08 -13.04
CA LEU E 794 -27.77 13.48 -12.68
C LEU E 794 -28.39 14.24 -13.84
N ASP E 795 -28.07 13.88 -15.08
CA ASP E 795 -28.55 14.60 -16.26
C ASP E 795 -29.90 14.12 -16.75
N ILE E 796 -30.53 13.17 -16.06
CA ILE E 796 -31.84 12.68 -16.44
C ILE E 796 -32.90 13.41 -15.63
N SER E 797 -34.15 13.33 -16.09
CA SER E 797 -35.22 14.05 -15.44
C SER E 797 -35.70 13.29 -14.20
N ARG E 798 -36.55 13.95 -13.44
CA ARG E 798 -37.07 13.40 -12.18
C ARG E 798 -38.03 12.23 -12.40
N PRO E 799 -38.93 12.25 -13.39
CA PRO E 799 -39.81 11.08 -13.59
C PRO E 799 -39.07 9.75 -13.68
N LYS E 800 -37.89 9.74 -14.31
CA LYS E 800 -37.07 8.55 -14.40
C LYS E 800 -36.04 8.45 -13.28
N MET E 801 -35.78 9.54 -12.56
CA MET E 801 -34.83 9.49 -11.45
C MET E 801 -35.30 8.53 -10.36
N GLN E 802 -36.62 8.39 -10.19
CA GLN E 802 -37.17 7.46 -9.21
C GLN E 802 -37.60 6.14 -9.84
N GLU E 803 -37.77 6.10 -11.16
CA GLU E 803 -38.15 4.85 -11.82
C GLU E 803 -36.99 3.87 -11.82
N VAL E 804 -35.76 4.36 -12.01
CA VAL E 804 -34.60 3.49 -11.95
C VAL E 804 -34.33 3.08 -10.50
N VAL E 805 -34.35 4.05 -9.58
CA VAL E 805 -34.07 3.87 -8.16
C VAL E 805 -35.25 3.24 -7.44
N ALA E 806 -36.25 2.81 -8.19
CA ALA E 806 -37.45 2.20 -7.63
C ALA E 806 -37.17 0.79 -7.10
N ASN E 807 -37.78 0.50 -5.94
CA ASN E 807 -37.71 -0.79 -5.24
C ASN E 807 -36.26 -1.31 -5.16
N LEU E 808 -35.48 -0.62 -4.31
CA LEU E 808 -34.07 -0.99 -4.20
C LEU E 808 -33.55 -0.58 -2.83
N GLN E 809 -32.49 -1.26 -2.41
CA GLN E 809 -31.85 -0.98 -1.13
C GLN E 809 -30.37 -1.34 -1.26
N TYR E 810 -29.53 -0.52 -0.62
CA TYR E 810 -28.08 -0.71 -0.61
C TYR E 810 -27.61 -0.72 0.84
N ASP E 811 -27.58 -1.91 1.45
CA ASP E 811 -27.13 -2.05 2.83
C ASP E 811 -26.00 -3.07 2.95
N THR E 821 -34.42 6.03 -1.64
CA THR E 821 -34.96 7.23 -2.27
C THR E 821 -34.05 7.72 -3.39
N ALA E 822 -34.44 8.85 -3.99
CA ALA E 822 -33.66 9.42 -5.09
C ALA E 822 -32.44 10.17 -4.57
N ASP E 823 -32.64 11.03 -3.57
CA ASP E 823 -31.51 11.79 -3.03
C ASP E 823 -30.42 10.90 -2.48
N ASP E 824 -30.78 9.71 -1.97
CA ASP E 824 -29.77 8.75 -1.53
C ASP E 824 -28.86 8.35 -2.70
N LEU E 825 -29.46 8.09 -3.86
CA LEU E 825 -28.68 7.75 -5.05
C LEU E 825 -27.99 8.97 -5.63
N ILE E 826 -28.61 10.15 -5.51
CA ILE E 826 -28.02 11.38 -6.04
C ILE E 826 -26.67 11.64 -5.37
N LYS E 827 -26.62 11.50 -4.05
CA LYS E 827 -25.36 11.68 -3.33
C LYS E 827 -24.31 10.68 -3.80
N VAL E 828 -24.73 9.42 -4.05
CA VAL E 828 -23.80 8.39 -4.49
C VAL E 828 -23.18 8.78 -5.82
N VAL E 829 -24.01 9.13 -6.81
CA VAL E 829 -23.49 9.50 -8.12
C VAL E 829 -22.62 10.74 -8.01
N GLU E 830 -23.02 11.70 -7.17
CA GLU E 830 -22.22 12.91 -6.95
C GLU E 830 -20.87 12.57 -6.36
N GLU E 831 -20.83 11.63 -5.40
CA GLU E 831 -19.58 11.24 -4.76
C GLU E 831 -18.58 10.70 -5.76
N LEU E 832 -19.04 9.92 -6.73
CA LEU E 832 -18.12 9.36 -7.72
C LEU E 832 -17.48 10.46 -8.56
N THR E 833 -18.21 11.56 -8.82
CA THR E 833 -17.63 12.66 -9.58
C THR E 833 -16.45 13.29 -8.86
N ARG E 834 -16.43 13.20 -7.53
CA ARG E 834 -15.35 13.80 -6.75
C ARG E 834 -14.00 13.17 -7.07
N ILE E 835 -14.00 11.92 -7.50
CA ILE E 835 -12.74 11.23 -7.85
C ILE E 835 -12.14 11.82 -9.11
N LYS F 13 3.90 -67.11 -29.33
CA LYS F 13 5.25 -67.62 -29.17
C LYS F 13 5.81 -68.09 -30.52
N HIS F 14 6.61 -69.16 -30.47
CA HIS F 14 7.24 -69.74 -31.66
C HIS F 14 8.12 -68.72 -32.37
N LYS F 15 8.80 -67.87 -31.60
CA LYS F 15 9.57 -66.75 -32.12
C LYS F 15 11.04 -67.10 -32.30
N CYS F 16 11.66 -66.46 -33.29
CA CYS F 16 13.09 -66.63 -33.52
C CYS F 16 13.88 -65.99 -32.39
N LYS F 17 15.09 -66.51 -32.16
CA LYS F 17 15.92 -66.10 -31.04
C LYS F 17 17.20 -65.40 -31.52
N TYR F 18 17.16 -64.80 -32.70
CA TYR F 18 18.30 -64.05 -33.21
C TYR F 18 17.87 -62.65 -33.59
N CYS F 19 17.26 -62.52 -34.78
CA CYS F 19 16.67 -61.26 -35.22
C CYS F 19 15.34 -60.97 -34.54
N SER F 20 14.83 -61.90 -33.73
CA SER F 20 13.58 -61.73 -32.99
C SER F 20 12.37 -61.68 -33.92
N LYS F 21 12.48 -62.28 -35.10
CA LYS F 21 11.34 -62.39 -35.99
C LYS F 21 10.37 -63.44 -35.47
N VAL F 22 9.08 -63.15 -35.56
CA VAL F 22 8.05 -64.03 -35.03
C VAL F 22 7.43 -64.84 -36.16
N PHE F 23 7.16 -66.12 -35.89
CA PHE F 23 6.55 -67.01 -36.86
C PHE F 23 5.28 -67.62 -36.28
N GLY F 24 4.36 -68.00 -37.17
CA GLY F 24 3.09 -68.54 -36.75
C GLY F 24 3.15 -69.99 -36.31
N THR F 25 4.11 -70.74 -36.83
CA THR F 25 4.24 -72.16 -36.53
C THR F 25 5.66 -72.47 -36.06
N ASP F 26 5.79 -73.58 -35.32
CA ASP F 26 7.09 -74.03 -34.89
C ASP F 26 7.91 -74.61 -36.04
N SER F 27 7.26 -74.99 -37.14
CA SER F 27 7.96 -75.53 -38.30
C SER F 27 8.64 -74.43 -39.10
N SER F 28 7.87 -73.42 -39.53
CA SER F 28 8.43 -72.29 -40.26
C SER F 28 9.48 -71.54 -39.46
N LEU F 29 9.47 -71.68 -38.13
CA LEU F 29 10.51 -71.08 -37.31
C LEU F 29 11.87 -71.71 -37.61
N GLN F 30 11.95 -73.04 -37.53
CA GLN F 30 13.21 -73.74 -37.79
C GLN F 30 13.64 -73.69 -39.25
N ILE F 31 12.70 -73.47 -40.19
CA ILE F 31 13.08 -73.33 -41.59
C ILE F 31 13.91 -72.06 -41.80
N HIS F 32 13.55 -70.98 -41.10
CA HIS F 32 14.29 -69.72 -41.23
C HIS F 32 15.52 -69.68 -40.32
N LEU F 33 15.46 -70.35 -39.16
CA LEU F 33 16.47 -70.19 -38.13
C LEU F 33 17.88 -70.44 -38.65
N ARG F 34 18.03 -71.44 -39.52
CA ARG F 34 19.35 -71.83 -40.02
C ARG F 34 19.82 -70.90 -41.15
N SER F 35 19.93 -69.62 -40.81
CA SER F 35 20.45 -68.63 -41.76
C SER F 35 21.36 -67.58 -41.13
N HIS F 36 21.15 -67.17 -39.88
CA HIS F 36 22.06 -66.27 -39.19
C HIS F 36 23.19 -67.12 -38.62
N THR F 37 24.23 -67.37 -39.43
CA THR F 37 25.35 -68.19 -39.00
C THR F 37 26.65 -67.54 -39.48
N GLY F 38 27.35 -66.87 -38.57
CA GLY F 38 28.63 -66.26 -38.88
C GLY F 38 29.45 -65.87 -37.66
N GLU F 39 29.38 -66.68 -36.61
CA GLU F 39 30.08 -66.46 -35.35
C GLU F 39 29.68 -65.15 -34.66
N ARG F 40 28.60 -64.52 -35.11
CA ARG F 40 28.07 -63.29 -34.51
C ARG F 40 26.66 -63.06 -35.06
N PRO F 41 25.65 -63.74 -34.50
CA PRO F 41 24.32 -63.71 -35.11
C PRO F 41 23.31 -62.78 -34.44
N PHE F 42 23.39 -62.63 -33.12
CA PHE F 42 22.36 -61.92 -32.36
C PHE F 42 22.28 -60.45 -32.77
N VAL F 43 21.29 -60.11 -33.59
CA VAL F 43 21.10 -58.74 -34.07
C VAL F 43 20.06 -58.07 -33.19
N CYS F 44 20.38 -56.86 -32.72
CA CYS F 44 19.42 -56.09 -31.93
C CYS F 44 18.27 -55.63 -32.83
N SER F 45 17.05 -55.77 -32.34
CA SER F 45 15.85 -55.42 -33.08
C SER F 45 15.58 -53.92 -33.12
N VAL F 46 16.60 -53.08 -32.88
CA VAL F 46 16.41 -51.64 -32.86
C VAL F 46 17.48 -50.94 -33.69
N CYS F 47 18.75 -51.29 -33.49
CA CYS F 47 19.84 -50.62 -34.18
C CYS F 47 20.65 -51.53 -35.10
N GLY F 48 20.24 -52.79 -35.26
CA GLY F 48 20.97 -53.69 -36.13
C GLY F 48 22.38 -53.98 -35.67
N HIS F 49 22.65 -53.87 -34.37
CA HIS F 49 23.98 -54.14 -33.84
C HIS F 49 24.25 -55.64 -33.84
N ARG F 50 25.52 -55.99 -34.06
CA ARG F 50 25.94 -57.38 -34.16
C ARG F 50 26.61 -57.81 -32.85
N PHE F 51 26.01 -58.78 -32.17
CA PHE F 51 26.54 -59.33 -30.94
C PHE F 51 26.93 -60.79 -31.15
N THR F 52 27.77 -61.29 -30.25
CA THR F 52 28.27 -62.66 -30.36
C THR F 52 27.42 -63.66 -29.58
N THR F 53 27.15 -63.36 -28.31
CA THR F 53 26.36 -64.24 -27.45
C THR F 53 25.00 -63.61 -27.19
N LYS F 54 24.05 -64.45 -26.76
CA LYS F 54 22.72 -63.94 -26.46
C LYS F 54 22.72 -63.02 -25.25
N GLY F 55 23.68 -63.20 -24.34
CA GLY F 55 23.79 -62.30 -23.21
C GLY F 55 24.23 -60.90 -23.59
N ASN F 56 25.01 -60.78 -24.67
CA ASN F 56 25.45 -59.45 -25.12
C ASN F 56 24.29 -58.66 -25.70
N LEU F 57 23.47 -59.30 -26.54
CA LEU F 57 22.33 -58.59 -27.12
C LEU F 57 21.31 -58.24 -26.05
N LYS F 58 21.10 -59.14 -25.08
CA LYS F 58 20.10 -58.93 -24.05
C LYS F 58 20.40 -57.71 -23.18
N VAL F 59 21.68 -57.33 -23.05
CA VAL F 59 22.05 -56.17 -22.24
C VAL F 59 21.83 -54.89 -23.03
N HIS F 60 22.47 -54.81 -24.18
CA HIS F 60 22.28 -53.74 -25.18
C HIS F 60 20.83 -53.34 -25.35
N PHE F 61 19.93 -54.33 -25.42
CA PHE F 61 18.52 -54.07 -25.63
C PHE F 61 17.95 -53.17 -24.55
N HIS F 62 18.39 -53.34 -23.31
CA HIS F 62 17.89 -52.54 -22.20
C HIS F 62 18.69 -51.26 -21.94
N ARG F 63 19.81 -51.05 -22.63
CA ARG F 63 20.53 -49.78 -22.50
C ARG F 63 19.99 -48.68 -23.41
N HIS F 64 18.93 -48.93 -24.16
CA HIS F 64 18.38 -47.93 -25.06
C HIS F 64 16.94 -48.32 -25.38
N PRO F 65 16.09 -47.34 -25.84
CA PRO F 65 14.64 -47.55 -25.92
C PRO F 65 14.05 -48.70 -25.14
N GLN F 66 13.65 -48.41 -23.90
CA GLN F 66 13.09 -49.47 -23.01
C GLN F 66 11.65 -49.83 -23.41
N VAL F 67 10.86 -50.28 -22.44
CA VAL F 67 9.46 -50.71 -22.73
C VAL F 67 8.57 -50.37 -21.53
N LYS F 68 7.37 -49.82 -21.77
CA LYS F 68 6.42 -49.52 -20.65
C LYS F 68 5.82 -50.84 -20.16
ZN ZN G . 25.88 -27.48 34.94
C1 Y70 H . 10.53 -42.90 29.60
C2 Y70 H . 10.70 -42.25 30.81
C3 Y70 H . 10.69 -40.86 30.87
C4 Y70 H . 10.50 -40.15 29.69
C5 Y70 H . 10.32 -40.78 28.48
C6 Y70 H . 10.34 -42.19 28.41
C7 Y70 H . 10.41 -38.68 29.46
N8 Y70 H . 10.17 -38.51 28.10
C9 Y70 H . 10.12 -39.73 27.43
N10 Y70 H . 10.16 -42.87 27.22
O11 Y70 H . 9.95 -39.87 26.23
C12 Y70 H . 9.92 -37.21 27.50
O13 Y70 H . 10.54 -37.77 30.27
C14 Y70 H . 11.14 -36.52 26.85
C15 Y70 H . 8.68 -37.19 26.63
N16 Y70 H . 8.84 -36.97 25.29
C17 Y70 H . 10.01 -36.81 24.61
C18 Y70 H . 11.28 -36.95 25.40
O19 Y70 H . 7.57 -37.37 27.12
O20 Y70 H . 10.02 -36.56 23.41
ZN ZN I . 8.53 -51.20 33.70
ZN ZN J . 16.52 -38.01 35.09
ZN ZN K . 27.52 -40.83 -24.47
C1 Y70 L . 17.95 -55.84 -38.53
C2 Y70 L . 17.55 -55.42 -37.27
C3 Y70 L . 17.35 -54.09 -36.99
C4 Y70 L . 17.53 -53.15 -38.00
C5 Y70 L . 17.92 -53.53 -39.28
C6 Y70 L . 18.14 -54.90 -39.57
C7 Y70 L . 17.34 -51.68 -37.99
N8 Y70 L . 17.63 -51.24 -39.30
C9 Y70 L . 18.00 -52.31 -40.13
N10 Y70 L . 18.53 -55.32 -40.81
O11 Y70 L . 18.33 -52.21 -41.29
C12 Y70 L . 17.48 -49.86 -39.71
O13 Y70 L . 17.01 -50.95 -37.08
C14 Y70 L . 18.77 -49.02 -39.70
C15 Y70 L . 16.66 -49.69 -40.98
N16 Y70 L . 17.29 -49.19 -42.09
C17 Y70 L . 18.61 -48.87 -42.22
C18 Y70 L . 19.49 -49.14 -41.03
O19 Y70 L . 15.47 -49.99 -41.01
O20 Y70 L . 19.04 -48.38 -43.26
ZN ZN M . 15.93 -65.05 -37.37
ZN ZN N . 20.26 -51.83 -30.14
#